data_7XIE
# 
_entry.id   7XIE 
# 
_audit_conform.dict_name       mmcif_pdbx.dic 
_audit_conform.dict_version    5.380 
_audit_conform.dict_location   http://mmcif.pdb.org/dictionaries/ascii/mmcif_pdbx.dic 
# 
loop_
_database_2.database_id 
_database_2.database_code 
_database_2.pdbx_database_accession 
_database_2.pdbx_DOI 
PDB   7XIE         pdb_00007xie 10.2210/pdb7xie/pdb 
WWPDB D_1300028831 ?            ?                   
# 
_pdbx_database_status.status_code                     REL 
_pdbx_database_status.status_code_sf                  REL 
_pdbx_database_status.status_code_mr                  ? 
_pdbx_database_status.entry_id                        7XIE 
_pdbx_database_status.recvd_initial_deposition_date   2022-04-13 
_pdbx_database_status.SG_entry                        N 
_pdbx_database_status.deposit_site                    PDBJ 
_pdbx_database_status.process_site                    PDBJ 
_pdbx_database_status.status_code_cs                  ? 
_pdbx_database_status.status_code_nmr_data            ? 
_pdbx_database_status.methods_development_category    ? 
_pdbx_database_status.pdb_format_compatible           Y 
# 
loop_
_audit_author.name 
_audit_author.pdbx_ordinal 
_audit_author.identifier_ORCID 
'Ngo, K.H.'      1 0000-0001-5125-1270 
'Liew, C.W.'     2 0000-0002-4343-818X 
'Lattmann, S.'   3 0000-0002-4639-4602 
'Winnerdy, F.R.' 4 0000-0002-5010-4719 
'Phan, A.T.'     5 0000-0002-4970-3861 
# 
_citation.abstract                  ? 
_citation.abstract_id_CAS           ? 
_citation.book_id_ISBN              ? 
_citation.book_publisher            ? 
_citation.book_publisher_city       ? 
_citation.book_title                ? 
_citation.coordinate_linkage        ? 
_citation.country                   US 
_citation.database_id_Medline       ? 
_citation.details                   ? 
_citation.id                        primary 
_citation.journal_abbrev            Biochem.Biophys.Res.Commun. 
_citation.journal_id_ASTM           BBRCA9 
_citation.journal_id_CSD            0146 
_citation.journal_id_ISSN           1090-2104 
_citation.journal_full              ? 
_citation.journal_issue             ? 
_citation.journal_volume            613 
_citation.language                  ? 
_citation.page_first                153 
_citation.page_last                 158 
_citation.title                     
;Crystal structures of an HIV-1 integrase aptamer: Formation of a water-mediated A&#8226;G&#8226;G&#8226;G&#8226;G pentad in an interlocked G-quadruplex.
;
_citation.year                      2022 
_citation.database_id_CSD           ? 
_citation.pdbx_database_id_DOI      10.1016/j.bbrc.2022.04.020 
_citation.pdbx_database_id_PubMed   35561583 
_citation.pdbx_database_id_patent   ? 
_citation.unpublished_flag          ? 
# 
loop_
_citation_author.citation_id 
_citation_author.name 
_citation_author.ordinal 
_citation_author.identifier_ORCID 
primary 'Ngo, K.H.'      1 ? 
primary 'Liew, C.W.'     2 ? 
primary 'Lattmann, S.'   3 ? 
primary 'Winnerdy, F.R.' 4 ? 
primary 'Phan, A.T.'     5 ? 
# 
_cell.angle_alpha                  63.689 
_cell.angle_alpha_esd              ? 
_cell.angle_beta                   78.160 
_cell.angle_beta_esd               ? 
_cell.angle_gamma                  78.185 
_cell.angle_gamma_esd              ? 
_cell.entry_id                     7XIE 
_cell.details                      ? 
_cell.formula_units_Z              ? 
_cell.length_a                     26.577 
_cell.length_a_esd                 ? 
_cell.length_b                     29.628 
_cell.length_b_esd                 ? 
_cell.length_c                     29.584 
_cell.length_c_esd                 ? 
_cell.volume                       20264.830 
_cell.volume_esd                   ? 
_cell.Z_PDB                        2 
_cell.reciprocal_angle_alpha       ? 
_cell.reciprocal_angle_beta        ? 
_cell.reciprocal_angle_gamma       ? 
_cell.reciprocal_angle_alpha_esd   ? 
_cell.reciprocal_angle_beta_esd    ? 
_cell.reciprocal_angle_gamma_esd   ? 
_cell.reciprocal_length_a          ? 
_cell.reciprocal_length_b          ? 
_cell.reciprocal_length_c          ? 
_cell.reciprocal_length_a_esd      ? 
_cell.reciprocal_length_b_esd      ? 
_cell.reciprocal_length_c_esd      ? 
_cell.pdbx_unique_axis             ? 
# 
_symmetry.entry_id                         7XIE 
_symmetry.cell_setting                     ? 
_symmetry.Int_Tables_number                1 
_symmetry.space_group_name_Hall            'P 1' 
_symmetry.space_group_name_H-M             'P 1' 
_symmetry.pdbx_full_space_group_name_H-M   ? 
# 
loop_
_entity.id 
_entity.type 
_entity.src_method 
_entity.pdbx_description 
_entity.formula_weight 
_entity.pdbx_number_of_molecules 
_entity.pdbx_ec 
_entity.pdbx_mutation 
_entity.pdbx_fragment 
_entity.details 
1 polymer     syn 
;DNA (5'-D(*GP*GP*GP*GP*TP*GP*GP*GP*GP*GP*GP*TP*GP*GP*GP*T)-3')
;
5147.296 2  ? ? ? ? 
2 non-polymer syn 'POTASSIUM ION'                                                  39.098   7  ? ? ? ? 
3 water       nat water                                                            18.015   37 ? ? ? ? 
# 
_entity_poly.entity_id                      1 
_entity_poly.type                           polydeoxyribonucleotide 
_entity_poly.nstd_linkage                   no 
_entity_poly.nstd_monomer                   no 
_entity_poly.pdbx_seq_one_letter_code       '(DG)(DG)(DG)(DG)(DT)(DG)(DG)(DG)(DG)(DG)(DG)(DT)(DG)(DG)(DG)(DT)' 
_entity_poly.pdbx_seq_one_letter_code_can   GGGGTGGGGGGTGGGT 
_entity_poly.pdbx_strand_id                 A,B 
_entity_poly.pdbx_target_identifier         ? 
# 
loop_
_entity_poly_seq.entity_id 
_entity_poly_seq.num 
_entity_poly_seq.mon_id 
_entity_poly_seq.hetero 
1 1  DG n 
1 2  DG n 
1 3  DG n 
1 4  DG n 
1 5  DT n 
1 6  DG n 
1 7  DG n 
1 8  DG n 
1 9  DG n 
1 10 DG n 
1 11 DG n 
1 12 DT n 
1 13 DG n 
1 14 DG n 
1 15 DG n 
1 16 DT n 
# 
_pdbx_entity_src_syn.entity_id              1 
_pdbx_entity_src_syn.pdbx_src_id            1 
_pdbx_entity_src_syn.pdbx_alt_source_flag   sample 
_pdbx_entity_src_syn.pdbx_beg_seq_num       1 
_pdbx_entity_src_syn.pdbx_end_seq_num       16 
_pdbx_entity_src_syn.organism_scientific    'synthetic construct' 
_pdbx_entity_src_syn.organism_common_name   ? 
_pdbx_entity_src_syn.ncbi_taxonomy_id       32630 
_pdbx_entity_src_syn.details                ? 
# 
_struct_ref.id                         1 
_struct_ref.db_name                    PDB 
_struct_ref.db_code                    7XIE 
_struct_ref.pdbx_db_accession          7XIE 
_struct_ref.pdbx_db_isoform            ? 
_struct_ref.entity_id                  1 
_struct_ref.pdbx_seq_one_letter_code   ? 
_struct_ref.pdbx_align_begin           1 
# 
loop_
_struct_ref_seq.align_id 
_struct_ref_seq.ref_id 
_struct_ref_seq.pdbx_PDB_id_code 
_struct_ref_seq.pdbx_strand_id 
_struct_ref_seq.seq_align_beg 
_struct_ref_seq.pdbx_seq_align_beg_ins_code 
_struct_ref_seq.seq_align_end 
_struct_ref_seq.pdbx_seq_align_end_ins_code 
_struct_ref_seq.pdbx_db_accession 
_struct_ref_seq.db_align_beg 
_struct_ref_seq.pdbx_db_align_beg_ins_code 
_struct_ref_seq.db_align_end 
_struct_ref_seq.pdbx_db_align_end_ins_code 
_struct_ref_seq.pdbx_auth_seq_align_beg 
_struct_ref_seq.pdbx_auth_seq_align_end 
1 1 7XIE A 1 ? 16 ? 7XIE 1 ? 16 ? 1 16 
2 1 7XIE B 1 ? 16 ? 7XIE 1 ? 16 ? 1 16 
# 
loop_
_chem_comp.id 
_chem_comp.type 
_chem_comp.mon_nstd_flag 
_chem_comp.name 
_chem_comp.pdbx_synonyms 
_chem_comp.formula 
_chem_comp.formula_weight 
DG  'DNA linking' y "2'-DEOXYGUANOSINE-5'-MONOPHOSPHATE" ? 'C10 H14 N5 O7 P' 347.221 
DT  'DNA linking' y "THYMIDINE-5'-MONOPHOSPHATE"         ? 'C10 H15 N2 O8 P' 322.208 
HOH non-polymer   . WATER                                ? 'H2 O'            18.015  
K   non-polymer   . 'POTASSIUM ION'                      ? 'K 1'             39.098  
# 
_exptl.absorpt_coefficient_mu     ? 
_exptl.absorpt_correction_T_max   ? 
_exptl.absorpt_correction_T_min   ? 
_exptl.absorpt_correction_type    ? 
_exptl.absorpt_process_details    ? 
_exptl.entry_id                   7XIE 
_exptl.crystals_number            1 
_exptl.details                    ? 
_exptl.method                     'X-RAY DIFFRACTION' 
_exptl.method_details             ? 
# 
_exptl_crystal.colour                      ? 
_exptl_crystal.density_diffrn              ? 
_exptl_crystal.density_Matthews            1.97 
_exptl_crystal.density_method              ? 
_exptl_crystal.density_percent_sol         37.55 
_exptl_crystal.description                 ? 
_exptl_crystal.F_000                       ? 
_exptl_crystal.id                          1 
_exptl_crystal.preparation                 ? 
_exptl_crystal.size_max                    ? 
_exptl_crystal.size_mid                    ? 
_exptl_crystal.size_min                    ? 
_exptl_crystal.size_rad                    ? 
_exptl_crystal.colour_lustre               ? 
_exptl_crystal.colour_modifier             ? 
_exptl_crystal.colour_primary              ? 
_exptl_crystal.density_meas                ? 
_exptl_crystal.density_meas_esd            ? 
_exptl_crystal.density_meas_gt             ? 
_exptl_crystal.density_meas_lt             ? 
_exptl_crystal.density_meas_temp           ? 
_exptl_crystal.density_meas_temp_esd       ? 
_exptl_crystal.density_meas_temp_gt        ? 
_exptl_crystal.density_meas_temp_lt        ? 
_exptl_crystal.pdbx_crystal_image_url      ? 
_exptl_crystal.pdbx_crystal_image_format   ? 
_exptl_crystal.pdbx_mosaicity              ? 
_exptl_crystal.pdbx_mosaicity_esd          ? 
# 
_exptl_crystal_grow.apparatus       ? 
_exptl_crystal_grow.atmosphere      ? 
_exptl_crystal_grow.crystal_id      1 
_exptl_crystal_grow.details         ? 
_exptl_crystal_grow.method          'VAPOR DIFFUSION, SITTING DROP' 
_exptl_crystal_grow.method_ref      ? 
_exptl_crystal_grow.pH              ? 
_exptl_crystal_grow.pressure        ? 
_exptl_crystal_grow.pressure_esd    ? 
_exptl_crystal_grow.seeding         ? 
_exptl_crystal_grow.seeding_ref     ? 
_exptl_crystal_grow.temp            293 
_exptl_crystal_grow.temp_details    ? 
_exptl_crystal_grow.temp_esd        ? 
_exptl_crystal_grow.time            ? 
_exptl_crystal_grow.pdbx_details    
;0.08 M Potassium chloride, 0.02 M Barium chloride dihydrate, 0.04 M Sodium cacodylate trihydrate pH 7.0, 40% v/v (+/-)-2-Methyl-2,4-pentanediol, 0.012 M Spermine tetrahydrochloride
;
_exptl_crystal_grow.pdbx_pH_range   ? 
# 
_diffrn.ambient_environment              ? 
_diffrn.ambient_temp                     90 
_diffrn.ambient_temp_details             ? 
_diffrn.ambient_temp_esd                 ? 
_diffrn.crystal_id                       1 
_diffrn.crystal_support                  ? 
_diffrn.crystal_treatment                ? 
_diffrn.details                          ? 
_diffrn.id                               1 
_diffrn.ambient_pressure                 ? 
_diffrn.ambient_pressure_esd             ? 
_diffrn.ambient_pressure_gt              ? 
_diffrn.ambient_pressure_lt              ? 
_diffrn.ambient_temp_gt                  ? 
_diffrn.ambient_temp_lt                  ? 
_diffrn.pdbx_serial_crystal_experiment   N 
# 
_diffrn_detector.details                      ? 
_diffrn_detector.detector                     PIXEL 
_diffrn_detector.diffrn_id                    1 
_diffrn_detector.type                         'DECTRIS EIGER X 16M' 
_diffrn_detector.area_resol_mean              ? 
_diffrn_detector.dtime                        ? 
_diffrn_detector.pdbx_frames_total            ? 
_diffrn_detector.pdbx_collection_time_total   ? 
_diffrn_detector.pdbx_collection_date         2022-03-19 
_diffrn_detector.pdbx_frequency               ? 
# 
_diffrn_radiation.collimation                      ? 
_diffrn_radiation.diffrn_id                        1 
_diffrn_radiation.filter_edge                      ? 
_diffrn_radiation.inhomogeneity                    ? 
_diffrn_radiation.monochromator                    ? 
_diffrn_radiation.polarisn_norm                    ? 
_diffrn_radiation.polarisn_ratio                   ? 
_diffrn_radiation.probe                            ? 
_diffrn_radiation.type                             ? 
_diffrn_radiation.xray_symbol                      ? 
_diffrn_radiation.wavelength_id                    1 
_diffrn_radiation.pdbx_monochromatic_or_laue_m_l   M 
_diffrn_radiation.pdbx_wavelength_list             ? 
_diffrn_radiation.pdbx_wavelength                  ? 
_diffrn_radiation.pdbx_diffrn_protocol             'SINGLE WAVELENGTH' 
_diffrn_radiation.pdbx_analyzer                    ? 
_diffrn_radiation.pdbx_scattering_type             x-ray 
# 
_diffrn_radiation_wavelength.id           1 
_diffrn_radiation_wavelength.wavelength   0.953659 
_diffrn_radiation_wavelength.wt           1.0 
# 
_diffrn_source.current                     ? 
_diffrn_source.details                     ? 
_diffrn_source.diffrn_id                   1 
_diffrn_source.power                       ? 
_diffrn_source.size                        ? 
_diffrn_source.source                      SYNCHROTRON 
_diffrn_source.target                      ? 
_diffrn_source.type                        'AUSTRALIAN SYNCHROTRON BEAMLINE MX2' 
_diffrn_source.voltage                     ? 
_diffrn_source.take-off_angle              ? 
_diffrn_source.pdbx_wavelength_list        0.953659 
_diffrn_source.pdbx_wavelength             ? 
_diffrn_source.pdbx_synchrotron_beamline   MX2 
_diffrn_source.pdbx_synchrotron_site       'Australian Synchrotron' 
# 
_reflns.B_iso_Wilson_estimate                          32.29 
_reflns.entry_id                                       7XIE 
_reflns.data_reduction_details                         ? 
_reflns.data_reduction_method                          ? 
_reflns.d_resolution_high                              1.97 
_reflns.d_resolution_low                               26.33 
_reflns.details                                        ? 
_reflns.limit_h_max                                    ? 
_reflns.limit_h_min                                    ? 
_reflns.limit_k_max                                    ? 
_reflns.limit_k_min                                    ? 
_reflns.limit_l_max                                    ? 
_reflns.limit_l_min                                    ? 
_reflns.number_all                                     ? 
_reflns.number_obs                                     5377 
_reflns.observed_criterion                             ? 
_reflns.observed_criterion_F_max                       ? 
_reflns.observed_criterion_F_min                       ? 
_reflns.observed_criterion_I_max                       ? 
_reflns.observed_criterion_I_min                       ? 
_reflns.observed_criterion_sigma_F                     ? 
_reflns.observed_criterion_sigma_I                     ? 
_reflns.percent_possible_obs                           96.63 
_reflns.R_free_details                                 ? 
_reflns.Rmerge_F_all                                   ? 
_reflns.Rmerge_F_obs                                   ? 
_reflns.Friedel_coverage                               ? 
_reflns.number_gt                                      ? 
_reflns.threshold_expression                           ? 
_reflns.pdbx_redundancy                                3.5 
_reflns.pdbx_Rmerge_I_obs                              ? 
_reflns.pdbx_Rmerge_I_all                              ? 
_reflns.pdbx_Rsym_value                                ? 
_reflns.pdbx_netI_over_av_sigmaI                       ? 
_reflns.pdbx_netI_over_sigmaI                          9.63 
_reflns.pdbx_res_netI_over_av_sigmaI_2                 ? 
_reflns.pdbx_res_netI_over_sigmaI_2                    ? 
_reflns.pdbx_chi_squared                               ? 
_reflns.pdbx_scaling_rejects                           ? 
_reflns.pdbx_d_res_high_opt                            ? 
_reflns.pdbx_d_res_low_opt                             ? 
_reflns.pdbx_d_res_opt_method                          ? 
_reflns.phase_calculation_details                      ? 
_reflns.pdbx_Rrim_I_all                                ? 
_reflns.pdbx_Rpim_I_all                                ? 
_reflns.pdbx_d_opt                                     ? 
_reflns.pdbx_number_measured_all                       ? 
_reflns.pdbx_diffrn_id                                 1 
_reflns.pdbx_ordinal                                   1 
_reflns.pdbx_CC_half                                   0.997 
_reflns.pdbx_CC_star                                   ? 
_reflns.pdbx_R_split                                   ? 
_reflns.pdbx_aniso_diffraction_limit_axis_1_ortho[1]   ? 
_reflns.pdbx_aniso_diffraction_limit_axis_1_ortho[2]   ? 
_reflns.pdbx_aniso_diffraction_limit_axis_1_ortho[3]   ? 
_reflns.pdbx_aniso_diffraction_limit_axis_2_ortho[1]   ? 
_reflns.pdbx_aniso_diffraction_limit_axis_2_ortho[2]   ? 
_reflns.pdbx_aniso_diffraction_limit_axis_2_ortho[3]   ? 
_reflns.pdbx_aniso_diffraction_limit_axis_3_ortho[1]   ? 
_reflns.pdbx_aniso_diffraction_limit_axis_3_ortho[2]   ? 
_reflns.pdbx_aniso_diffraction_limit_axis_3_ortho[3]   ? 
_reflns.pdbx_aniso_diffraction_limit_1                 ? 
_reflns.pdbx_aniso_diffraction_limit_2                 ? 
_reflns.pdbx_aniso_diffraction_limit_3                 ? 
_reflns.pdbx_aniso_B_tensor_eigenvector_1_ortho[1]     ? 
_reflns.pdbx_aniso_B_tensor_eigenvector_1_ortho[2]     ? 
_reflns.pdbx_aniso_B_tensor_eigenvector_1_ortho[3]     ? 
_reflns.pdbx_aniso_B_tensor_eigenvector_2_ortho[1]     ? 
_reflns.pdbx_aniso_B_tensor_eigenvector_2_ortho[2]     ? 
_reflns.pdbx_aniso_B_tensor_eigenvector_2_ortho[3]     ? 
_reflns.pdbx_aniso_B_tensor_eigenvector_3_ortho[1]     ? 
_reflns.pdbx_aniso_B_tensor_eigenvector_3_ortho[2]     ? 
_reflns.pdbx_aniso_B_tensor_eigenvector_3_ortho[3]     ? 
_reflns.pdbx_aniso_B_tensor_eigenvalue_1               ? 
_reflns.pdbx_aniso_B_tensor_eigenvalue_2               ? 
_reflns.pdbx_aniso_B_tensor_eigenvalue_3               ? 
_reflns.pdbx_orthogonalization_convention              ? 
_reflns.pdbx_percent_possible_ellipsoidal              ? 
_reflns.pdbx_percent_possible_spherical                ? 
_reflns.pdbx_percent_possible_ellipsoidal_anomalous    ? 
_reflns.pdbx_percent_possible_spherical_anomalous      ? 
_reflns.pdbx_redundancy_anomalous                      ? 
_reflns.pdbx_CC_half_anomalous                         ? 
_reflns.pdbx_absDiff_over_sigma_anomalous              ? 
_reflns.pdbx_percent_possible_anomalous                ? 
_reflns.pdbx_observed_signal_threshold                 ? 
_reflns.pdbx_signal_type                               ? 
_reflns.pdbx_signal_details                            ? 
_reflns.pdbx_signal_software_id                        ? 
# 
_reflns_shell.d_res_high                                    1.97 
_reflns_shell.d_res_low                                     2.04 
_reflns_shell.meanI_over_sigI_all                           ? 
_reflns_shell.meanI_over_sigI_obs                           ? 
_reflns_shell.number_measured_all                           ? 
_reflns_shell.number_measured_obs                           ? 
_reflns_shell.number_possible                               ? 
_reflns_shell.number_unique_all                             ? 
_reflns_shell.number_unique_obs                             521 
_reflns_shell.percent_possible_all                          ? 
_reflns_shell.percent_possible_obs                          ? 
_reflns_shell.Rmerge_F_all                                  ? 
_reflns_shell.Rmerge_F_obs                                  ? 
_reflns_shell.Rmerge_I_all                                  ? 
_reflns_shell.Rmerge_I_obs                                  ? 
_reflns_shell.meanI_over_sigI_gt                            ? 
_reflns_shell.meanI_over_uI_all                             ? 
_reflns_shell.meanI_over_uI_gt                              ? 
_reflns_shell.number_measured_gt                            ? 
_reflns_shell.number_unique_gt                              ? 
_reflns_shell.percent_possible_gt                           ? 
_reflns_shell.Rmerge_F_gt                                   ? 
_reflns_shell.Rmerge_I_gt                                   ? 
_reflns_shell.pdbx_redundancy                               ? 
_reflns_shell.pdbx_Rsym_value                               ? 
_reflns_shell.pdbx_chi_squared                              ? 
_reflns_shell.pdbx_netI_over_sigmaI_all                     ? 
_reflns_shell.pdbx_netI_over_sigmaI_obs                     ? 
_reflns_shell.pdbx_Rrim_I_all                               ? 
_reflns_shell.pdbx_Rpim_I_all                               ? 
_reflns_shell.pdbx_rejects                                  ? 
_reflns_shell.pdbx_ordinal                                  1 
_reflns_shell.pdbx_diffrn_id                                1 
_reflns_shell.pdbx_CC_half                                  0.95 
_reflns_shell.pdbx_CC_star                                  ? 
_reflns_shell.pdbx_R_split                                  ? 
_reflns_shell.pdbx_percent_possible_ellipsoidal             ? 
_reflns_shell.pdbx_percent_possible_spherical               ? 
_reflns_shell.pdbx_percent_possible_ellipsoidal_anomalous   ? 
_reflns_shell.pdbx_percent_possible_spherical_anomalous     ? 
_reflns_shell.pdbx_redundancy_anomalous                     ? 
_reflns_shell.pdbx_CC_half_anomalous                        ? 
_reflns_shell.pdbx_absDiff_over_sigma_anomalous             ? 
_reflns_shell.pdbx_percent_possible_anomalous               ? 
# 
_refine.aniso_B[1][1]                            ? 
_refine.aniso_B[1][2]                            ? 
_refine.aniso_B[1][3]                            ? 
_refine.aniso_B[2][2]                            ? 
_refine.aniso_B[2][3]                            ? 
_refine.aniso_B[3][3]                            ? 
_refine.B_iso_max                                ? 
_refine.B_iso_mean                               34.55 
_refine.B_iso_min                                ? 
_refine.correlation_coeff_Fo_to_Fc               ? 
_refine.correlation_coeff_Fo_to_Fc_free          ? 
_refine.details                                  ? 
_refine.diff_density_max                         ? 
_refine.diff_density_max_esd                     ? 
_refine.diff_density_min                         ? 
_refine.diff_density_min_esd                     ? 
_refine.diff_density_rms                         ? 
_refine.diff_density_rms_esd                     ? 
_refine.entry_id                                 7XIE 
_refine.pdbx_refine_id                           'X-RAY DIFFRACTION' 
_refine.ls_abs_structure_details                 ? 
_refine.ls_abs_structure_Flack                   ? 
_refine.ls_abs_structure_Flack_esd               ? 
_refine.ls_abs_structure_Rogers                  ? 
_refine.ls_abs_structure_Rogers_esd              ? 
_refine.ls_d_res_high                            1.97 
_refine.ls_d_res_low                             26.33 
_refine.ls_extinction_coef                       ? 
_refine.ls_extinction_coef_esd                   ? 
_refine.ls_extinction_expression                 ? 
_refine.ls_extinction_method                     ? 
_refine.ls_goodness_of_fit_all                   ? 
_refine.ls_goodness_of_fit_all_esd               ? 
_refine.ls_goodness_of_fit_obs                   ? 
_refine.ls_goodness_of_fit_obs_esd               ? 
_refine.ls_hydrogen_treatment                    ? 
_refine.ls_matrix_type                           ? 
_refine.ls_number_constraints                    ? 
_refine.ls_number_parameters                     ? 
_refine.ls_number_reflns_all                     ? 
_refine.ls_number_reflns_obs                     5338 
_refine.ls_number_reflns_R_free                  543 
_refine.ls_number_reflns_R_work                  4795 
_refine.ls_number_restraints                     ? 
_refine.ls_percent_reflns_obs                    96.63 
_refine.ls_percent_reflns_R_free                 10.17 
_refine.ls_R_factor_all                          ? 
_refine.ls_R_factor_obs                          0.2104 
_refine.ls_R_factor_R_free                       0.2370 
_refine.ls_R_factor_R_free_error                 ? 
_refine.ls_R_factor_R_free_error_details         ? 
_refine.ls_R_factor_R_work                       0.2073 
_refine.ls_R_Fsqd_factor_obs                     ? 
_refine.ls_R_I_factor_obs                        ? 
_refine.ls_redundancy_reflns_all                 ? 
_refine.ls_redundancy_reflns_obs                 ? 
_refine.ls_restrained_S_all                      ? 
_refine.ls_restrained_S_obs                      ? 
_refine.ls_shift_over_esd_max                    ? 
_refine.ls_shift_over_esd_mean                   ? 
_refine.ls_structure_factor_coef                 ? 
_refine.ls_weighting_details                     ? 
_refine.ls_weighting_scheme                      ? 
_refine.ls_wR_factor_all                         ? 
_refine.ls_wR_factor_obs                         ? 
_refine.ls_wR_factor_R_free                      ? 
_refine.ls_wR_factor_R_work                      ? 
_refine.occupancy_max                            ? 
_refine.occupancy_min                            ? 
_refine.solvent_model_details                    'FLAT BULK SOLVENT MODEL' 
_refine.solvent_model_param_bsol                 ? 
_refine.solvent_model_param_ksol                 ? 
_refine.pdbx_R_complete                          ? 
_refine.ls_R_factor_gt                           ? 
_refine.ls_goodness_of_fit_gt                    ? 
_refine.ls_goodness_of_fit_ref                   ? 
_refine.ls_shift_over_su_max                     ? 
_refine.ls_shift_over_su_max_lt                  ? 
_refine.ls_shift_over_su_mean                    ? 
_refine.ls_shift_over_su_mean_lt                 ? 
_refine.pdbx_ls_sigma_I                          ? 
_refine.pdbx_ls_sigma_F                          2.03 
_refine.pdbx_ls_sigma_Fsqd                       ? 
_refine.pdbx_data_cutoff_high_absF               ? 
_refine.pdbx_data_cutoff_high_rms_absF           ? 
_refine.pdbx_data_cutoff_low_absF                ? 
_refine.pdbx_isotropic_thermal_model             ? 
_refine.pdbx_ls_cross_valid_method               'FREE R-VALUE' 
_refine.pdbx_method_to_determine_struct          'MOLECULAR REPLACEMENT' 
_refine.pdbx_starting_model                      7XDH 
_refine.pdbx_stereochemistry_target_values       'GeoStd + Monomer Library + CDL v1.2' 
_refine.pdbx_R_Free_selection_details            ? 
_refine.pdbx_stereochem_target_val_spec_case     ? 
_refine.pdbx_overall_ESU_R                       ? 
_refine.pdbx_overall_ESU_R_Free                  ? 
_refine.pdbx_solvent_vdw_probe_radii             1.1100 
_refine.pdbx_solvent_ion_probe_radii             ? 
_refine.pdbx_solvent_shrinkage_radii             0.9000 
_refine.pdbx_real_space_R                        ? 
_refine.pdbx_density_correlation                 ? 
_refine.pdbx_pd_number_of_powder_patterns        ? 
_refine.pdbx_pd_number_of_points                 ? 
_refine.pdbx_pd_meas_number_of_points            ? 
_refine.pdbx_pd_proc_ls_prof_R_factor            ? 
_refine.pdbx_pd_proc_ls_prof_wR_factor           ? 
_refine.pdbx_pd_Marquardt_correlation_coeff      ? 
_refine.pdbx_pd_Fsqrd_R_factor                   ? 
_refine.pdbx_pd_ls_matrix_band_width             ? 
_refine.pdbx_overall_phase_error                 33.0618 
_refine.pdbx_overall_SU_R_free_Cruickshank_DPI   ? 
_refine.pdbx_overall_SU_R_free_Blow_DPI          ? 
_refine.pdbx_overall_SU_R_Blow_DPI               ? 
_refine.pdbx_TLS_residual_ADP_flag               ? 
_refine.pdbx_diffrn_id                           1 
_refine.overall_SU_B                             ? 
_refine.overall_SU_ML                            0.3026 
_refine.overall_SU_R_Cruickshank_DPI             ? 
_refine.overall_SU_R_free                        ? 
_refine.overall_FOM_free_R_set                   ? 
_refine.overall_FOM_work_R_set                   ? 
_refine.pdbx_average_fsc_overall                 ? 
_refine.pdbx_average_fsc_work                    ? 
_refine.pdbx_average_fsc_free                    ? 
# 
_refine_hist.pdbx_refine_id                   'X-RAY DIFFRACTION' 
_refine_hist.cycle_id                         LAST 
_refine_hist.details                          ? 
_refine_hist.d_res_high                       1.97 
_refine_hist.d_res_low                        26.33 
_refine_hist.number_atoms_solvent             37 
_refine_hist.number_atoms_total               730 
_refine_hist.number_reflns_all                ? 
_refine_hist.number_reflns_obs                ? 
_refine_hist.number_reflns_R_free             ? 
_refine_hist.number_reflns_R_work             ? 
_refine_hist.R_factor_all                     ? 
_refine_hist.R_factor_obs                     ? 
_refine_hist.R_factor_R_free                  ? 
_refine_hist.R_factor_R_work                  ? 
_refine_hist.pdbx_number_residues_total       ? 
_refine_hist.pdbx_B_iso_mean_ligand           ? 
_refine_hist.pdbx_B_iso_mean_solvent          ? 
_refine_hist.pdbx_number_atoms_protein        0 
_refine_hist.pdbx_number_atoms_nucleic_acid   686 
_refine_hist.pdbx_number_atoms_ligand         7 
_refine_hist.pdbx_number_atoms_lipid          ? 
_refine_hist.pdbx_number_atoms_carb           ? 
_refine_hist.pdbx_pseudo_atom_details         ? 
# 
loop_
_refine_ls_restr.pdbx_refine_id 
_refine_ls_restr.criterion 
_refine_ls_restr.dev_ideal 
_refine_ls_restr.dev_ideal_target 
_refine_ls_restr.number 
_refine_ls_restr.rejects 
_refine_ls_restr.type 
_refine_ls_restr.weight 
_refine_ls_restr.pdbx_restraint_function 
'X-RAY DIFFRACTION' ? 0.0074  ? 774  ? f_bond_d           ? ? 
'X-RAY DIFFRACTION' ? 0.9311  ? 1202 ? f_angle_d          ? ? 
'X-RAY DIFFRACTION' ? 0.0529  ? 126  ? f_chiral_restr     ? ? 
'X-RAY DIFFRACTION' ? 0.0052  ? 32   ? f_plane_restr      ? ? 
'X-RAY DIFFRACTION' ? 34.1244 ? 312  ? f_dihedral_angle_d ? ? 
# 
loop_
_refine_ls_shell.pdbx_refine_id 
_refine_ls_shell.d_res_high 
_refine_ls_shell.d_res_low 
_refine_ls_shell.number_reflns_all 
_refine_ls_shell.number_reflns_obs 
_refine_ls_shell.number_reflns_R_free 
_refine_ls_shell.number_reflns_R_work 
_refine_ls_shell.percent_reflns_obs 
_refine_ls_shell.percent_reflns_R_free 
_refine_ls_shell.R_factor_all 
_refine_ls_shell.R_factor_obs 
_refine_ls_shell.R_factor_R_free 
_refine_ls_shell.R_factor_R_free_error 
_refine_ls_shell.R_factor_R_work 
_refine_ls_shell.redundancy_reflns_all 
_refine_ls_shell.redundancy_reflns_obs 
_refine_ls_shell.wR_factor_all 
_refine_ls_shell.wR_factor_obs 
_refine_ls_shell.wR_factor_R_free 
_refine_ls_shell.wR_factor_R_work 
_refine_ls_shell.pdbx_R_complete 
_refine_ls_shell.pdbx_total_number_of_bins_used 
_refine_ls_shell.pdbx_phase_error 
_refine_ls_shell.pdbx_fsc_work 
_refine_ls_shell.pdbx_fsc_free 
'X-RAY DIFFRACTION' 1.97 2.17  . . 127 1166 95.64 . . . 0.3291 . 0.2495 . . . . . . . . . . . 
'X-RAY DIFFRACTION' 2.17 2.48  . . 140 1213 96.64 . . . 0.2792 . 0.2498 . . . . . . . . . . . 
'X-RAY DIFFRACTION' 2.48 3.13  . . 140 1213 97.13 . . . 0.2529 . 0.2397 . . . . . . . . . . . 
'X-RAY DIFFRACTION' 3.13 26.33 . . 136 1203 97.17 . . . 0.2049 . 0.1756 . . . . . . . . . . . 
# 
_struct.entry_id                     7XIE 
_struct.title                        'Crystal structure of a dimeric interlocked parallel G-quadruplex' 
_struct.pdbx_model_details           ? 
_struct.pdbx_formula_weight          ? 
_struct.pdbx_formula_weight_method   ? 
_struct.pdbx_model_type_details      ? 
_struct.pdbx_CASP_flag               N 
# 
_struct_keywords.entry_id        7XIE 
_struct_keywords.text            'G-quadruplex, interlocked, DNA' 
_struct_keywords.pdbx_keywords   DNA 
# 
loop_
_struct_asym.id 
_struct_asym.pdbx_blank_PDB_chainid_flag 
_struct_asym.pdbx_modified 
_struct_asym.entity_id 
_struct_asym.details 
A N N 1 ? 
B N N 1 ? 
C N N 2 ? 
D N N 2 ? 
E N N 2 ? 
F N N 2 ? 
G N N 2 ? 
H N N 2 ? 
I N N 2 ? 
J N N 3 ? 
K N N 3 ? 
# 
loop_
_struct_conn.id 
_struct_conn.conn_type_id 
_struct_conn.pdbx_leaving_atom_flag 
_struct_conn.pdbx_PDB_id 
_struct_conn.ptnr1_label_asym_id 
_struct_conn.ptnr1_label_comp_id 
_struct_conn.ptnr1_label_seq_id 
_struct_conn.ptnr1_label_atom_id 
_struct_conn.pdbx_ptnr1_label_alt_id 
_struct_conn.pdbx_ptnr1_PDB_ins_code 
_struct_conn.pdbx_ptnr1_standard_comp_id 
_struct_conn.ptnr1_symmetry 
_struct_conn.ptnr2_label_asym_id 
_struct_conn.ptnr2_label_comp_id 
_struct_conn.ptnr2_label_seq_id 
_struct_conn.ptnr2_label_atom_id 
_struct_conn.pdbx_ptnr2_label_alt_id 
_struct_conn.pdbx_ptnr2_PDB_ins_code 
_struct_conn.ptnr1_auth_asym_id 
_struct_conn.ptnr1_auth_comp_id 
_struct_conn.ptnr1_auth_seq_id 
_struct_conn.ptnr2_auth_asym_id 
_struct_conn.ptnr2_auth_comp_id 
_struct_conn.ptnr2_auth_seq_id 
_struct_conn.ptnr2_symmetry 
_struct_conn.pdbx_ptnr3_label_atom_id 
_struct_conn.pdbx_ptnr3_label_seq_id 
_struct_conn.pdbx_ptnr3_label_comp_id 
_struct_conn.pdbx_ptnr3_label_asym_id 
_struct_conn.pdbx_ptnr3_label_alt_id 
_struct_conn.pdbx_ptnr3_PDB_ins_code 
_struct_conn.details 
_struct_conn.pdbx_dist_value 
_struct_conn.pdbx_value_order 
_struct_conn.pdbx_role 
metalc1  metalc ? ? A DG 1  O6  ? ? ? 1_555 E K  .  K  ? ? A DG 1   A K  103 1_555 ? ? ? ? ? ? ?           2.740 ? ? 
metalc2  metalc ? ? A DG 1  O6  ? ? ? 1_555 G K  .  K  ? ? A DG 1   B K  101 1_555 ? ? ? ? ? ? ?           2.774 ? ? 
metalc3  metalc ? ? A DG 2  O6  ? ? ? 1_555 D K  .  K  ? ? A DG 2   A K  102 1_555 ? ? ? ? ? ? ?           2.800 ? ? 
metalc4  metalc ? ? A DG 2  O6  ? ? ? 1_555 E K  .  K  ? ? A DG 2   A K  103 1_555 ? ? ? ? ? ? ?           2.764 ? ? 
metalc5  metalc ? ? A DG 3  O6  ? ? ? 1_555 C K  .  K  ? ? A DG 3   A K  101 1_555 ? ? ? ? ? ? ?           2.968 ? ? 
metalc6  metalc ? ? A DG 3  O6  ? ? ? 1_555 D K  .  K  ? ? A DG 3   A K  102 1_555 ? ? ? ? ? ? ?           2.898 ? ? 
metalc7  metalc ? ? A DG 4  O6  ? ? ? 1_555 C K  .  K  ? ? A DG 4   A K  101 1_555 ? ? ? ? ? ? ?           2.735 ? ? 
metalc8  metalc ? ? A DG 6  O6  ? ? ? 1_555 D K  .  K  ? ? A DG 6   A K  102 1_555 ? ? ? ? ? ? ?           2.772 ? ? 
metalc9  metalc ? ? A DG 6  O6  ? ? ? 1_555 E K  .  K  ? ? A DG 6   A K  103 1_555 ? ? ? ? ? ? ?           2.700 ? ? 
metalc10 metalc ? ? A DG 7  O6  ? ? ? 1_555 C K  .  K  ? ? A DG 7   A K  101 1_555 ? ? ? ? ? ? ?           2.832 ? ? 
metalc11 metalc ? ? A DG 7  O6  ? ? ? 1_555 D K  .  K  ? ? A DG 7   A K  102 1_555 ? ? ? ? ? ? ?           2.722 ? ? 
metalc12 metalc ? ? A DG 8  O6  ? ? ? 1_555 C K  .  K  ? ? A DG 8   A K  101 1_555 ? ? ? ? ? ? ?           2.689 ? ? 
metalc13 metalc ? ? A DG 10 O6  ? ? ? 1_555 C K  .  K  ? ? A DG 10  A K  101 1_555 ? ? ? ? ? ? ?           2.832 ? ? 
metalc14 metalc ? ? A DG 10 O6  ? ? ? 1_555 D K  .  K  ? ? A DG 10  A K  102 1_555 ? ? ? ? ? ? ?           2.861 ? ? 
metalc15 metalc ? ? A DG 11 O6  ? ? ? 1_555 C K  .  K  ? ? A DG 11  A K  101 1_555 ? ? ? ? ? ? ?           2.637 ? ? 
metalc16 metalc ? ? A DG 13 O6  ? ? ? 1_555 D K  .  K  ? ? A DG 13  A K  102 1_555 ? ? ? ? ? ? ?           2.807 ? ? 
metalc17 metalc ? ? A DG 13 O6  ? ? ? 1_555 E K  .  K  ? ? A DG 13  A K  103 1_555 ? ? ? ? ? ? ?           2.780 ? ? 
metalc18 metalc ? ? A DG 14 O6  ? ? ? 1_555 C K  .  K  ? ? A DG 14  A K  101 1_555 ? ? ? ? ? ? ?           2.787 ? ? 
metalc19 metalc ? ? A DG 14 O6  ? ? ? 1_555 D K  .  K  ? ? A DG 14  A K  102 1_555 ? ? ? ? ? ? ?           2.804 ? ? 
metalc20 metalc ? ? A DG 15 O6  ? ? ? 1_555 C K  .  K  ? ? A DG 15  A K  101 1_555 ? ? ? ? ? ? ?           2.734 ? ? 
metalc21 metalc ? ? A DG 15 OP1 ? ? ? 1_555 F K  .  K  ? ? A DG 15  A K  104 1_555 ? ? ? ? ? ? ?           2.648 ? ? 
metalc22 metalc ? ? D K  .  K   ? ? ? 1_555 B DG 1  O6 ? ? A K  102 B DG 1   1_555 ? ? ? ? ? ? ?           2.777 ? ? 
metalc23 metalc ? ? E K  .  K   ? ? ? 1_555 B DG 1  O6 ? ? A K  103 B DG 1   1_555 ? ? ? ? ? ? ?           2.829 ? ? 
metalc24 metalc ? ? E K  .  K   ? ? ? 1_555 B DG 2  O6 ? ? A K  103 B DG 2   1_555 ? ? ? ? ? ? ?           2.679 ? ? 
metalc25 metalc ? ? E K  .  K   ? ? ? 1_555 B DG 6  O6 ? ? A K  103 B DG 6   1_555 ? ? ? ? ? ? ?           2.670 ? ? 
metalc26 metalc ? ? E K  .  K   ? ? ? 1_555 B DG 13 O6 ? ? A K  103 B DG 13  1_555 ? ? ? ? ? ? ?           2.781 ? ? 
metalc27 metalc ? ? B DG 2  O6  ? ? ? 1_555 G K  .  K  ? ? B DG 2   B K  101 1_555 ? ? ? ? ? ? ?           2.801 ? ? 
metalc28 metalc ? ? B DG 3  O6  ? ? ? 1_555 G K  .  K  ? ? B DG 3   B K  101 1_555 ? ? ? ? ? ? ?           2.841 ? ? 
metalc29 metalc ? ? B DG 3  O6  ? ? ? 1_555 H K  .  K  ? ? B DG 3   B K  102 1_555 ? ? ? ? ? ? ?           2.981 ? ? 
metalc30 metalc ? ? B DG 4  O6  ? ? ? 1_555 H K  .  K  ? ? B DG 4   B K  102 1_555 ? ? ? ? ? ? ?           2.718 ? ? 
metalc31 metalc ? ? B DG 6  O6  ? ? ? 1_555 G K  .  K  ? ? B DG 6   B K  101 1_555 ? ? ? ? ? ? ?           2.843 ? ? 
metalc32 metalc ? ? B DG 7  O6  ? ? ? 1_555 G K  .  K  ? ? B DG 7   B K  101 1_555 ? ? ? ? ? ? ?           2.710 ? ? 
metalc33 metalc ? ? B DG 7  O6  ? ? ? 1_555 H K  .  K  ? ? B DG 7   B K  102 1_555 ? ? ? ? ? ? ?           2.914 ? ? 
metalc34 metalc ? ? B DG 8  O6  ? ? ? 1_555 H K  .  K  ? ? B DG 8   B K  102 1_555 ? ? ? ? ? ? ?           2.655 ? ? 
metalc35 metalc ? ? B DG 10 O6  ? ? ? 1_555 G K  .  K  ? ? B DG 10  B K  101 1_555 ? ? ? ? ? ? ?           2.839 ? ? 
metalc36 metalc ? ? B DG 10 O6  ? ? ? 1_555 H K  .  K  ? ? B DG 10  B K  102 1_555 ? ? ? ? ? ? ?           2.750 ? ? 
metalc37 metalc ? ? B DG 11 O6  ? ? ? 1_555 H K  .  K  ? ? B DG 11  B K  102 1_555 ? ? ? ? ? ? ?           2.644 ? ? 
metalc38 metalc ? ? B DG 13 O6  ? ? ? 1_555 G K  .  K  ? ? B DG 13  B K  101 1_555 ? ? ? ? ? ? ?           2.784 ? ? 
metalc39 metalc ? ? B DG 14 O6  ? ? ? 1_555 G K  .  K  ? ? B DG 14  B K  101 1_555 ? ? ? ? ? ? ?           2.883 ? ? 
metalc40 metalc ? ? B DG 14 O6  ? ? ? 1_555 H K  .  K  ? ? B DG 14  B K  102 1_555 ? ? ? ? ? ? ?           2.770 ? ? 
metalc41 metalc ? ? B DG 15 O6  ? ? ? 1_555 H K  .  K  ? ? B DG 15  B K  102 1_555 ? ? ? ? ? ? ?           2.671 ? ? 
metalc42 metalc ? ? B DG 15 OP1 ? ? ? 1_555 I K  .  K  ? ? B DG 15  B K  103 1_555 ? ? ? ? ? ? ?           2.570 ? ? 
hydrog1  hydrog ? ? A DG 1  N7  ? ? ? 1_555 B DG 6  N2 ? ? A DG 1   B DG 6   1_555 ? ? ? ? ? ? TYPE_6_PAIR ?     ? ? 
hydrog2  hydrog ? ? A DG 1  O6  ? ? ? 1_555 B DG 6  N1 ? ? A DG 1   B DG 6   1_555 ? ? ? ? ? ? TYPE_6_PAIR ?     ? ? 
hydrog3  hydrog ? ? A DG 1  N1  ? ? ? 1_555 B DG 13 O6 ? ? A DG 1   B DG 13  1_555 ? ? ? ? ? ? TYPE_6_PAIR ?     ? ? 
hydrog4  hydrog ? ? A DG 1  N2  ? ? ? 1_555 B DG 13 N7 ? ? A DG 1   B DG 13  1_555 ? ? ? ? ? ? TYPE_6_PAIR ?     ? ? 
hydrog5  hydrog ? ? A DG 2  N1  ? ? ? 1_555 A DG 6  O6 ? ? A DG 2   A DG 6   1_555 ? ? ? ? ? ? TYPE_6_PAIR ?     ? ? 
hydrog6  hydrog ? ? A DG 2  N2  ? ? ? 1_555 A DG 6  N7 ? ? A DG 2   A DG 6   1_555 ? ? ? ? ? ? TYPE_6_PAIR ?     ? ? 
hydrog7  hydrog ? ? A DG 2  N7  ? ? ? 1_555 A DG 13 N2 ? ? A DG 2   A DG 13  1_555 ? ? ? ? ? ? TYPE_6_PAIR ?     ? ? 
hydrog8  hydrog ? ? A DG 2  O6  ? ? ? 1_555 A DG 13 N1 ? ? A DG 2   A DG 13  1_555 ? ? ? ? ? ? TYPE_6_PAIR ?     ? ? 
hydrog9  hydrog ? ? A DG 3  N1  ? ? ? 1_555 A DG 7  O6 ? ? A DG 3   A DG 7   1_555 ? ? ? ? ? ? TYPE_6_PAIR ?     ? ? 
hydrog10 hydrog ? ? A DG 3  N2  ? ? ? 1_555 A DG 7  N7 ? ? A DG 3   A DG 7   1_555 ? ? ? ? ? ? TYPE_6_PAIR ?     ? ? 
hydrog11 hydrog ? ? A DG 3  N7  ? ? ? 1_555 A DG 14 N2 ? ? A DG 3   A DG 14  1_555 ? ? ? ? ? ? TYPE_6_PAIR ?     ? ? 
hydrog12 hydrog ? ? A DG 3  O6  ? ? ? 1_555 A DG 14 N1 ? ? A DG 3   A DG 14  1_555 ? ? ? ? ? ? TYPE_6_PAIR ?     ? ? 
hydrog13 hydrog ? ? A DG 4  N1  ? ? ? 1_555 A DG 8  O6 ? ? A DG 4   A DG 8   1_555 ? ? ? ? ? ? TYPE_6_PAIR ?     ? ? 
hydrog14 hydrog ? ? A DG 4  N2  ? ? ? 1_555 A DG 8  N7 ? ? A DG 4   A DG 8   1_555 ? ? ? ? ? ? TYPE_6_PAIR ?     ? ? 
hydrog15 hydrog ? ? A DG 4  N7  ? ? ? 1_555 A DG 15 N2 ? ? A DG 4   A DG 15  1_555 ? ? ? ? ? ? TYPE_6_PAIR ?     ? ? 
hydrog16 hydrog ? ? A DG 4  O6  ? ? ? 1_555 A DG 15 N1 ? ? A DG 4   A DG 15  1_555 ? ? ? ? ? ? TYPE_6_PAIR ?     ? ? 
hydrog17 hydrog ? ? A DG 6  N1  ? ? ? 1_555 B DG 1  O6 ? ? A DG 6   B DG 1   1_555 ? ? ? ? ? ? TYPE_6_PAIR ?     ? ? 
hydrog18 hydrog ? ? A DG 6  N2  ? ? ? 1_555 B DG 1  N7 ? ? A DG 6   B DG 1   1_555 ? ? ? ? ? ? TYPE_6_PAIR ?     ? ? 
hydrog19 hydrog ? ? A DG 7  N1  ? ? ? 1_555 A DG 10 O6 ? ? A DG 7   A DG 10  1_555 ? ? ? ? ? ? TYPE_6_PAIR ?     ? ? 
hydrog20 hydrog ? ? A DG 7  N2  ? ? ? 1_555 A DG 10 N7 ? ? A DG 7   A DG 10  1_555 ? ? ? ? ? ? TYPE_6_PAIR ?     ? ? 
hydrog21 hydrog ? ? A DG 8  N1  ? ? ? 1_555 A DG 11 O6 ? ? A DG 8   A DG 11  1_555 ? ? ? ? ? ? TYPE_6_PAIR ?     ? ? 
hydrog22 hydrog ? ? A DG 8  N2  ? ? ? 1_555 A DG 11 N7 ? ? A DG 8   A DG 11  1_555 ? ? ? ? ? ? TYPE_6_PAIR ?     ? ? 
hydrog23 hydrog ? ? A DG 10 N1  ? ? ? 1_555 A DG 14 O6 ? ? A DG 10  A DG 14  1_555 ? ? ? ? ? ? TYPE_6_PAIR ?     ? ? 
hydrog24 hydrog ? ? A DG 10 N2  ? ? ? 1_555 A DG 14 N7 ? ? A DG 10  A DG 14  1_555 ? ? ? ? ? ? TYPE_6_PAIR ?     ? ? 
hydrog25 hydrog ? ? A DG 11 N1  ? ? ? 1_555 A DG 15 O6 ? ? A DG 11  A DG 15  1_555 ? ? ? ? ? ? TYPE_6_PAIR ?     ? ? 
hydrog26 hydrog ? ? A DG 11 N2  ? ? ? 1_555 A DG 15 N7 ? ? A DG 11  A DG 15  1_555 ? ? ? ? ? ? TYPE_6_PAIR ?     ? ? 
hydrog27 hydrog ? ? A DG 13 N7  ? ? ? 1_555 B DG 1  N2 ? ? A DG 13  B DG 1   1_555 ? ? ? ? ? ? TYPE_6_PAIR ?     ? ? 
hydrog28 hydrog ? ? A DG 13 O6  ? ? ? 1_555 B DG 1  N1 ? ? A DG 13  B DG 1   1_555 ? ? ? ? ? ? TYPE_6_PAIR ?     ? ? 
hydrog29 hydrog ? ? B DG 2  N1  ? ? ? 1_555 B DG 6  O6 ? ? B DG 2   B DG 6   1_555 ? ? ? ? ? ? TYPE_6_PAIR ?     ? ? 
hydrog30 hydrog ? ? B DG 2  N2  ? ? ? 1_555 B DG 6  N7 ? ? B DG 2   B DG 6   1_555 ? ? ? ? ? ? TYPE_6_PAIR ?     ? ? 
hydrog31 hydrog ? ? B DG 2  N7  ? ? ? 1_555 B DG 13 N2 ? ? B DG 2   B DG 13  1_555 ? ? ? ? ? ? TYPE_6_PAIR ?     ? ? 
hydrog32 hydrog ? ? B DG 2  O6  ? ? ? 1_555 B DG 13 N1 ? ? B DG 2   B DG 13  1_555 ? ? ? ? ? ? TYPE_6_PAIR ?     ? ? 
hydrog33 hydrog ? ? B DG 3  N1  ? ? ? 1_555 B DG 7  O6 ? ? B DG 3   B DG 7   1_555 ? ? ? ? ? ? TYPE_6_PAIR ?     ? ? 
hydrog34 hydrog ? ? B DG 3  N2  ? ? ? 1_555 B DG 7  N7 ? ? B DG 3   B DG 7   1_555 ? ? ? ? ? ? TYPE_6_PAIR ?     ? ? 
hydrog35 hydrog ? ? B DG 3  N7  ? ? ? 1_555 B DG 14 N2 ? ? B DG 3   B DG 14  1_555 ? ? ? ? ? ? TYPE_6_PAIR ?     ? ? 
hydrog36 hydrog ? ? B DG 3  O6  ? ? ? 1_555 B DG 14 N1 ? ? B DG 3   B DG 14  1_555 ? ? ? ? ? ? TYPE_6_PAIR ?     ? ? 
hydrog37 hydrog ? ? B DG 4  N1  ? ? ? 1_555 B DG 8  O6 ? ? B DG 4   B DG 8   1_555 ? ? ? ? ? ? TYPE_6_PAIR ?     ? ? 
hydrog38 hydrog ? ? B DG 4  N2  ? ? ? 1_555 B DG 8  N7 ? ? B DG 4   B DG 8   1_555 ? ? ? ? ? ? TYPE_6_PAIR ?     ? ? 
hydrog39 hydrog ? ? B DG 4  N7  ? ? ? 1_555 B DG 15 N2 ? ? B DG 4   B DG 15  1_555 ? ? ? ? ? ? TYPE_6_PAIR ?     ? ? 
hydrog40 hydrog ? ? B DG 4  O6  ? ? ? 1_555 B DG 15 N1 ? ? B DG 4   B DG 15  1_555 ? ? ? ? ? ? TYPE_6_PAIR ?     ? ? 
hydrog41 hydrog ? ? B DG 7  N1  ? ? ? 1_555 B DG 10 O6 ? ? B DG 7   B DG 10  1_555 ? ? ? ? ? ? TYPE_6_PAIR ?     ? ? 
hydrog42 hydrog ? ? B DG 7  N2  ? ? ? 1_555 B DG 10 N7 ? ? B DG 7   B DG 10  1_555 ? ? ? ? ? ? TYPE_6_PAIR ?     ? ? 
hydrog43 hydrog ? ? B DG 8  N1  ? ? ? 1_555 B DG 11 O6 ? ? B DG 8   B DG 11  1_555 ? ? ? ? ? ? TYPE_6_PAIR ?     ? ? 
hydrog44 hydrog ? ? B DG 8  N2  ? ? ? 1_555 B DG 11 N7 ? ? B DG 8   B DG 11  1_555 ? ? ? ? ? ? TYPE_6_PAIR ?     ? ? 
hydrog45 hydrog ? ? B DG 10 N1  ? ? ? 1_555 B DG 14 O6 ? ? B DG 10  B DG 14  1_555 ? ? ? ? ? ? TYPE_6_PAIR ?     ? ? 
hydrog46 hydrog ? ? B DG 10 N2  ? ? ? 1_555 B DG 14 N7 ? ? B DG 10  B DG 14  1_555 ? ? ? ? ? ? TYPE_6_PAIR ?     ? ? 
hydrog47 hydrog ? ? B DG 11 N1  ? ? ? 1_555 B DG 15 O6 ? ? B DG 11  B DG 15  1_555 ? ? ? ? ? ? TYPE_6_PAIR ?     ? ? 
hydrog48 hydrog ? ? B DG 11 N2  ? ? ? 1_555 B DG 15 N7 ? ? B DG 11  B DG 15  1_555 ? ? ? ? ? ? TYPE_6_PAIR ?     ? ? 
# 
loop_
_struct_conn_type.id 
_struct_conn_type.criteria 
_struct_conn_type.reference 
metalc ? ? 
hydrog ? ? 
# 
_atom_sites.entry_id                    7XIE 
_atom_sites.Cartn_transf_matrix[1][1]   ? 
_atom_sites.Cartn_transf_matrix[1][2]   ? 
_atom_sites.Cartn_transf_matrix[1][3]   ? 
_atom_sites.Cartn_transf_matrix[2][1]   ? 
_atom_sites.Cartn_transf_matrix[2][2]   ? 
_atom_sites.Cartn_transf_matrix[2][3]   ? 
_atom_sites.Cartn_transf_matrix[3][1]   ? 
_atom_sites.Cartn_transf_matrix[3][2]   ? 
_atom_sites.Cartn_transf_matrix[3][3]   ? 
_atom_sites.Cartn_transf_vector[1]      ? 
_atom_sites.Cartn_transf_vector[2]      ? 
_atom_sites.Cartn_transf_vector[3]      ? 
_atom_sites.fract_transf_matrix[1][1]   0.02369126 
_atom_sites.fract_transf_matrix[1][2]   -0.01666962 
_atom_sites.fract_transf_matrix[1][3]   -0.02577121 
_atom_sites.fract_transf_matrix[2][1]   -0.00465871 
_atom_sites.fract_transf_matrix[2][2]   0.03299316 
_atom_sites.fract_transf_matrix[2][3]   -0.01821245 
_atom_sites.fract_transf_matrix[3][1]   0.02441813 
_atom_sites.fract_transf_matrix[3][2]   0.00119705 
_atom_sites.fract_transf_matrix[3][3]   0.02913471 
_atom_sites.fract_transf_vector[1]      0.037442 
_atom_sites.fract_transf_vector[2]      -0.444518 
_atom_sites.fract_transf_vector[3]      0.463067 
_atom_sites.solution_primary            ? 
_atom_sites.solution_secondary          ? 
_atom_sites.solution_hydrogens          ? 
_atom_sites.special_details             ? 
# 
loop_
_atom_type.symbol 
_atom_type.scat_dispersion_real 
_atom_type.scat_dispersion_imag 
_atom_type.scat_Cromer_Mann_a1 
_atom_type.scat_Cromer_Mann_a2 
_atom_type.scat_Cromer_Mann_a3 
_atom_type.scat_Cromer_Mann_a4 
_atom_type.scat_Cromer_Mann_b1 
_atom_type.scat_Cromer_Mann_b2 
_atom_type.scat_Cromer_Mann_b3 
_atom_type.scat_Cromer_Mann_b4 
_atom_type.scat_Cromer_Mann_c 
_atom_type.scat_source 
_atom_type.scat_dispersion_source 
C ? ? 3.54356  2.42580 ? ? 25.62398 1.50364  ? ? 0.0 
;2-Gaussian fit: Grosse-Kunstleve RW, Sauter NK, Adams PD: Newsletter of the IUCr Commission on Crystallographic Computing 2004, 3, 22-31.
;
? 
K ? ? 16.37977 2.54835 ? ? 4.54127  84.28225 ? ? 0.0 
;2-Gaussian fit: Grosse-Kunstleve RW, Sauter NK, Adams PD: Newsletter of the IUCr Commission on Crystallographic Computing 2004, 3, 22-31.
;
? 
N ? ? 4.01032  2.96436 ? ? 19.97189 1.75589  ? ? 0.0 
;2-Gaussian fit: Grosse-Kunstleve RW, Sauter NK, Adams PD: Newsletter of the IUCr Commission on Crystallographic Computing 2004, 3, 22-31.
;
? 
O ? ? 4.49882  3.47563 ? ? 15.80542 1.70748  ? ? 0.0 
;2-Gaussian fit: Grosse-Kunstleve RW, Sauter NK, Adams PD: Newsletter of the IUCr Commission on Crystallographic Computing 2004, 3, 22-31.
;
? 
P ? ? 9.51135  5.44231 ? ? 1.42069  35.72801 ? ? 0.0 
;2-Gaussian fit: Grosse-Kunstleve RW, Sauter NK, Adams PD: Newsletter of the IUCr Commission on Crystallographic Computing 2004, 3, 22-31.
;
? 
# 
loop_
_atom_site.group_PDB 
_atom_site.id 
_atom_site.type_symbol 
_atom_site.label_atom_id 
_atom_site.label_alt_id 
_atom_site.label_comp_id 
_atom_site.label_asym_id 
_atom_site.label_entity_id 
_atom_site.label_seq_id 
_atom_site.pdbx_PDB_ins_code 
_atom_site.Cartn_x 
_atom_site.Cartn_y 
_atom_site.Cartn_z 
_atom_site.occupancy 
_atom_site.B_iso_or_equiv 
_atom_site.pdbx_formal_charge 
_atom_site.auth_seq_id 
_atom_site.auth_comp_id 
_atom_site.auth_asym_id 
_atom_site.auth_atom_id 
_atom_site.pdbx_PDB_model_num 
ATOM   1   O "O5'" . DG  A 1 1  ? 2.13501   8.21320   -1.84865  1.000 36.15184 ? 1   DG  A "O5'" 1 
ATOM   2   C "C5'" . DG  A 1 1  ? 2.72293   9.35796   -1.22881  1.000 34.55397 ? 1   DG  A "C5'" 1 
ATOM   3   C "C4'" . DG  A 1 1  ? 3.88754   8.94995   -0.35077  1.000 34.73738 ? 1   DG  A "C4'" 1 
ATOM   4   O "O4'" . DG  A 1 1  ? 3.44434   7.93420   0.58753   1.000 31.44336 ? 1   DG  A "O4'" 1 
ATOM   5   C "C3'" . DG  A 1 1  ? 5.07641   8.34172   -1.10415  1.000 34.35799 ? 1   DG  A "C3'" 1 
ATOM   6   O "O3'" . DG  A 1 1  ? 6.29513   8.84688   -0.58125  1.000 33.24151 ? 1   DG  A "O3'" 1 
ATOM   7   C "C2'" . DG  A 1 1  ? 4.93054   6.85038   -0.82838  1.000 29.79215 ? 1   DG  A "C2'" 1 
ATOM   8   C "C1'" . DG  A 1 1  ? 4.35672   6.87392   0.56994   1.000 30.30952 ? 1   DG  A "C1'" 1 
ATOM   9   N N9    . DG  A 1 1  ? 3.67109   5.64943   0.95401   1.000 29.96369 ? 1   DG  A N9    1 
ATOM   10  C C8    . DG  A 1 1  ? 4.09357   4.74674   1.90919   1.000 27.20565 ? 1   DG  A C8    1 
ATOM   11  N N7    . DG  A 1 1  ? 3.28166   3.73969   2.06398   1.000 28.96059 ? 1   DG  A N7    1 
ATOM   12  C C5    . DG  A 1 1  ? 2.25091   3.98997   1.17368   1.000 27.42356 ? 1   DG  A C5    1 
ATOM   13  C C6    . DG  A 1 1  ? 1.08397   3.23864   0.90853   1.000 27.33901 ? 1   DG  A C6    1 
ATOM   14  O O6    . DG  A 1 1  ? 0.73128   2.16164   1.42139   1.000 25.42097 ? 1   DG  A O6    1 
ATOM   15  N N1    . DG  A 1 1  ? 0.29178   3.84417   -0.06935  1.000 26.34662 ? 1   DG  A N1    1 
ATOM   16  C C2    . DG  A 1 1  ? 0.59890   5.03339   -0.71403  1.000 29.03660 ? 1   DG  A C2    1 
ATOM   17  N N2    . DG  A 1 1  ? -0.29262  5.46666   -1.63287  1.000 27.82406 ? 1   DG  A N2    1 
ATOM   18  N N3    . DG  A 1 1  ? 1.69043   5.74957   -0.46937  1.000 28.66787 ? 1   DG  A N3    1 
ATOM   19  C C4    . DG  A 1 1  ? 2.47317   5.16899   0.47865   1.000 27.94082 ? 1   DG  A C4    1 
ATOM   20  P P     . DG  A 1 2  ? 7.68160   8.57321   -1.34745  1.000 37.29446 ? 2   DG  A P     1 
ATOM   21  O OP1   . DG  A 1 2  ? 8.67840   9.52666   -0.81633  1.000 42.50652 ? 2   DG  A OP1   1 
ATOM   22  O OP2   . DG  A 1 2  ? 7.40961   8.48965   -2.79599  1.000 36.78714 ? 2   DG  A OP2   1 
ATOM   23  O "O5'" . DG  A 1 2  ? 8.12585   7.13183   -0.83693  1.000 35.65596 ? 2   DG  A "O5'" 1 
ATOM   24  C "C5'" . DG  A 1 2  ? 8.44633   6.95390   0.53257   1.000 35.32019 ? 2   DG  A "C5'" 1 
ATOM   25  C "C4'" . DG  A 1 2  ? 8.59598   5.48554   0.86023   1.000 32.61088 ? 2   DG  A "C4'" 1 
ATOM   26  O "O4'" . DG  A 1 2  ? 7.29839   4.82098   0.81158   1.000 32.32282 ? 2   DG  A "O4'" 1 
ATOM   27  C "C3'" . DG  A 1 2  ? 9.49861   4.69318   -0.08810  1.000 34.20417 ? 2   DG  A "C3'" 1 
ATOM   28  O "O3'" . DG  A 1 2  ? 10.26527  3.80422   0.68961   1.000 40.60425 ? 2   DG  A "O3'" 1 
ATOM   29  C "C2'" . DG  A 1 2  ? 8.48640   3.92585   -0.94063  1.000 30.65935 ? 2   DG  A "C2'" 1 
ATOM   30  C "C1'" . DG  A 1 2  ? 7.47525   3.60481   0.13074   1.000 30.28681 ? 2   DG  A "C1'" 1 
ATOM   31  N N9    . DG  A 1 2  ? 6.18954   3.10656   -0.34866  1.000 28.31122 ? 2   DG  A N9    1 
ATOM   32  C C8    . DG  A 1 2  ? 5.41799   3.61348   -1.36736  1.000 29.28224 ? 2   DG  A C8    1 
ATOM   33  N N7    . DG  A 1 2  ? 4.31596   2.94499   -1.55827  1.000 28.66752 ? 2   DG  A N7    1 
ATOM   34  C C5    . DG  A 1 2  ? 4.36197   1.93545   -0.60739  1.000 26.53432 ? 2   DG  A C5    1 
ATOM   35  C C6    . DG  A 1 2  ? 3.43833   0.90358   -0.33212  1.000 24.27089 ? 2   DG  A C6    1 
ATOM   36  O O6    . DG  A 1 2  ? 2.36314   0.67104   -0.90288  1.000 22.47040 ? 2   DG  A O6    1 
ATOM   37  N N1    . DG  A 1 2  ? 3.87419   0.08355   0.71738   1.000 26.21008 ? 2   DG  A N1    1 
ATOM   38  C C2    . DG  A 1 2  ? 5.06024   0.26072   1.41491   1.000 26.79188 ? 2   DG  A C2    1 
ATOM   39  N N2    . DG  A 1 2  ? 5.32455   -0.61686  2.40416   1.000 24.75914 ? 2   DG  A N2    1 
ATOM   40  N N3    . DG  A 1 2  ? 5.92124   1.22699   1.16257   1.000 25.16278 ? 2   DG  A N3    1 
ATOM   41  C C4    . DG  A 1 2  ? 5.50873   2.02492   0.14317   1.000 26.61047 ? 2   DG  A C4    1 
ATOM   42  P P     . DG  A 1 3  ? 11.66403  3.23280   0.16833   1.000 42.41459 ? 3   DG  A P     1 
ATOM   43  O OP1   . DG  A 1 3  ? 12.72082  4.00018   0.86294   1.000 46.69878 ? 3   DG  A OP1   1 
ATOM   44  O OP2   . DG  A 1 3  ? 11.62363  3.13526   -1.29494  1.000 42.28976 ? 3   DG  A OP2   1 
ATOM   45  O "O5'" . DG  A 1 3  ? 11.67211  1.72705   0.70588   1.000 40.20828 ? 3   DG  A "O5'" 1 
ATOM   46  C "C5'" . DG  A 1 3  ? 11.45549  1.46070   2.07377   1.000 39.38732 ? 3   DG  A "C5'" 1 
ATOM   47  C "C4'" . DG  A 1 3  ? 11.05562  0.00454   2.28632   1.000 40.24677 ? 3   DG  A "C4'" 1 
ATOM   48  O "O4'" . DG  A 1 3  ? 9.68091   -0.19863  1.85458   1.000 35.77044 ? 3   DG  A "O4'" 1 
ATOM   49  C "C3'" . DG  A 1 3  ? 11.89640  -1.03140  1.53061   1.000 35.37408 ? 3   DG  A "C3'" 1 
ATOM   50  O "O3'" . DG  A 1 3  ? 12.23195  -2.11134  2.40928   1.000 39.10471 ? 3   DG  A "O3'" 1 
ATOM   51  C "C2'" . DG  A 1 3  ? 10.96078  -1.49915  0.41567   1.000 32.97413 ? 3   DG  A "C2'" 1 
ATOM   52  C "C1'" . DG  A 1 3  ? 9.60180   -1.36995  1.08279   1.000 29.39226 ? 3   DG  A "C1'" 1 
ATOM   53  N N9    . DG  A 1 3  ? 8.49891   -1.21885  0.14284   1.000 29.13927 ? 3   DG  A N9    1 
ATOM   54  C C8    . DG  A 1 3  ? 8.31098   -0.18422  -0.74893  1.000 28.36049 ? 3   DG  A C8    1 
ATOM   55  N N7    . DG  A 1 3  ? 7.22866   -0.30599  -1.47358  1.000 26.62013 ? 3   DG  A N7    1 
ATOM   56  C C5    . DG  A 1 3  ? 6.65874   -1.49068  -1.03535  1.000 25.74939 ? 3   DG  A C5    1 
ATOM   57  C C6    . DG  A 1 3  ? 5.46902   -2.12717  -1.45061  1.000 26.77156 ? 3   DG  A C6    1 
ATOM   58  O O6    . DG  A 1 3  ? 4.65962   -1.75160  -2.32823  1.000 25.55371 ? 3   DG  A O6    1 
ATOM   59  N N1    . DG  A 1 3  ? 5.24696   -3.31113  -0.74588  1.000 23.29448 ? 3   DG  A N1    1 
ATOM   60  C C2    . DG  A 1 3  ? 6.07324   -3.81183  0.23970   1.000 28.87393 ? 3   DG  A C2    1 
ATOM   61  N N2    . DG  A 1 3  ? 5.69495   -4.97612  0.80318   1.000 25.60652 ? 3   DG  A N2    1 
ATOM   62  N N3    . DG  A 1 3  ? 7.19615   -3.21711  0.64343   1.000 27.24741 ? 3   DG  A N3    1 
ATOM   63  C C4    . DG  A 1 3  ? 7.42105   -2.06259  -0.02736  1.000 27.15742 ? 3   DG  A C4    1 
ATOM   64  P P     . DG  A 1 4  ? 13.32588  -3.20034  1.96566   1.000 40.26055 ? 4   DG  A P     1 
ATOM   65  O OP1   . DG  A 1 4  ? 14.12361  -3.52767  3.17181   1.000 44.89249 ? 4   DG  A OP1   1 
ATOM   66  O OP2   . DG  A 1 4  ? 13.98745  -2.71426  0.73571   1.000 37.93052 ? 4   DG  A OP2   1 
ATOM   67  O "O5'" . DG  A 1 4  ? 12.46565  -4.46720  1.50333   1.000 36.32010 ? 4   DG  A "O5'" 1 
ATOM   68  C "C5'" . DG  A 1 4  ? 11.85820  -5.29123  2.46531   1.000 39.05144 ? 4   DG  A "C5'" 1 
ATOM   69  C "C4'" . DG  A 1 4  ? 11.21620  -6.50389  1.81598   1.000 36.05104 ? 4   DG  A "C4'" 1 
ATOM   70  O "O4'" . DG  A 1 4  ? 10.04974  -6.09922  1.05283   1.000 34.56003 ? 4   DG  A "O4'" 1 
ATOM   71  C "C3'" . DG  A 1 4  ? 12.09923  -7.28765  0.84150   1.000 31.17078 ? 4   DG  A "C3'" 1 
ATOM   72  O "O3'" . DG  A 1 4  ? 11.85343  -8.67199  1.01785   1.000 34.79032 ? 4   DG  A "O3'" 1 
ATOM   73  C "C2'" . DG  A 1 4  ? 11.57878  -6.81495  -0.52482  1.000 37.02238 ? 4   DG  A "C2'" 1 
ATOM   74  C "C1'" . DG  A 1 4  ? 10.09881  -6.71859  -0.21210  1.000 33.83699 ? 4   DG  A "C1'" 1 
ATOM   75  N N9    . DG  A 1 4  ? 9.33530   -5.89478  -1.13153  1.000 32.46862 ? 4   DG  A N9    1 
ATOM   76  C C8    . DG  A 1 4  ? 9.66726   -4.63842  -1.57851  1.000 31.74379 ? 4   DG  A C8    1 
ATOM   77  N N7    . DG  A 1 4  ? 8.77688   -4.12267  -2.37996  1.000 32.63418 ? 4   DG  A N7    1 
ATOM   78  C C5    . DG  A 1 4  ? 7.78896   -5.09477  -2.45612  1.000 26.79079 ? 4   DG  A C5    1 
ATOM   79  C C6    . DG  A 1 4  ? 6.58878   -5.08458  -3.17496  1.000 28.05475 ? 4   DG  A C6    1 
ATOM   80  O O6    . DG  A 1 4  ? 6.15791   -4.17880  -3.90143  1.000 26.38016 ? 4   DG  A O6    1 
ATOM   81  N N1    . DG  A 1 4  ? 5.86236   -6.26640  -2.99726  1.000 26.57703 ? 4   DG  A N1    1 
ATOM   82  C C2    . DG  A 1 4  ? 6.26892   -7.32505  -2.20469  1.000 31.18633 ? 4   DG  A C2    1 
ATOM   83  N N2    . DG  A 1 4  ? 5.44104   -8.38157  -2.14675  1.000 29.14531 ? 4   DG  A N2    1 
ATOM   84  N N3    . DG  A 1 4  ? 7.41102   -7.34289  -1.52308  1.000 23.70658 ? 4   DG  A N3    1 
ATOM   85  C C4    . DG  A 1 4  ? 8.11532   -6.19342  -1.69423  1.000 27.49467 ? 4   DG  A C4    1 
ATOM   86  P P     . DT  A 1 5  ? 12.48644  -9.47108  2.27186   1.000 31.68800 ? 5   DT  A P     1 
ATOM   87  O OP1   . DT  A 1 5  ? 13.85867  -8.96659  2.40260   1.000 30.29231 ? 5   DT  A OP1   1 
ATOM   88  O OP2   . DT  A 1 5  ? 12.16780  -10.90212 2.08056   1.000 31.45640 ? 5   DT  A OP2   1 
ATOM   89  O "O5'" . DT  A 1 5  ? 11.62720  -8.99866  3.53040   1.000 34.85441 ? 5   DT  A "O5'" 1 
ATOM   90  C "C5'" . DT  A 1 5  ? 10.27750  -9.41975  3.67294   1.000 34.99478 ? 5   DT  A "C5'" 1 
ATOM   91  C "C4'" . DT  A 1 5  ? 9.70640   -8.97329  5.01532   1.000 36.39625 ? 5   DT  A "C4'" 1 
ATOM   92  O "O4'" . DT  A 1 5  ? 10.19749  -9.83766  6.05849   1.000 34.84188 ? 5   DT  A "O4'" 1 
ATOM   93  C "C3'" . DT  A 1 5  ? 10.06831  -7.55483  5.45440   1.000 39.51644 ? 5   DT  A "C3'" 1 
ATOM   94  O "O3'" . DT  A 1 5  ? 9.02235   -7.02264  6.25551   1.000 45.95320 ? 5   DT  A "O3'" 1 
ATOM   95  C "C2'" . DT  A 1 5  ? 11.32391  -7.77654  6.28704   1.000 35.87209 ? 5   DT  A "C2'" 1 
ATOM   96  C "C1'" . DT  A 1 5  ? 11.00429  -9.09865  6.96017   1.000 37.27426 ? 5   DT  A "C1'" 1 
ATOM   97  N N1    . DT  A 1 5  ? 12.20877  -9.89779  7.28175   1.000 34.47022 ? 5   DT  A N1    1 
ATOM   98  C C2    . DT  A 1 5  ? 12.57302  -10.04123 8.59890   1.000 38.86373 ? 5   DT  A C2    1 
ATOM   99  O O2    . DT  A 1 5  ? 11.95000  -9.54574  9.51532   1.000 37.15044 ? 5   DT  A O2    1 
ATOM   100 N N3    . DT  A 1 5  ? 13.69702  -10.79457 8.80476   1.000 33.12942 ? 5   DT  A N3    1 
ATOM   101 C C4    . DT  A 1 5  ? 14.48285  -11.39858 7.84480   1.000 34.98385 ? 5   DT  A C4    1 
ATOM   102 O O4    . DT  A 1 5  ? 15.47973  -12.05892 8.13068   1.000 39.24276 ? 5   DT  A O4    1 
ATOM   103 C C5    . DT  A 1 5  ? 14.05209  -11.20770 6.48112   1.000 32.49908 ? 5   DT  A C5    1 
ATOM   104 C C7    . DT  A 1 5  ? 14.83327  -11.82728 5.35478   1.000 27.08579 ? 5   DT  A C7    1 
ATOM   105 C C6    . DT  A 1 5  ? 12.94517  -10.47404 6.26581   1.000 32.62815 ? 5   DT  A C6    1 
ATOM   106 P P     . DG  A 1 6  ? 8.58650   -5.47960  6.12440   1.000 39.57523 ? 6   DG  A P     1 
ATOM   107 O OP1   . DG  A 1 6  ? 9.10349   -4.92427  4.85106   1.000 41.23251 ? 6   DG  A OP1   1 
ATOM   108 O OP2   . DG  A 1 6  ? 8.93302   -4.84377  7.41116   1.000 40.41810 ? 6   DG  A OP2   1 
ATOM   109 O "O5'" . DG  A 1 6  ? 6.99425   -5.56831  5.98718   1.000 32.34097 ? 6   DG  A "O5'" 1 
ATOM   110 C "C5'" . DG  A 1 6  ? 6.23152   -6.19532  6.99807   1.000 36.12367 ? 6   DG  A "C5'" 1 
ATOM   111 C "C4'" . DG  A 1 6  ? 4.97066   -6.78011  6.40333   1.000 35.92675 ? 6   DG  A "C4'" 1 
ATOM   112 O "O4'" . DG  A 1 6  ? 4.14980   -5.70547  5.88772   1.000 31.09905 ? 6   DG  A "O4'" 1 
ATOM   113 C "C3'" . DG  A 1 6  ? 5.21663   -7.73156  5.23828   1.000 33.07941 ? 6   DG  A "C3'" 1 
ATOM   114 O "O3'" . DG  A 1 6  ? 4.72466   -9.00345  5.53417   1.000 35.20061 ? 6   DG  A "O3'" 1 
ATOM   115 C "C2'" . DG  A 1 6  ? 4.45662   -7.12622  4.06443   1.000 31.72743 ? 6   DG  A "C2'" 1 
ATOM   116 C "C1'" . DG  A 1 6  ? 3.51913   -6.11964  4.71308   1.000 31.46769 ? 6   DG  A "C1'" 1 
ATOM   117 N N9    . DG  A 1 6  ? 3.34006   -4.95607  3.85252   1.000 24.47855 ? 6   DG  A N9    1 
ATOM   118 C C8    . DG  A 1 6  ? 4.20377   -3.89668  3.72183   1.000 25.86269 ? 6   DG  A C8    1 
ATOM   119 N N7    . DG  A 1 6  ? 3.81230   -3.01513  2.83749   1.000 28.93377 ? 6   DG  A N7    1 
ATOM   120 C C5    . DG  A 1 6  ? 2.62566   -3.53576  2.34248   1.000 21.98941 ? 6   DG  A C5    1 
ATOM   121 C C6    . DG  A 1 6  ? 1.76302   -3.01761  1.36485   1.000 24.86171 ? 6   DG  A C6    1 
ATOM   122 O O6    . DG  A 1 6  ? 1.89274   -1.95190  0.73022   1.000 22.79531 ? 6   DG  A O6    1 
ATOM   123 N N1    . DG  A 1 6  ? 0.66568   -3.85908  1.14117   1.000 25.08719 ? 6   DG  A N1    1 
ATOM   124 C C2    . DG  A 1 6  ? 0.43744   -5.05429  1.80619   1.000 26.97138 ? 6   DG  A C2    1 
ATOM   125 N N2    . DG  A 1 6  ? -0.67999  -5.72662  1.46936   1.000 25.19003 ? 6   DG  A N2    1 
ATOM   126 N N3    . DG  A 1 6  ? 1.24625   -5.54767  2.73831   1.000 24.34711 ? 6   DG  A N3    1 
ATOM   127 C C4    . DG  A 1 6  ? 2.32172   -4.73745  2.95005   1.000 28.19195 ? 6   DG  A C4    1 
ATOM   128 P P     . DG  A 1 7  ? 4.98911   -10.20502 4.50242   1.000 41.94797 ? 7   DG  A P     1 
ATOM   129 O OP1   . DG  A 1 7  ? 4.97459   -11.43566 5.32387   1.000 38.98304 ? 7   DG  A OP1   1 
ATOM   130 O OP2   . DG  A 1 7  ? 6.13624   -9.85518  3.64610   1.000 36.65406 ? 7   DG  A OP2   1 
ATOM   131 O "O5'" . DG  A 1 7  ? 3.71722   -10.18318 3.54144   1.000 33.99565 ? 7   DG  A "O5'" 1 
ATOM   132 C "C5'" . DG  A 1 7  ? 2.45126   -10.54334 4.03453   1.000 29.05136 ? 7   DG  A "C5'" 1 
ATOM   133 C "C4'" . DG  A 1 7  ? 1.45686   -10.67831 2.89672   1.000 32.29050 ? 7   DG  A "C4'" 1 
ATOM   134 O "O4'" . DG  A 1 7  ? 1.26571   -9.38508  2.24922   1.000 30.17435 ? 7   DG  A "O4'" 1 
ATOM   135 C "C3'" . DG  A 1 7  ? 1.85643   -11.66159 1.79705   1.000 30.04022 ? 7   DG  A "C3'" 1 
ATOM   136 O "O3'" . DG  A 1 7  ? 0.71515   -12.44743 1.43533   1.000 34.79638 ? 7   DG  A "O3'" 1 
ATOM   137 C "C2'" . DG  A 1 7  ? 2.32365   -10.74982 0.65217   1.000 31.49317 ? 7   DG  A "C2'" 1 
ATOM   138 C "C1'" . DG  A 1 7  ? 1.43975   -9.52004  0.84970   1.000 31.91589 ? 7   DG  A "C1'" 1 
ATOM   139 N N9    . DG  A 1 7  ? 2.01542   -8.27370  0.33340   1.000 27.06967 ? 7   DG  A N9    1 
ATOM   140 C C8    . DG  A 1 7  ? 3.18193   -7.66601  0.73166   1.000 28.57259 ? 7   DG  A C8    1 
ATOM   141 N N7    . DG  A 1 7  ? 3.42456   -6.54775  0.10797   1.000 26.77582 ? 7   DG  A N7    1 
ATOM   142 C C5    . DG  A 1 7  ? 2.35205   -6.40529  -0.76497  1.000 25.55651 ? 7   DG  A C5    1 
ATOM   143 C C6    . DG  A 1 7  ? 2.06736   -5.38277  -1.70744  1.000 27.45617 ? 7   DG  A C6    1 
ATOM   144 O O6    . DG  A 1 7  ? 2.73210   -4.37023  -1.96689  1.000 26.72035 ? 7   DG  A O6    1 
ATOM   145 N N1    . DG  A 1 7  ? 0.88100   -5.62424  -2.38204  1.000 22.81957 ? 7   DG  A N1    1 
ATOM   146 C C2    . DG  A 1 7  ? 0.06803   -6.71139  -2.17441  1.000 27.68318 ? 7   DG  A C2    1 
ATOM   147 N N2    . DG  A 1 7  ? -1.04641  -6.77637  -2.92431  1.000 24.15004 ? 7   DG  A N2    1 
ATOM   148 N N3    . DG  A 1 7  ? 0.32125   -7.66920  -1.29314  1.000 22.76494 ? 7   DG  A N3    1 
ATOM   149 C C4    . DG  A 1 7  ? 1.47207   -7.44954  -0.62836  1.000 26.29362 ? 7   DG  A C4    1 
ATOM   150 P P     . DG  A 1 8  ? 0.75076   -13.43715 0.16849   1.000 35.37779 ? 8   DG  A P     1 
ATOM   151 O OP1   . DG  A 1 8  ? -0.24525  -14.49606 0.41675   1.000 36.46080 ? 8   DG  A OP1   1 
ATOM   152 O OP2   . DG  A 1 8  ? 2.15867   -13.79183 -0.14136  1.000 32.60573 ? 8   DG  A OP2   1 
ATOM   153 O "O5'" . DG  A 1 8  ? 0.20113   -12.53710 -1.02792  1.000 31.96103 ? 8   DG  A "O5'" 1 
ATOM   154 C "C5'" . DG  A 1 8  ? -1.19233  -12.49543 -1.29535  1.000 36.28048 ? 8   DG  A "C5'" 1 
ATOM   155 C "C4'" . DG  A 1 8  ? -1.43913  -12.12172 -2.74775  1.000 37.97676 ? 8   DG  A "C4'" 1 
ATOM   156 O "O4'" . DG  A 1 8  ? -0.85661  -10.82216 -3.00433  1.000 35.94703 ? 8   DG  A "O4'" 1 
ATOM   157 C "C3'" . DG  A 1 8  ? -0.80280  -13.07313 -3.77264  1.000 39.14608 ? 8   DG  A "C3'" 1 
ATOM   158 O "O3'" . DG  A 1 8  ? -1.67293  -13.26711 -4.88878  1.000 41.93092 ? 8   DG  A "O3'" 1 
ATOM   159 C "C2'" . DG  A 1 8  ? 0.45920   -12.31825 -4.18916  1.000 36.81765 ? 8   DG  A "C2'" 1 
ATOM   160 C "C1'" . DG  A 1 8  ? -0.06649  -10.89751 -4.16974  1.000 34.71280 ? 8   DG  A "C1'" 1 
ATOM   161 N N9    . DG  A 1 8  ? 0.96299   -9.87763  -4.07665  1.000 32.60434 ? 8   DG  A N9    1 
ATOM   162 C C8    . DG  A 1 8  ? 2.00083   -9.84023  -3.17972  1.000 30.37612 ? 8   DG  A C8    1 
ATOM   163 N N7    . DG  A 1 8  ? 2.75917   -8.79015  -3.31488  1.000 29.54100 ? 8   DG  A N7    1 
ATOM   164 C C5    . DG  A 1 8  ? 2.18682   -8.08518  -4.36437  1.000 27.60630 ? 8   DG  A C5    1 
ATOM   165 C C6    . DG  A 1 8  ? 2.57350   -6.86197  -4.94592  1.000 26.57242 ? 8   DG  A C6    1 
ATOM   166 O O6    . DG  A 1 8  ? 3.53802   -6.14399  -4.63452  1.000 22.53025 ? 8   DG  A O6    1 
ATOM   167 N N1    . DG  A 1 8  ? 1.71757   -6.49216  -6.00347  1.000 26.82397 ? 8   DG  A N1    1 
ATOM   168 C C2    . DG  A 1 8  ? 0.61940   -7.22302  -6.41340  1.000 29.62383 ? 8   DG  A C2    1 
ATOM   169 N N2    . DG  A 1 8  ? -0.10355  -6.71350  -7.43865  1.000 25.47498 ? 8   DG  A N2    1 
ATOM   170 N N3    . DG  A 1 8  ? 0.25195   -8.36450  -5.86231  1.000 28.12287 ? 8   DG  A N3    1 
ATOM   171 C C4    . DG  A 1 8  ? 1.07673   -8.73542  -4.84598  1.000 26.67015 ? 8   DG  A C4    1 
ATOM   172 P P     . DG  A 1 9  ? -3.16659  -13.83477 -4.70479  1.000 45.69578 ? 9   DG  A P     1 
ATOM   173 O OP1   . DG  A 1 9  ? -3.23766  -14.69859 -3.50453  1.000 42.47800 ? 9   DG  A OP1   1 
ATOM   174 O OP2   . DG  A 1 9  ? -3.56638  -14.35498 -6.02637  1.000 56.63089 ? 9   DG  A OP2   1 
ATOM   175 O "O5'" . DG  A 1 9  ? -4.02914  -12.51590 -4.43780  1.000 53.68408 ? 9   DG  A "O5'" 1 
ATOM   176 C "C5'" . DG  A 1 9  ? -5.40876  -12.50607 -4.68615  1.000 49.73277 ? 9   DG  A "C5'" 1 
ATOM   177 C "C4'" . DG  A 1 9  ? -5.71371  -11.94716 -6.06300  1.000 51.62198 ? 9   DG  A "C4'" 1 
ATOM   178 O "O4'" . DG  A 1 9  ? -6.97566  -12.50355 -6.48431  1.000 56.95484 ? 9   DG  A "O4'" 1 
ATOM   179 C "C3'" . DG  A 1 9  ? -5.98536  -10.45488 -6.09633  1.000 49.57260 ? 9   DG  A "C3'" 1 
ATOM   180 O "O3'" . DG  A 1 9  ? -6.19936  -10.02183 -7.47313  1.000 50.37630 ? 9   DG  A "O3'" 1 
ATOM   181 C "C2'" . DG  A 1 9  ? -7.30990  -10.45521 -5.35462  1.000 47.30147 ? 9   DG  A "C2'" 1 
ATOM   182 C "C1'" . DG  A 1 9  ? -8.00119  -11.58983 -6.11915  1.000 53.54949 ? 9   DG  A "C1'" 1 
ATOM   183 N N9    . DG  A 1 9  ? -9.02159  -12.31343 -5.37579  1.000 54.58153 ? 9   DG  A N9    1 
ATOM   184 C C8    . DG  A 1 9  ? -9.18978  -12.38395 -4.00981  1.000 50.82677 ? 9   DG  A C8    1 
ATOM   185 N N7    . DG  A 1 9  ? -10.21288 -13.12559 -3.65588  1.000 53.45780 ? 9   DG  A N7    1 
ATOM   186 C C5    . DG  A 1 9  ? -10.74474 -13.57011 -4.87023  1.000 49.52407 ? 9   DG  A C5    1 
ATOM   187 C C6    . DG  A 1 9  ? -11.85795 -14.40574 -5.13530  1.000 48.04922 ? 9   DG  A C6    1 
ATOM   188 O O6    . DG  A 1 9  ? -12.62592 -14.93882 -4.32403  1.000 50.32018 ? 9   DG  A O6    1 
ATOM   189 N N1    . DG  A 1 9  ? -12.04348 -14.60230 -6.50724  1.000 44.65352 ? 9   DG  A N1    1 
ATOM   190 C C2    . DG  A 1 9  ? -11.25141 -14.05839 -7.49177  1.000 47.11622 ? 9   DG  A C2    1 
ATOM   191 N N2    . DG  A 1 9  ? -11.57758 -14.35516 -8.76112  1.000 46.87542 ? 9   DG  A N2    1 
ATOM   192 N N3    . DG  A 1 9  ? -10.20878 -13.27839 -7.25243  1.000 50.67262 ? 9   DG  A N3    1 
ATOM   193 C C4    . DG  A 1 9  ? -10.01705 -13.08004 -5.92745  1.000 49.94192 ? 9   DG  A C4    1 
ATOM   194 P P     . DG  A 1 10 ? -4.98948  -9.54930  -8.43025  1.000 53.54493 ? 10  DG  A P     1 
ATOM   195 O OP1   . DG  A 1 10 ? -5.47867  -9.67691  -9.82317  1.000 52.95864 ? 10  DG  A OP1   1 
ATOM   196 O OP2   . DG  A 1 10 ? -3.74150  -10.23440 -8.03232  1.000 48.69343 ? 10  DG  A OP2   1 
ATOM   197 O "O5'" . DG  A 1 10 ? -4.82343  -7.98724  -8.12199  1.000 45.19810 ? 10  DG  A "O5'" 1 
ATOM   198 C "C5'" . DG  A 1 10 ? -5.86782  -7.09417  -8.41465  1.000 39.11006 ? 10  DG  A "C5'" 1 
ATOM   199 C "C4'" . DG  A 1 10 ? -5.31395  -5.71923  -8.73415  1.000 39.02490 ? 10  DG  A "C4'" 1 
ATOM   200 O "O4'" . DG  A 1 10 ? -4.90694  -5.07346  -7.52144  1.000 35.56764 ? 10  DG  A "O4'" 1 
ATOM   201 C "C3'" . DG  A 1 10 ? -4.07258  -5.70846  -9.60327  1.000 38.78820 ? 10  DG  A "C3'" 1 
ATOM   202 O "O3'" . DG  A 1 10 ? -4.45603  -5.73518  -10.97198 1.000 41.21763 ? 10  DG  A "O3'" 1 
ATOM   203 C "C2'" . DG  A 1 10 ? -3.42255  -4.37178  -9.23945  1.000 35.58379 ? 10  DG  A "C2'" 1 
ATOM   204 C "C1'" . DG  A 1 10 ? -3.91987  -4.11076  -7.80930  1.000 34.05578 ? 10  DG  A "C1'" 1 
ATOM   205 N N9    . DG  A 1 10 ? -2.87197  -4.21513  -6.79686  1.000 32.58317 ? 10  DG  A N9    1 
ATOM   206 C C8    . DG  A 1 10 ? -2.71408  -5.21180  -5.86705  1.000 30.04670 ? 10  DG  A C8    1 
ATOM   207 N N7    . DG  A 1 10 ? -1.68175  -5.03818  -5.08314  1.000 28.46579 ? 10  DG  A N7    1 
ATOM   208 C C5    . DG  A 1 10 ? -1.12032  -3.85236  -5.52791  1.000 26.38765 ? 10  DG  A C5    1 
ATOM   209 C C6    . DG  A 1 10 ? 0.01692   -3.16427  -5.06671  1.000 27.25611 ? 10  DG  A C6    1 
ATOM   210 O O6    . DG  A 1 10 ? 0.78172   -3.48423  -4.14068  1.000 22.60822 ? 10  DG  A O6    1 
ATOM   211 N N1    . DG  A 1 10 ? 0.24382   -1.99884  -5.79606  1.000 23.60974 ? 10  DG  A N1    1 
ATOM   212 C C2    . DG  A 1 10 ? -0.54847  -1.56013  -6.84336  1.000 30.00630 ? 10  DG  A C2    1 
ATOM   213 N N2    . DG  A 1 10 ? -0.18427  -0.41547  -7.42891  1.000 28.33330 ? 10  DG  A N2    1 
ATOM   214 N N3    . DG  A 1 10 ? -1.61952  -2.20310  -7.28400  1.000 26.08110 ? 10  DG  A N3    1 
ATOM   215 C C4    . DG  A 1 10 ? -1.84246  -3.33477  -6.58620  1.000 30.49230 ? 10  DG  A C4    1 
ATOM   216 P P     . DG  A 1 11 ? -3.36742  -6.03943  -12.11664 1.000 43.52832 ? 11  DG  A P     1 
ATOM   217 O OP1   . DG  A 1 11 ? -4.13079  -6.17193  -13.38017 1.000 39.93829 ? 11  DG  A OP1   1 
ATOM   218 O OP2   . DG  A 1 11 ? -2.44655  -7.10721  -11.64424 1.000 39.34031 ? 11  DG  A OP2   1 
ATOM   219 O "O5'" . DG  A 1 11 ? -2.53610  -4.68614  -12.23290 1.000 39.94865 ? 11  DG  A "O5'" 1 
ATOM   220 C "C5'" . DG  A 1 11 ? -3.13848  -3.55681  -12.82454 1.000 36.09637 ? 11  DG  A "C5'" 1 
ATOM   221 C "C4'" . DG  A 1 11 ? -2.11200  -2.49344  -13.16259 1.000 40.12535 ? 11  DG  A "C4'" 1 
ATOM   222 O "O4'" . DG  A 1 11 ? -1.35692  -2.15663  -11.97724 1.000 35.11611 ? 11  DG  A "O4'" 1 
ATOM   223 C "C3'" . DG  A 1 11 ? -1.06163  -2.88131  -14.19275 1.000 36.54991 ? 11  DG  A "C3'" 1 
ATOM   224 O "O3'" . DG  A 1 11 ? -0.51211  -1.70083  -14.75027 1.000 40.97185 ? 11  DG  A "O3'" 1 
ATOM   225 C "C2'" . DG  A 1 11 ? -0.02276  -3.53936  -13.30815 1.000 35.35971 ? 11  DG  A "C2'" 1 
ATOM   226 C "C1'" . DG  A 1 11 ? -0.01086  -2.54837  -12.15577 1.000 35.79899 ? 11  DG  A "C1'" 1 
ATOM   227 N N9    . DG  A 1 11 ? 0.45425   -3.10698  -10.89592 1.000 28.87309 ? 11  DG  A N9    1 
ATOM   228 C C8    . DG  A 1 11 ? 0.00366   -4.25398  -10.28803 1.000 32.79570 ? 11  DG  A C8    1 
ATOM   229 N N7    . DG  A 1 11 ? 0.58581   -4.49605  -9.13819  1.000 30.62462 ? 11  DG  A N7    1 
ATOM   230 C C5    . DG  A 1 11 ? 1.47126   -3.43928  -8.97569  1.000 26.35359 ? 11  DG  A C5    1 
ATOM   231 C C6    . DG  A 1 11 ? 2.37591   -3.17297  -7.93253  1.000 29.37125 ? 11  DG  A C6    1 
ATOM   232 O O6    . DG  A 1 11 ? 2.56903   -3.83014  -6.91040  1.000 27.09191 ? 11  DG  A O6    1 
ATOM   233 N N1    . DG  A 1 11 ? 3.09057   -2.00082  -8.15131  1.000 31.69797 ? 11  DG  A N1    1 
ATOM   234 C C2    . DG  A 1 11 ? 2.95254   -1.18525  -9.24729  1.000 29.16811 ? 11  DG  A C2    1 
ATOM   235 N N2    . DG  A 1 11 ? 3.73893   -0.09380  -9.27153  1.000 28.53519 ? 11  DG  A N2    1 
ATOM   236 N N3    . DG  A 1 11 ? 2.10374   -1.42458  -10.25276 1.000 28.79885 ? 11  DG  A N3    1 
ATOM   237 C C4    . DG  A 1 11 ? 1.39902   -2.56803  -10.04886 1.000 31.42419 ? 11  DG  A C4    1 
ATOM   238 P P     . DT  A 1 12 ? -1.32758  -0.80464  -15.80075 1.000 41.60546 ? 12  DT  A P     1 
ATOM   239 O OP1   . DT  A 1 12 ? -2.25808  -1.68867  -16.53514 1.000 36.31522 ? 12  DT  A OP1   1 
ATOM   240 O OP2   . DT  A 1 12 ? -0.29801  0.01584   -16.49018 1.000 34.58359 ? 12  DT  A OP2   1 
ATOM   241 O "O5'" . DT  A 1 12 ? -2.18656  0.19636   -14.88407 1.000 41.36149 ? 12  DT  A "O5'" 1 
ATOM   242 C "C5'" . DT  A 1 12 ? -1.52257  1.13561   -14.04931 1.000 37.40491 ? 12  DT  A "C5'" 1 
ATOM   243 C "C4'" . DT  A 1 12 ? -2.50364  2.14315   -13.48202 1.000 38.89134 ? 12  DT  A "C4'" 1 
ATOM   244 O "O4'" . DT  A 1 12 ? -3.01032  2.98825   -14.54412 1.000 36.65143 ? 12  DT  A "O4'" 1 
ATOM   245 C "C3'" . DT  A 1 12 ? -3.73039  1.54668   -12.80675 1.000 39.75712 ? 12  DT  A "C3'" 1 
ATOM   246 O "O3'" . DT  A 1 12 ? -4.11346  2.37228   -11.72229 1.000 40.15222 ? 12  DT  A "O3'" 1 
ATOM   247 C "C2'" . DT  A 1 12 ? -4.77651  1.56466   -13.92244 1.000 36.39939 ? 12  DT  A "C2'" 1 
ATOM   248 C "C1'" . DT  A 1 12 ? -4.42181  2.85171   -14.65061 1.000 38.00743 ? 12  DT  A "C1'" 1 
ATOM   249 N N1    . DT  A 1 12 ? -4.79548  2.84473   -16.12093 1.000 33.25585 ? 12  DT  A N1    1 
ATOM   250 C C2    . DT  A 1 12 ? -5.91474  3.54147   -16.55428 1.000 37.91831 ? 12  DT  A C2    1 
ATOM   251 O O2    . DT  A 1 12 ? -6.64664  4.17868   -15.81978 1.000 37.79855 ? 12  DT  A O2    1 
ATOM   252 N N3    . DT  A 1 12 ? -6.15020  3.46398   -17.89331 1.000 34.60178 ? 12  DT  A N3    1 
ATOM   253 C C4    . DT  A 1 12 ? -5.40977  2.79188   -18.83915 1.000 35.97453 ? 12  DT  A C4    1 
ATOM   254 O O4    . DT  A 1 12 ? -5.71358  2.79702   -20.03524 1.000 35.29566 ? 12  DT  A O4    1 
ATOM   255 C C5    . DT  A 1 12 ? -4.26025  2.08445   -18.33317 1.000 36.11602 ? 12  DT  A C5    1 
ATOM   256 C C7    . DT  A 1 12 ? -3.37954  1.31906   -19.27113 1.000 34.50796 ? 12  DT  A C7    1 
ATOM   257 C C6    . DT  A 1 12 ? -4.01008  2.14380   -17.01093 1.000 32.49619 ? 12  DT  A C6    1 
ATOM   258 P P     . DG  A 1 13 ? -4.71652  1.72638   -10.37687 1.000 45.19085 ? 13  DG  A P     1 
ATOM   259 O OP1   . DG  A 1 13 ? -4.21328  0.33802   -10.23009 1.000 33.25619 ? 13  DG  A OP1   1 
ATOM   260 O OP2   . DG  A 1 13 ? -6.17101  2.01262   -10.39839 1.000 46.31237 ? 13  DG  A OP2   1 
ATOM   261 O "O5'" . DG  A 1 13 ? -4.06282  2.60747   -9.22518  1.000 37.11436 ? 13  DG  A "O5'" 1 
ATOM   262 C "C5'" . DG  A 1 13 ? -4.17305  4.00623   -9.26825  1.000 35.31573 ? 13  DG  A "C5'" 1 
ATOM   263 C "C4'" . DG  A 1 13 ? -2.94185  4.62826   -8.66042  1.000 34.87005 ? 13  DG  A "C4'" 1 
ATOM   264 O "O4'" . DG  A 1 13 ? -2.80814  4.15276   -7.30075  1.000 32.48568 ? 13  DG  A "O4'" 1 
ATOM   265 C "C3'" . DG  A 1 13 ? -1.63324  4.27500   -9.37751  1.000 30.88607 ? 13  DG  A "C3'" 1 
ATOM   266 O "O3'" . DG  A 1 13 ? -0.94303  5.45685   -9.75268  1.000 26.87886 ? 13  DG  A "O3'" 1 
ATOM   267 C "C2'" . DG  A 1 13 ? -0.84443  3.46190   -8.34909  1.000 31.41903 ? 13  DG  A "C2'" 1 
ATOM   268 C "C1'" . DG  A 1 13 ? -1.46449  3.88504   -7.02634  1.000 28.24626 ? 13  DG  A "C1'" 1 
ATOM   269 N N9    . DG  A 1 13 ? -1.41178  2.81586   -6.02390  1.000 29.73544 ? 13  DG  A N9    1 
ATOM   270 C C8    . DG  A 1 13 ? -2.27263  1.74745   -5.90468  1.000 26.26071 ? 13  DG  A C8    1 
ATOM   271 N N7    . DG  A 1 13 ? -1.95645  0.93865   -4.94044  1.000 29.84146 ? 13  DG  A N7    1 
ATOM   272 C C5    . DG  A 1 13 ? -0.82582  1.50492   -4.37684  1.000 24.77388 ? 13  DG  A C5    1 
ATOM   273 C C6    . DG  A 1 13 ? -0.05041  1.07133   -3.28553  1.000 25.21123 ? 13  DG  A C6    1 
ATOM   274 O O6    . DG  A 1 13 ? -0.22737  0.06380   -2.58815  1.000 23.83516 ? 13  DG  A O6    1 
ATOM   275 N N1    . DG  A 1 13 ? 1.03058   1.92766   -3.04384  1.000 21.81240 ? 13  DG  A N1    1 
ATOM   276 C C2    . DG  A 1 13 ? 1.29730   3.07345   -3.77020  1.000 27.14343 ? 13  DG  A C2    1 
ATOM   277 N N2    . DG  A 1 13 ? 2.36601   3.78937   -3.39879  1.000 24.72411 ? 13  DG  A N2    1 
ATOM   278 N N3    . DG  A 1 13 ? 0.56665   3.48591   -4.79778  1.000 25.86703 ? 13  DG  A N3    1 
ATOM   279 C C4    . DG  A 1 13 ? -0.47315  2.65721   -5.03981  1.000 25.95077 ? 13  DG  A C4    1 
ATOM   280 P P     . DG  A 1 14 ? 0.41133   5.36137   -10.62182 1.000 36.36528 ? 14  DG  A P     1 
ATOM   281 O OP1   . DG  A 1 14 ? 0.71645   6.68465   -11.20333 1.000 35.60289 ? 14  DG  A OP1   1 
ATOM   282 O OP2   . DG  A 1 14 ? 0.29855   4.18068   -11.48608 1.000 38.57576 ? 14  DG  A OP2   1 
ATOM   283 O "O5'" . DG  A 1 14 ? 1.55716   5.07547   -9.54959  1.000 33.27609 ? 14  DG  A "O5'" 1 
ATOM   284 C "C5'" . DG  A 1 14 ? 1.87179   6.07322   -8.60774  1.000 32.20425 ? 14  DG  A "C5'" 1 
ATOM   285 C "C4'" . DG  A 1 14 ? 3.33608   6.04475   -8.23709  1.000 34.88936 ? 14  DG  A "C4'" 1 
ATOM   286 O "O4'" . DG  A 1 14 ? 3.54917   5.10795   -7.15401  1.000 29.66269 ? 14  DG  A "O4'" 1 
ATOM   287 C "C3'" . DG  A 1 14 ? 4.29284   5.61913   -9.33949  1.000 33.17309 ? 14  DG  A "C3'" 1 
ATOM   288 O "O3'" . DG  A 1 14 ? 5.53272   6.24287   -9.10118  1.000 29.11275 ? 14  DG  A "O3'" 1 
ATOM   289 C "C2'" . DG  A 1 14 ? 4.36510   4.10332   -9.13406  1.000 27.55299 ? 14  DG  A "C2'" 1 
ATOM   290 C "C1'" . DG  A 1 14 ? 4.30986   4.00684   -7.60678  1.000 30.57435 ? 14  DG  A "C1'" 1 
ATOM   291 N N9    . DG  A 1 14 ? 3.67087   2.80769   -7.08981  1.000 27.95414 ? 14  DG  A N9    1 
ATOM   292 C C8    . DG  A 1 14 ? 2.49756   2.22935   -7.51174  1.000 28.42700 ? 14  DG  A C8    1 
ATOM   293 N N7    . DG  A 1 14 ? 2.16372   1.16833   -6.81521  1.000 26.76837 ? 14  DG  A N7    1 
ATOM   294 C C5    . DG  A 1 14 ? 3.17220   1.06511   -5.85440  1.000 29.17841 ? 14  DG  A C5    1 
ATOM   295 C C6    . DG  A 1 14 ? 3.35295   0.12157   -4.80682  1.000 27.28335 ? 14  DG  A C6    1 
ATOM   296 O O6    . DG  A 1 14 ? 2.63578   -0.83974  -4.51901  1.000 28.27735 ? 14  DG  A O6    1 
ATOM   297 N N1    . DG  A 1 14 ? 4.50517   0.38275   -4.06850  1.000 24.00892 ? 14  DG  A N1    1 
ATOM   298 C C2    . DG  A 1 14 ? 5.37813   1.42753   -4.32100  1.000 28.40384 ? 14  DG  A C2    1 
ATOM   299 N N2    . DG  A 1 14 ? 6.44867   1.53708   -3.52081  1.000 25.66382 ? 14  DG  A N2    1 
ATOM   300 N N3    . DG  A 1 14 ? 5.20844   2.31145   -5.28241  1.000 28.46030 ? 14  DG  A N3    1 
ATOM   301 C C4    . DG  A 1 14 ? 4.09237   2.07109   -6.00639  1.000 28.59387 ? 14  DG  A C4    1 
ATOM   302 P P     . DG  A 1 15 ? 6.80280   5.96143   -10.03423 1.000 34.36591 ? 15  DG  A P     1 
ATOM   303 O OP1   . DG  A 1 15 ? 7.48517   7.26302   -10.16725 1.000 31.50668 ? 15  DG  A OP1   1 
ATOM   304 O OP2   . DG  A 1 15 ? 6.44317   5.13051   -11.19661 1.000 29.12977 ? 15  DG  A OP2   1 
ATOM   305 O "O5'" . DG  A 1 15 ? 7.72842   5.01271   -9.14916  1.000 36.46716 ? 15  DG  A "O5'" 1 
ATOM   306 C "C5'" . DG  A 1 15 ? 8.52145   5.55392   -8.12582  1.000 38.38758 ? 15  DG  A "C5'" 1 
ATOM   307 C "C4'" . DG  A 1 15 ? 9.46330   4.49925   -7.59176  1.000 39.33855 ? 15  DG  A "C4'" 1 
ATOM   308 O "O4'" . DG  A 1 15 ? 8.69584   3.42935   -6.97855  1.000 34.06572 ? 15  DG  A "O4'" 1 
ATOM   309 C "C3'" . DG  A 1 15 ? 10.34829  3.82225   -8.65379  1.000 40.82364 ? 15  DG  A "C3'" 1 
ATOM   310 O "O3'" . DG  A 1 15 ? 11.63562  3.59808   -8.11543  1.000 45.58128 ? 15  DG  A "O3'" 1 
ATOM   311 C "C2'" . DG  A 1 15 ? 9.63023   2.49945   -8.89424  1.000 39.10463 ? 15  DG  A "C2'" 1 
ATOM   312 C "C1'" . DG  A 1 15 ? 9.16065   2.19435   -7.47868  1.000 34.92606 ? 15  DG  A "C1'" 1 
ATOM   313 N N9    . DG  A 1 15 ? 8.07053   1.23279   -7.40691  1.000 33.84242 ? 15  DG  A N9    1 
ATOM   314 C C8    . DG  A 1 15 ? 6.93450   1.21010   -8.17521  1.000 34.16488 ? 15  DG  A C8    1 
ATOM   315 N N7    . DG  A 1 15 ? 6.12589   0.23058   -7.87784  1.000 33.66567 ? 15  DG  A N7    1 
ATOM   316 C C5    . DG  A 1 15 ? 6.76040   -0.42612  -6.83543  1.000 28.95619 ? 15  DG  A C5    1 
ATOM   317 C C6    . DG  A 1 15 ? 6.35978   -1.57041  -6.10802  1.000 29.28346 ? 15  DG  A C6    1 
ATOM   318 O O6    . DG  A 1 15 ? 5.31795   -2.23486  -6.23639  1.000 27.02413 ? 15  DG  A O6    1 
ATOM   319 N N1    . DG  A 1 15 ? 7.30673   -1.92644  -5.14288  1.000 30.36793 ? 15  DG  A N1    1 
ATOM   320 C C2    . DG  A 1 15 ? 8.49110   -1.24954  -4.91454  1.000 31.30233 ? 15  DG  A C2    1 
ATOM   321 N N2    . DG  A 1 15 ? 9.27429   -1.72817  -3.93754  1.000 28.49998 ? 15  DG  A N2    1 
ATOM   322 N N3    . DG  A 1 15 ? 8.87148   -0.16908  -5.59221  1.000 30.02130 ? 15  DG  A N3    1 
ATOM   323 C C4    . DG  A 1 15 ? 7.96118   0.17762   -6.53670  1.000 32.60586 ? 15  DG  A C4    1 
ATOM   324 P P     . DT  A 1 16 ? 12.94661  3.99044   -8.95257  1.000 54.47423 ? 16  DT  A P     1 
ATOM   325 O OP1   . DT  A 1 16 ? 13.68106  4.95920   -8.10662  1.000 46.68347 ? 16  DT  A OP1   1 
ATOM   326 O OP2   . DT  A 1 16 ? 12.51898  4.34650   -10.33488 1.000 47.43742 ? 16  DT  A OP2   1 
ATOM   327 O "O5'" . DT  A 1 16 ? 13.78009  2.62764   -9.03523  1.000 49.70310 ? 16  DT  A "O5'" 1 
ATOM   328 C "C5'" . DT  A 1 16 ? 13.39221  1.60650   -9.94711  1.000 43.21672 ? 16  DT  A "C5'" 1 
ATOM   329 C "C4'" . DT  A 1 16 ? 13.66443  0.23587   -9.34983  1.000 38.71503 ? 16  DT  A "C4'" 1 
ATOM   330 O "O4'" . DT  A 1 16 ? 15.02836  0.17625   -8.89368  1.000 42.68382 ? 16  DT  A "O4'" 1 
ATOM   331 C "C3'" . DT  A 1 16 ? 12.85137  -0.09048  -8.11528  1.000 40.92380 ? 16  DT  A "C3'" 1 
ATOM   332 O "O3'" . DT  A 1 16 ? 11.59389  -0.61162  -8.49341  1.000 45.94168 ? 16  DT  A "O3'" 1 
ATOM   333 C "C2'" . DT  A 1 16 ? 13.70739  -1.15719  -7.42213  1.000 44.85564 ? 16  DT  A "C2'" 1 
ATOM   334 C "C1'" . DT  A 1 16 ? 15.13114  -0.80821  -7.87274  1.000 42.42967 ? 16  DT  A "C1'" 1 
ATOM   335 N N1    . DT  A 1 16 ? 16.03532  -0.33752  -6.73911  1.000 48.13439 ? 16  DT  A N1    1 
ATOM   336 C C2    . DT  A 1 16 ? 16.71551  0.88548   -6.80553  1.000 46.23820 ? 16  DT  A C2    1 
ATOM   337 O O2    . DT  A 1 16 ? 16.64658  1.66507   -7.74793  1.000 43.24934 ? 16  DT  A O2    1 
ATOM   338 N N3    . DT  A 1 16 ? 17.49624  1.16132   -5.70304  1.000 45.35189 ? 16  DT  A N3    1 
ATOM   339 C C4    . DT  A 1 16 ? 17.66289  0.37715   -4.57017  1.000 53.44324 ? 16  DT  A C4    1 
ATOM   340 O O4    . DT  A 1 16 ? 18.38674  0.71805   -3.62891  1.000 59.73202 ? 16  DT  A O4    1 
ATOM   341 C C5    . DT  A 1 16 ? 16.93074  -0.87346  -4.56779  1.000 50.61608 ? 16  DT  A C5    1 
ATOM   342 C C7    . DT  A 1 16 ? 17.03872  -1.80999  -3.39727  1.000 41.43654 ? 16  DT  A C7    1 
ATOM   343 C C6    . DT  A 1 16 ? 16.16749  -1.16330  -5.63498  1.000 43.51309 ? 16  DT  A C6    1 
ATOM   344 O "O5'" . DG  B 1 1  ? -6.47584  -3.65601  -4.57281  1.000 33.93460 ? 1   DG  B "O5'" 1 
ATOM   345 C "C5'" . DG  B 1 1  ? -6.95301  -4.90481  -5.06270  1.000 34.43342 ? 1   DG  B "C5'" 1 
ATOM   346 C "C4'" . DG  B 1 1  ? -6.84652  -5.98341  -3.99993  1.000 32.77799 ? 1   DG  B "C4'" 1 
ATOM   347 O "O4'" . DG  B 1 1  ? -5.48211  -6.05350  -3.51130  1.000 29.45713 ? 1   DG  B "O4'" 1 
ATOM   348 C "C3'" . DG  B 1 1  ? -7.72765  -5.76839  -2.77020  1.000 31.51690 ? 1   DG  B "C3'" 1 
ATOM   349 O "O3'" . DG  B 1 1  ? -8.29458  -6.99297  -2.37897  1.000 31.27645 ? 1   DG  B "O3'" 1 
ATOM   350 C "C2'" . DG  B 1 1  ? -6.73984  -5.26939  -1.72164  1.000 29.21523 ? 1   DG  B "C2'" 1 
ATOM   351 C "C1'" . DG  B 1 1  ? -5.49006  -6.03602  -2.10530  1.000 28.23755 ? 1   DG  B "C1'" 1 
ATOM   352 N N9    . DG  B 1 1  ? -4.26319  -5.40804  -1.63096  1.000 26.43129 ? 1   DG  B N9    1 
ATOM   353 C C8    . DG  B 1 1  ? -3.46926  -5.83801  -0.58468  1.000 25.87227 ? 1   DG  B C8    1 
ATOM   354 N N7    . DG  B 1 1  ? -2.43126  -5.07987  -0.37938  1.000 26.33516 ? 1   DG  B N7    1 
ATOM   355 C C5    . DG  B 1 1  ? -2.54283  -4.08403  -1.34113  1.000 25.56017 ? 1   DG  B C5    1 
ATOM   356 C C6    . DG  B 1 1  ? -1.70053  -2.98428  -1.59780  1.000 26.65407 ? 1   DG  B C6    1 
ATOM   357 O O6    . DG  B 1 1  ? -0.65603  -2.65675  -0.99099  1.000 26.11054 ? 1   DG  B O6    1 
ATOM   358 N N1    . DG  B 1 1  ? -2.17186  -2.21199  -2.66792  1.000 26.56450 ? 1   DG  B N1    1 
ATOM   359 C C2    . DG  B 1 1  ? -3.32098  -2.48317  -3.39896  1.000 29.90502 ? 1   DG  B C2    1 
ATOM   360 N N2    . DG  B 1 1  ? -3.61485  -1.62395  -4.40571  1.000 29.36344 ? 1   DG  B N2    1 
ATOM   361 N N3    . DG  B 1 1  ? -4.11813  -3.52057  -3.16548  1.000 27.18016 ? 1   DG  B N3    1 
ATOM   362 C C4    . DG  B 1 1  ? -3.66946  -4.27435  -2.12124  1.000 26.23918 ? 1   DG  B C4    1 
ATOM   363 P P     . DG  B 1 2  ? -9.44088  -7.03564  -1.25865  1.000 34.82247 ? 2   DG  B P     1 
ATOM   364 O OP1   . DG  B 1 2  ? -9.96538  -8.41570  -1.23626  1.000 32.24468 ? 2   DG  B OP1   1 
ATOM   365 O OP2   . DG  B 1 2  ? -10.29785 -5.85688  -1.46913  1.000 27.01628 ? 2   DG  B OP2   1 
ATOM   366 O "O5'" . DG  B 1 2  ? -8.67873  -6.83923  0.13406   1.000 31.00145 ? 2   DG  B "O5'" 1 
ATOM   367 C "C5'" . DG  B 1 2  ? -7.91275  -7.89055  0.65914   1.000 33.42816 ? 2   DG  B "C5'" 1 
ATOM   368 C "C4'" . DG  B 1 2  ? -7.13573  -7.42650  1.87540   1.000 29.73635 ? 2   DG  B "C4'" 1 
ATOM   369 O "O4'" . DG  B 1 2  ? -6.11156  -6.46916  1.47966   1.000 28.66377 ? 2   DG  B "O4'" 1 
ATOM   370 C "C3'" . DG  B 1 2  ? -7.95533  -6.72574  2.96047   1.000 31.94713 ? 2   DG  B "C3'" 1 
ATOM   371 O "O3'" . DG  B 1 2  ? -7.49437  -7.19405  4.23712   1.000 38.26113 ? 2   DG  B "O3'" 1 
ATOM   372 C "C2'" . DG  B 1 2  ? -7.58295  -5.25548  2.75788   1.000 31.00508 ? 2   DG  B "C2'" 1 
ATOM   373 C "C1'" . DG  B 1 2  ? -6.12104  -5.42832  2.42259   1.000 30.45435 ? 2   DG  B "C1'" 1 
ATOM   374 N N9    . DG  B 1 2  ? -5.45173  -4.24957  1.86769   1.000 27.88450 ? 2   DG  B N9    1 
ATOM   375 C C8    . DG  B 1 2  ? -5.88941  -3.43916  0.85113   1.000 29.55657 ? 2   DG  B C8    1 
ATOM   376 N N7    . DG  B 1 2  ? -5.06860  -2.46478  0.57445   1.000 29.44182 ? 2   DG  B N7    1 
ATOM   377 C C5    . DG  B 1 2  ? -4.02588  -2.63647  1.46971   1.000 25.51804 ? 2   DG  B C5    1 
ATOM   378 C C6    . DG  B 1 2  ? -2.84487  -1.88380  1.63878   1.000 24.37652 ? 2   DG  B C6    1 
ATOM   379 O O6    . DG  B 1 2  ? -2.48355  -0.88188  1.00981   1.000 22.13907 ? 2   DG  B O6    1 
ATOM   380 N N1    . DG  B 1 2  ? -2.03839  -2.40472  2.65437   1.000 24.73223 ? 2   DG  B N1    1 
ATOM   381 C C2    . DG  B 1 2  ? -2.35562  -3.51822  3.41869   1.000 26.22790 ? 2   DG  B C2    1 
ATOM   382 N N2    . DG  B 1 2  ? -1.46510  -3.87718  4.36212   1.000 23.97700 ? 2   DG  B N2    1 
ATOM   383 N N3    . DG  B 1 2  ? -3.45574  -4.23087  3.26094   1.000 22.77785 ? 2   DG  B N3    1 
ATOM   384 C C4    . DG  B 1 2  ? -4.24322  -3.73552  2.26805   1.000 25.63532 ? 2   DG  B C4    1 
ATOM   385 P P     . DG  B 1 3  ? -8.43618  -7.15262  5.52962   1.000 39.23973 ? 3   DG  B P     1 
ATOM   386 O OP1   . DG  B 1 3  ? -8.96676  -8.52173  5.68530   1.000 43.60632 ? 3   DG  B OP1   1 
ATOM   387 O OP2   . DG  B 1 3  ? -9.32632  -5.98327  5.47488   1.000 38.94885 ? 3   DG  B OP2   1 
ATOM   388 O "O5'" . DG  B 1 3  ? -7.41125  -6.84259  6.71918   1.000 40.58629 ? 3   DG  B "O5'" 1 
ATOM   389 C "C5'" . DG  B 1 3  ? -6.19958  -7.55222  6.79562   1.000 38.69114 ? 3   DG  B "C5'" 1 
ATOM   390 C "C4'" . DG  B 1 3  ? -5.17768  -6.79935  7.63424   1.000 40.66758 ? 3   DG  B "C4'" 1 
ATOM   391 O "O4'" . DG  B 1 3  ? -4.53439  -5.76782  6.83818   1.000 32.73950 ? 3   DG  B "O4'" 1 
ATOM   392 C "C3'" . DG  B 1 3  ? -5.72269  -6.10100  8.88065   1.000 35.85625 ? 3   DG  B "C3'" 1 
ATOM   393 O "O3'" . DG  B 1 3  ? -4.84259  -6.35797  9.96400   1.000 39.57028 ? 3   DG  B "O3'" 1 
ATOM   394 C "C2'" . DG  B 1 3  ? -5.69972  -4.62088  8.49054   1.000 34.73562 ? 3   DG  B "C2'" 1 
ATOM   395 C "C1'" . DG  B 1 3  ? -4.49250  -4.56503  7.56663   1.000 29.19437 ? 3   DG  B "C1'" 1 
ATOM   396 N N9    . DG  B 1 3  ? -4.53321  -3.45879  6.60932   1.000 30.84260 ? 3   DG  B N9    1 
ATOM   397 C C8    . DG  B 1 3  ? -5.46404  -3.27187  5.61279   1.000 27.36601 ? 3   DG  B C8    1 
ATOM   398 N N7    . DG  B 1 3  ? -5.25611  -2.19789  4.89450   1.000 27.95378 ? 3   DG  B N7    1 
ATOM   399 C C5    . DG  B 1 3  ? -4.11011  -1.64117  5.43652   1.000 26.65667 ? 3   DG  B C5    1 
ATOM   400 C C6    . DG  B 1 3  ? -3.40244  -0.47406  5.05689   1.000 26.60721 ? 3   DG  B C6    1 
ATOM   401 O O6    . DG  B 1 3  ? -3.67973  0.33684   4.14646   1.000 25.80722 ? 3   DG  B O6    1 
ATOM   402 N N1    . DG  B 1 3  ? -2.28828  -0.26343  5.86857   1.000 22.56024 ? 3   DG  B N1    1 
ATOM   403 C C2    . DG  B 1 3  ? -1.89574  -1.09724  6.90127   1.000 29.53759 ? 3   DG  B C2    1 
ATOM   404 N N2    . DG  B 1 3  ? -0.78864  -0.73160  7.57982   1.000 23.71884 ? 3   DG  B N2    1 
ATOM   405 N N3    . DG  B 1 3  ? -2.55289  -2.19909  7.26073   1.000 26.63621 ? 3   DG  B N3    1 
ATOM   406 C C4    . DG  B 1 3  ? -3.64126  -2.41053  6.49036   1.000 27.18540 ? 3   DG  B C4    1 
ATOM   407 P P     . DG  B 1 4  ? -5.28412  -6.03055  11.46859  1.000 41.18418 ? 4   DG  B P     1 
ATOM   408 O OP1   . DG  B 1 4  ? -4.74021  -7.14949  12.27598  1.000 40.82939 ? 4   DG  B OP1   1 
ATOM   409 O OP2   . DG  B 1 4  ? -6.73414  -5.73143  11.48746  1.000 39.18438 ? 4   DG  B OP2   1 
ATOM   410 O "O5'" . DG  B 1 4  ? -4.53358  -4.66382  11.80573  1.000 36.62662 ? 4   DG  B "O5'" 1 
ATOM   411 C "C5'" . DG  B 1 4  ? -3.14359  -4.67024  12.01644  1.000 38.05606 ? 4   DG  B "C5'" 1 
ATOM   412 C "C4'" . DG  B 1 4  ? -2.64942  -3.29768  12.43280  1.000 36.24872 ? 4   DG  B "C4'" 1 
ATOM   413 O "O4'" . DG  B 1 4  ? -2.68218  -2.39799  11.29619  1.000 34.22487 ? 4   DG  B "O4'" 1 
ATOM   414 C "C3'" . DG  B 1 4  ? -3.45796  -2.60283  13.53236  1.000 34.42464 ? 4   DG  B "C3'" 1 
ATOM   415 O "O3'" . DG  B 1 4  ? -2.56634  -1.91212  14.38188  1.000 35.62934 ? 4   DG  B "O3'" 1 
ATOM   416 C "C2'" . DG  B 1 4  ? -4.30715  -1.60914  12.72866  1.000 38.18175 ? 4   DG  B "C2'" 1 
ATOM   417 C "C1'" . DG  B 1 4  ? -3.28251  -1.18893  11.69568  1.000 35.32064 ? 4   DG  B "C1'" 1 
ATOM   418 N N9    . DG  B 1 4  ? -3.83068  -0.54624  10.50661  1.000 32.81087 ? 4   DG  B N9    1 
ATOM   419 C C8    . DG  B 1 4  ? -4.91084  -0.96366  9.76970   1.000 34.40537 ? 4   DG  B C8    1 
ATOM   420 N N7    . DG  B 1 4  ? -5.15519  -0.21081  8.73280   1.000 32.25367 ? 4   DG  B N7    1 
ATOM   421 C C5    . DG  B 1 4  ? -4.16689  0.75978   8.78128   1.000 27.48306 ? 4   DG  B C5    1 
ATOM   422 C C6    . DG  B 1 4  ? -3.94026  1.83917   7.91771   1.000 30.42275 ? 4   DG  B C6    1 
ATOM   423 O O6    . DG  B 1 4  ? -4.59911  2.14973   6.89512   1.000 28.31002 ? 4   DG  B O6    1 
ATOM   424 N N1    . DG  B 1 4  ? -2.83096  2.59912   8.31655   1.000 29.87824 ? 4   DG  B N1    1 
ATOM   425 C C2    . DG  B 1 4  ? -2.04948  2.32948   9.42673   1.000 34.99034 ? 4   DG  B C2    1 
ATOM   426 N N2    . DG  B 1 4  ? -1.01898  3.16757   9.64909   1.000 34.12698 ? 4   DG  B N2    1 
ATOM   427 N N3    . DG  B 1 4  ? -2.26442  1.30577   10.25787  1.000 29.31198 ? 4   DG  B N3    1 
ATOM   428 C C4    . DG  B 1 4  ? -3.33987  0.56777   9.87001   1.000 30.70778 ? 4   DG  B C4    1 
ATOM   429 P P     . DT  B 1 5  ? -1.72697  -2.69727  15.51066  1.000 34.66522 ? 5   DT  B P     1 
ATOM   430 O OP1   . DT  B 1 5  ? -2.65780  -3.67634  16.10483  1.000 31.35331 ? 5   DT  B OP1   1 
ATOM   431 O OP2   . DT  B 1 5  ? -1.01974  -1.68429  16.31461  1.000 35.06995 ? 5   DT  B OP2   1 
ATOM   432 O "O5'" . DT  B 1 5  ? -0.58876  -3.47128  14.69294  1.000 34.85670 ? 5   DT  B "O5'" 1 
ATOM   433 C "C5'" . DT  B 1 5  ? 0.54099   -2.77080  14.18621  1.000 34.44608 ? 5   DT  B "C5'" 1 
ATOM   434 C "C4'" . DT  B 1 5  ? 1.56345   -3.73870  13.59420  1.000 34.71226 ? 5   DT  B "C4'" 1 
ATOM   435 O "O4'" . DT  B 1 5  ? 2.33871   -4.31725  14.66138  1.000 35.59015 ? 5   DT  B "O4'" 1 
ATOM   436 C "C3'" . DT  B 1 5  ? 0.98443   -4.92654  12.81972  1.000 35.42623 ? 5   DT  B "C3'" 1 
ATOM   437 O "O3'" . DT  B 1 5  ? 1.89991   -5.34701  11.80625  1.000 41.11120 ? 5   DT  B "O3'" 1 
ATOM   438 C "C2'" . DT  B 1 5  ? 0.85990   -5.98888  13.89905  1.000 33.07732 ? 5   DT  B "C2'" 1 
ATOM   439 C "C1'" . DT  B 1 5  ? 2.09964   -5.70742  14.73673  1.000 35.69903 ? 5   DT  B "C1'" 1 
ATOM   440 N N1    . DT  B 1 5  ? 1.95258   -6.09832  16.17364  1.000 34.46669 ? 5   DT  B N1    1 
ATOM   441 C C2    . DT  B 1 5  ? 2.65068   -7.18016  16.62825  1.000 36.06414 ? 5   DT  B C2    1 
ATOM   442 O O2    . DT  B 1 5  ? 3.38944   -7.83442  15.92253  1.000 34.95326 ? 5   DT  B O2    1 
ATOM   443 N N3    . DT  B 1 5  ? 2.45796   -7.47373  17.95121  1.000 36.43731 ? 5   DT  B N3    1 
ATOM   444 C C4    . DT  B 1 5  ? 1.65118   -6.80587  18.84550  1.000 33.68511 ? 5   DT  B C4    1 
ATOM   445 O O4    . DT  B 1 5  ? 1.54516   -7.14947  20.01812  1.000 42.33734 ? 5   DT  B O4    1 
ATOM   446 C C5    . DT  B 1 5  ? 0.93848   -5.67998  18.31268  1.000 35.19298 ? 5   DT  B C5    1 
ATOM   447 C C7    . DT  B 1 5  ? 0.02844   -4.88322  19.20984  1.000 30.29506 ? 5   DT  B C7    1 
ATOM   448 C C6    . DT  B 1 5  ? 1.12366   -5.37295  17.01133  1.000 32.60374 ? 5   DT  B C6    1 
ATOM   449 P P     . DG  B 1 6  ? 1.36896   -5.86935  10.37318  1.000 38.17374 ? 6   DG  B P     1 
ATOM   450 O OP1   . DG  B 1 6  ? -0.04568  -5.47325  10.19938  1.000 34.63221 ? 6   DG  B OP1   1 
ATOM   451 O OP2   . DG  B 1 6  ? 1.72727   -7.29598  10.27866  1.000 35.23782 ? 6   DG  B OP2   1 
ATOM   452 O "O5'" . DG  B 1 6  ? 2.25697   -5.03534  9.33639   1.000 32.76801 ? 6   DG  B "O5'" 1 
ATOM   453 C "C5'" . DG  B 1 6  ? 3.66722   -5.05973  9.44416   1.000 33.23056 ? 6   DG  B "C5'" 1 
ATOM   454 C "C4'" . DG  B 1 6  ? 4.24647   -3.73078  9.01230   1.000 34.78759 ? 6   DG  B "C4'" 1 
ATOM   455 O "O4'" . DG  B 1 6  ? 3.90324   -3.48862  7.62163   1.000 32.37554 ? 6   DG  B "O4'" 1 
ATOM   456 C "C3'" . DG  B 1 6  ? 3.71707   -2.53876  9.80093   1.000 33.32794 ? 6   DG  B "C3'" 1 
ATOM   457 O "O3'" . DG  B 1 6  ? 4.76473   -1.81713  10.37496  1.000 30.77958 ? 6   DG  B "O3'" 1 
ATOM   458 C "C2'" . DG  B 1 6  ? 2.98484   -1.68701  8.77248   1.000 29.76297 ? 6   DG  B "C2'" 1 
ATOM   459 C "C1'" . DG  B 1 6  ? 3.58286   -2.13142  7.44735   1.000 30.52556 ? 6   DG  B "C1'" 1 
ATOM   460 N N9    . DG  B 1 6  ? 2.60010   -2.01316  6.36467   1.000 23.84047 ? 6   DG  B N9    1 
ATOM   461 C C8    . DG  B 1 6  ? 1.52639   -2.84282  6.14756   1.000 24.53587 ? 6   DG  B C8    1 
ATOM   462 N N7    . DG  B 1 6  ? 0.78055   -2.47693  5.12705   1.000 27.79735 ? 6   DG  B N7    1 
ATOM   463 C C5    . DG  B 1 6  ? 1.39086   -1.32756  4.64825   1.000 21.88400 ? 6   DG  B C5    1 
ATOM   464 C C6    . DG  B 1 6  ? 1.01977   -0.50368  3.56517   1.000 25.43797 ? 6   DG  B C6    1 
ATOM   465 O O6    . DG  B 1 6  ? 0.04787   -0.65445  2.79807   1.000 21.04421 ? 6   DG  B O6    1 
ATOM   466 N N1    . DG  B 1 6  ? 1.89258   0.57546   3.41029   1.000 24.15326 ? 6   DG  B N1    1 
ATOM   467 C C2    . DG  B 1 6  ? 2.99718   0.81764   4.20913   1.000 27.64371 ? 6   DG  B C2    1 
ATOM   468 N N2    . DG  B 1 6  ? 3.72691   1.90247   3.89715   1.000 27.62327 ? 6   DG  B N2    1 
ATOM   469 N N3    . DG  B 1 6  ? 3.36291   0.04202   5.23539   1.000 26.06776 ? 6   DG  B N3    1 
ATOM   470 C C4    . DG  B 1 6  ? 2.50999   -1.01152  5.39841   1.000 28.51953 ? 6   DG  B C4    1 
ATOM   471 P P     . DG  B 1 7  ? 4.42147   -0.50330  11.23329  1.000 40.45639 ? 7   DG  B P     1 
ATOM   472 O OP1   . DG  B 1 7  ? 5.53057   -0.34182  12.18969  1.000 46.43708 ? 7   DG  B OP1   1 
ATOM   473 O OP2   . DG  B 1 7  ? 3.01986   -0.60888  11.69392  1.000 37.84406 ? 7   DG  B OP2   1 
ATOM   474 O "O5'" . DG  B 1 7  ? 4.50187   0.69555   10.17948  1.000 38.65310 ? 7   DG  B "O5'" 1 
ATOM   475 C "C5'" . DG  B 1 7  ? 5.76663   1.10922   9.69397   1.000 33.21319 ? 7   DG  B "C5'" 1 
ATOM   476 C "C4'" . DG  B 1 7  ? 5.69550   2.49311   9.08551   1.000 35.83926 ? 7   DG  B "C4'" 1 
ATOM   477 O "O4'" . DG  B 1 7  ? 4.82105   2.47988   7.91427   1.000 31.03657 ? 7   DG  B "O4'" 1 
ATOM   478 C "C3'" . DG  B 1 7  ? 5.16549   3.59073   10.00749  1.000 34.31877 ? 7   DG  B "C3'" 1 
ATOM   479 O "O3'" . DG  B 1 7  ? 5.89307   4.79630   9.76161   1.000 32.18209 ? 7   DG  B "O3'" 1 
ATOM   480 C "C2'" . DG  B 1 7  ? 3.70202   3.71309   9.58282   1.000 31.84028 ? 7   DG  B "C2'" 1 
ATOM   481 C "C1'" . DG  B 1 7  ? 3.79374   3.43788   8.07844   1.000 31.14486 ? 7   DG  B "C1'" 1 
ATOM   482 N N9    . DG  B 1 7  ? 2.56142   2.89843   7.49254   1.000 30.98722 ? 7   DG  B N9    1 
ATOM   483 C C8    . DG  B 1 7  ? 1.88810   1.76140   7.87494   1.000 29.56803 ? 7   DG  B C8    1 
ATOM   484 N N7    . DG  B 1 7  ? 0.82430   1.52063   7.15185   1.000 29.24374 ? 7   DG  B N7    1 
ATOM   485 C C5    . DG  B 1 7  ? 0.78846   2.56401   6.23513   1.000 25.74086 ? 7   DG  B C5    1 
ATOM   486 C C6    . DG  B 1 7  ? -0.14469  2.84057   5.20503   1.000 27.89856 ? 7   DG  B C6    1 
ATOM   487 O O6    . DG  B 1 7  ? -1.15009  2.19363   4.89133   1.000 25.29462 ? 7   DG  B O6    1 
ATOM   488 N N1    . DG  B 1 7  ? 0.17871   4.00031   4.51464   1.000 27.42400 ? 7   DG  B N1    1 
ATOM   489 C C2    . DG  B 1 7  ? 1.27293   4.78779   4.77892   1.000 29.45049 ? 7   DG  B C2    1 
ATOM   490 N N2    . DG  B 1 7  ? 1.43111   5.87265   3.99947   1.000 29.42450 ? 7   DG  B N2    1 
ATOM   491 N N3    . DG  B 1 7  ? 2.15064   4.53745   5.74044   1.000 28.16004 ? 7   DG  B N3    1 
ATOM   492 C C4    . DG  B 1 7  ? 1.84721   3.41730   6.42497   1.000 27.99716 ? 7   DG  B C4    1 
ATOM   493 P P     . DG  B 1 8  ? 5.44502   6.19258   10.41784  1.000 34.60899 ? 8   DG  B P     1 
ATOM   494 O OP1   . DG  B 1 8  ? 6.66353   7.01369   10.54668  1.000 35.18896 ? 8   DG  B OP1   1 
ATOM   495 O OP2   . DG  B 1 8  ? 4.57150   5.95509   11.59981  1.000 33.61136 ? 8   DG  B OP2   1 
ATOM   496 O "O5'" . DG  B 1 8  ? 4.55450   6.86800   9.28950   1.000 33.40315 ? 8   DG  B "O5'" 1 
ATOM   497 C "C5'" . DG  B 1 8  ? 5.16768   7.57253   8.22868   1.000 36.01745 ? 8   DG  B "C5'" 1 
ATOM   498 C "C4'" . DG  B 1 8  ? 4.19728   8.58453   7.66166   1.000 40.21016 ? 8   DG  B "C4'" 1 
ATOM   499 O "O4'" . DG  B 1 8  ? 3.07122   7.88063   7.09080   1.000 36.87178 ? 8   DG  B "O4'" 1 
ATOM   500 C "C3'" . DG  B 1 8  ? 3.59966   9.54306   8.70029   1.000 41.20080 ? 8   DG  B "C3'" 1 
ATOM   501 O "O3'" . DG  B 1 8  ? 3.43064   10.83816  8.13086   1.000 43.08903 ? 8   DG  B "O3'" 1 
ATOM   502 C "C2'" . DG  B 1 8  ? 2.24147   8.90060   9.00375   1.000 35.42825 ? 8   DG  B "C2'" 1 
ATOM   503 C "C1'" . DG  B 1 8  ? 1.87501   8.41620   7.61933   1.000 35.76197 ? 8   DG  B "C1'" 1 
ATOM   504 N N9    . DG  B 1 8  ? 0.86867   7.37263   7.57118   1.000 31.86970 ? 8   DG  B N9    1 
ATOM   505 C C8    . DG  B 1 8  ? 0.84814   6.20916   8.29928   1.000 31.95776 ? 8   DG  B C8    1 
ATOM   506 N N7    . DG  B 1 8  ? -0.16164  5.44024   8.00907   1.000 32.46774 ? 8   DG  B N7    1 
ATOM   507 C C5    . DG  B 1 8  ? -0.84106  6.12831   7.01507   1.000 31.23367 ? 8   DG  B C5    1 
ATOM   508 C C6    . DG  B 1 8  ? -2.01236  5.77998   6.31745   1.000 31.08583 ? 8   DG  B C6    1 
ATOM   509 O O6    . DG  B 1 8  ? -2.68475  4.75255   6.44425   1.000 25.93266 ? 8   DG  B O6    1 
ATOM   510 N N1    . DG  B 1 8  ? -2.37906  6.76543   5.37984   1.000 29.74933 ? 8   DG  B N1    1 
ATOM   511 C C2    . DG  B 1 8  ? -1.67846  7.93554   5.16275   1.000 32.49853 ? 8   DG  B C2    1 
ATOM   512 N N2    . DG  B 1 8  ? -2.16659  8.77092   4.22171   1.000 28.15316 ? 8   DG  B N2    1 
ATOM   513 N N3    . DG  B 1 8  ? -0.57792  8.26513   5.81739   1.000 29.52141 ? 8   DG  B N3    1 
ATOM   514 C C4    . DG  B 1 8  ? -0.21742  7.31583   6.72553   1.000 31.48111 ? 8   DG  B C4    1 
ATOM   515 P P     . DG  B 1 9  ? 4.68415   11.75274  7.70476   1.000 46.16611 ? 9   DG  B P     1 
ATOM   516 O OP1   . DG  B 1 9  ? 5.97784   11.16667  8.13264   1.000 45.37530 ? 9   DG  B OP1   1 
ATOM   517 O OP2   . DG  B 1 9  ? 4.32567   13.10828  8.16551   1.000 56.41868 ? 9   DG  B OP2   1 
ATOM   518 O "O5'" . DG  B 1 9  ? 4.61034   11.73739  6.11129   1.000 50.43773 ? 9   DG  B "O5'" 1 
ATOM   519 C "C5'" . DG  B 1 9  ? 5.25108   12.72676  5.37299   1.000 50.45736 ? 9   DG  B "C5'" 1 
ATOM   520 C "C4'" . DG  B 1 9  ? 4.30773   13.33660  4.35724   1.000 52.33424 ? 9   DG  B "C4'" 1 
ATOM   521 O "O4'" . DG  B 1 9  ? 5.03177   14.35561  3.63870   1.000 56.47013 ? 9   DG  B "O4'" 1 
ATOM   522 C "C3'" . DG  B 1 9  ? 3.86603   12.39292  3.25712   1.000 49.77997 ? 9   DG  B "C3'" 1 
ATOM   523 O "O3'" . DG  B 1 9  ? 2.85320   13.03174  2.43596   1.000 51.63450 ? 9   DG  B "O3'" 1 
ATOM   524 C "C2'" . DG  B 1 9  ? 5.17492   12.29252  2.48857   1.000 46.99402 ? 9   DG  B "C2'" 1 
ATOM   525 C "C1'" . DG  B 1 9  ? 5.57422   13.77420  2.46497   1.000 53.59972 ? 9   DG  B "C1'" 1 
ATOM   526 N N9    . DG  B 1 9  ? 7.01159   14.03266  2.44531   1.000 55.52959 ? 9   DG  B N9    1 
ATOM   527 C C8    . DG  B 1 9  ? 8.04150   13.12132  2.56340   1.000 50.20470 ? 9   DG  B C8    1 
ATOM   528 N N7    . DG  B 1 9  ? 9.22922   13.67694  2.49657   1.000 54.16837 ? 9   DG  B N7    1 
ATOM   529 C C5    . DG  B 1 9  ? 8.95933   15.03876  2.32595   1.000 49.51598 ? 9   DG  B C5    1 
ATOM   530 C C6    . DG  B 1 9  ? 9.83994   16.14502  2.19081   1.000 49.92972 ? 9   DG  B C6    1 
ATOM   531 O O6    . DG  B 1 9  ? 11.07964  16.14778  2.19404   1.000 48.44696 ? 9   DG  B O6    1 
ATOM   532 N N1    . DG  B 1 9  ? 9.14336   17.34671  2.04303   1.000 43.33789 ? 9   DG  B N1    1 
ATOM   533 C C2    . DG  B 1 9  ? 7.77591   17.46277  2.02630   1.000 48.97183 ? 9   DG  B C2    1 
ATOM   534 N N2    . DG  B 1 9  ? 7.27980   18.70053  1.86801   1.000 49.56448 ? 9   DG  B N2    1 
ATOM   535 N N3    . DG  B 1 9  ? 6.94572   16.43900  2.15130   1.000 54.01713 ? 9   DG  B N3    1 
ATOM   536 C C4    . DG  B 1 9  ? 7.60400   15.26474  2.29858   1.000 52.32938 ? 9   DG  B C4    1 
ATOM   537 P P     . DG  B 1 10 ? 1.30888   13.13197  2.89638   1.000 53.68295 ? 10  DG  B P     1 
ATOM   538 O OP1   . DG  B 1 10 ? 0.85477   14.49294  2.52596   1.000 49.75589 ? 10  DG  B OP1   1 
ATOM   539 O OP2   . DG  B 1 10 ? 1.13202   12.68072  4.29193   1.000 46.13396 ? 10  DG  B OP2   1 
ATOM   540 O "O5'" . DG  B 1 10 ? 0.55783   12.09117  1.93807   1.000 45.41718 ? 10  DG  B "O5'" 1 
ATOM   541 C "C5'" . DG  B 1 10 ? 0.72644   12.18265  0.53275   1.000 40.47447 ? 10  DG  B "C5'" 1 
ATOM   542 C "C4'" . DG  B 1 10 ? -0.44612  11.54215  -0.17619  1.000 38.24909 ? 10  DG  B "C4'" 1 
ATOM   543 O "O4'" . DG  B 1 10 ? -0.20575  10.13626  -0.30709  1.000 35.73774 ? 10  DG  B "O4'" 1 
ATOM   544 C "C3'" . DG  B 1 10 ? -1.76560  11.65741  0.56052   1.000 39.28577 ? 10  DG  B "C3'" 1 
ATOM   545 O "O3'" . DG  B 1 10 ? -2.44287  12.82326  0.13059   1.000 41.68974 ? 10  DG  B "O3'" 1 
ATOM   546 C "C2'" . DG  B 1 10 ? -2.52612  10.40711  0.13760   1.000 36.59049 ? 10  DG  B "C2'" 1 
ATOM   547 C "C1'" . DG  B 1 10 ? -1.42585  9.43785   -0.29592  1.000 36.32615 ? 10  DG  B "C1'" 1 
ATOM   548 N N9    . DG  B 1 10 ? -1.30351  8.27538   0.58306   1.000 34.37593 ? 10  DG  B N9    1 
ATOM   549 C C8    . DG  B 1 10 ? -0.32834  8.02590   1.51622   1.000 28.59348 ? 10  DG  B C8    1 
ATOM   550 N N7    . DG  B 1 10 ? -0.49439  6.88847   2.14881   1.000 30.47950 ? 10  DG  B N7    1 
ATOM   551 C C5    . DG  B 1 10 ? -1.65900  6.36666   1.59902   1.000 27.12375 ? 10  DG  B C5    1 
ATOM   552 C C6    . DG  B 1 10 ? -2.34798  5.16367   1.87811   1.000 27.91224 ? 10  DG  B C6    1 
ATOM   553 O O6    . DG  B 1 10 ? -2.05421  4.27845   2.69863   1.000 25.39600 ? 10  DG  B O6    1 
ATOM   554 N N1    . DG  B 1 10 ? -3.48629  5.02521   1.07923   1.000 26.40178 ? 10  DG  B N1    1 
ATOM   555 C C2    . DG  B 1 10 ? -3.89864  5.94038   0.13985   1.000 30.33912 ? 10  DG  B C2    1 
ATOM   556 N N2    . DG  B 1 10 ? -5.01826  5.64575   -0.53296  1.000 28.95009 ? 10  DG  B N2    1 
ATOM   557 N N3    . DG  B 1 10 ? -3.25784  7.06506   -0.12636  1.000 26.40585 ? 10  DG  B N3    1 
ATOM   558 C C4    . DG  B 1 10 ? -2.16116  7.21396   0.63523   1.000 31.58078 ? 10  DG  B C4    1 
ATOM   559 P P     . DG  B 1 11 ? -3.65897  13.40758  0.99975   1.000 42.18359 ? 11  DG  B P     1 
ATOM   560 O OP1   . DG  B 1 11 ? -3.90267  14.77464  0.49491   1.000 42.38683 ? 11  DG  B OP1   1 
ATOM   561 O OP2   . DG  B 1 11 ? -3.38149  13.16633  2.43857   1.000 44.43384 ? 11  DG  B OP2   1 
ATOM   562 O "O5'" . DG  B 1 11 ? -4.89241  12.47930  0.59526   1.000 43.03392 ? 11  DG  B "O5'" 1 
ATOM   563 C "C5'" . DG  B 1 11 ? -5.42646  12.55209  -0.71520  1.000 35.88358 ? 11  DG  B "C5'" 1 
ATOM   564 C "C4'" . DG  B 1 11 ? -6.71003  11.74909  -0.83023  1.000 39.34924 ? 11  DG  B "C4'" 1 
ATOM   565 O "O4'" . DG  B 1 11 ? -6.45823  10.38098  -0.42343  1.000 30.75293 ? 11  DG  B "O4'" 1 
ATOM   566 C "C3'" . DG  B 1 11 ? -7.86419  12.21152  0.05256   1.000 36.64419 ? 11  DG  B "C3'" 1 
ATOM   567 O "O3'" . DG  B 1 11 ? -9.09469  11.76366  -0.50970  1.000 39.05335 ? 11  DG  B "O3'" 1 
ATOM   568 C "C2'" . DG  B 1 11 ? -7.57638  11.44165  1.33590   1.000 32.44719 ? 11  DG  B "C2'" 1 
ATOM   569 C "C1'" . DG  B 1 11 ? -7.20705  10.09296  0.74421   1.000 33.34258 ? 11  DG  B "C1'" 1 
ATOM   570 N N9    . DG  B 1 11 ? -6.37845  9.25278   1.60942   1.000 30.87701 ? 11  DG  B N9    1 
ATOM   571 C C8    . DG  B 1 11 ? -5.19098  9.59580   2.19905   1.000 31.73121 ? 11  DG  B C8    1 
ATOM   572 N N7    . DG  B 1 11 ? -4.65586  8.61722   2.89399   1.000 33.60992 ? 11  DG  B N7    1 
ATOM   573 C C5    . DG  B 1 11 ? -5.53805  7.55829   2.72952   1.000 29.70877 ? 11  DG  B C5    1 
ATOM   574 C C6    . DG  B 1 11 ? -5.48566  6.24388   3.24516   1.000 30.72608 ? 11  DG  B C6    1 
ATOM   575 O O6    . DG  B 1 11 ? -4.61770  5.74397   3.97473   1.000 30.84050 ? 11  DG  B O6    1 
ATOM   576 N N1    . DG  B 1 11 ? -6.58407  5.48498   2.84166   1.000 31.90851 ? 11  DG  B N1    1 
ATOM   577 C C2    . DG  B 1 11 ? -7.60783  5.94571   2.03355   1.000 31.68204 ? 11  DG  B C2    1 
ATOM   578 N N2    . DG  B 1 11 ? -8.58985  5.06524   1.74658   1.000 26.69984 ? 11  DG  B N2    1 
ATOM   579 N N3    . DG  B 1 11 ? -7.66852  7.18544   1.54827   1.000 30.20203 ? 11  DG  B N3    1 
ATOM   580 C C4    . DG  B 1 11 ? -6.60258  7.93170   1.93456   1.000 31.45579 ? 11  DG  B C4    1 
ATOM   581 P P     . DT  B 1 12 ? -9.74168  12.48138  -1.79455  1.000 40.48363 ? 12  DT  B P     1 
ATOM   582 O OP1   . DT  B 1 12 ? -9.31042  13.89426  -1.75847  1.000 34.18198 ? 12  DT  B OP1   1 
ATOM   583 O OP2   . DT  B 1 12 ? -11.17333 12.09999  -1.84558  1.000 35.21304 ? 12  DT  B OP2   1 
ATOM   584 O "O5'" . DT  B 1 12 ? -9.07754  11.71832  -3.03324  1.000 40.81390 ? 12  DT  B "O5'" 1 
ATOM   585 C "C5'" . DT  B 1 12 ? -9.27804  10.32155  -3.18440  1.000 38.19242 ? 12  DT  B "C5'" 1 
ATOM   586 C "C4'" . DT  B 1 12 ? -8.78023  9.85672   -4.53674  1.000 39.88473 ? 12  DT  B "C4'" 1 
ATOM   587 O "O4'" . DT  B 1 12 ? -9.58791  10.45870  -5.58524  1.000 38.63583 ? 12  DT  B "O4'" 1 
ATOM   588 C "C3'" . DT  B 1 12 ? -7.33700  10.23077  -4.85645  1.000 38.50290 ? 12  DT  B "C3'" 1 
ATOM   589 O "O3'" . DT  B 1 12 ? -6.74900  9.22357   -5.65874  1.000 41.28041 ? 12  DT  B "O3'" 1 
ATOM   590 C "C2'" . DT  B 1 12 ? -7.48961  11.53812  -5.62755  1.000 40.24518 ? 12  DT  B "C2'" 1 
ATOM   591 C "C1'" . DT  B 1 12 ? -8.77360  11.27974  -6.40680  1.000 38.85100 ? 12  DT  B "C1'" 1 
ATOM   592 N N1    . DT  B 1 12 ? -9.53625  12.52071  -6.74535  1.000 37.47690 ? 12  DT  B N1    1 
ATOM   593 C C2    . DT  B 1 12 ? -9.49107  13.00524  -8.03297  1.000 38.51118 ? 12  DT  B C2    1 
ATOM   594 O O2    . DT  B 1 12 ? -8.85425  12.48071  -8.92263  1.000 40.35158 ? 12  DT  B O2    1 
ATOM   595 N N3    . DT  B 1 12 ? -10.22225 14.13153  -8.24508  1.000 33.63792 ? 12  DT  B N3    1 
ATOM   596 C C4    . DT  B 1 12 ? -10.99054 14.81696  -7.33198  1.000 37.24014 ? 12  DT  B C4    1 
ATOM   597 O O4    . DT  B 1 12 ? -11.61935 15.83083  -7.63545  1.000 39.99074 ? 12  DT  B O4    1 
ATOM   598 C C5    . DT  B 1 12 ? -11.00292 14.26608  -5.99905  1.000 37.77299 ? 12  DT  B C5    1 
ATOM   599 C C7    . DT  B 1 12 ? -11.80738 14.92570  -4.92166  1.000 36.71140 ? 12  DT  B C7    1 
ATOM   600 C C6    . DT  B 1 12 ? -10.28464 13.15116  -5.77088  1.000 37.47024 ? 12  DT  B C6    1 
ATOM   601 P P     . DG  B 1 13 ? -5.21230  8.80563   -5.44305  1.000 40.61475 ? 13  DG  B P     1 
ATOM   602 O OP1   . DG  B 1 13 ? -4.82270  9.18644   -4.06395  1.000 38.31068 ? 13  DG  B OP1   1 
ATOM   603 O OP2   . DG  B 1 13 ? -4.43036  9.31781   -6.58270  1.000 46.68382 ? 13  DG  B OP2   1 
ATOM   604 O "O5'" . DG  B 1 13 ? -5.24741  7.21751   -5.55473  1.000 35.67462 ? 13  DG  B "O5'" 1 
ATOM   605 C "C5'" . DG  B 1 13 ? -5.94696  6.59346   -6.60936  1.000 37.69595 ? 13  DG  B "C5'" 1 
ATOM   606 C "C4'" . DG  B 1 13 ? -6.46828  5.25095   -6.14611  1.000 35.23188 ? 13  DG  B "C4'" 1 
ATOM   607 O "O4'" . DG  B 1 13 ? -5.37572  4.49856   -5.56592  1.000 34.42819 ? 13  DG  B "O4'" 1 
ATOM   608 C "C3'" . DG  B 1 13 ? -7.55110  5.33493   -5.06821  1.000 31.36385 ? 13  DG  B "C3'" 1 
ATOM   609 O "O3'" . DG  B 1 13 ? -8.74112  4.73652   -5.52711  1.000 29.68940 ? 13  DG  B "O3'" 1 
ATOM   610 C "C2'" . DG  B 1 13 ? -6.96806  4.58366   -3.86372  1.000 32.00864 ? 13  DG  B "C2'" 1 
ATOM   611 C "C1'" . DG  B 1 13 ? -5.84839  3.75493   -4.47846  1.000 31.20666 ? 13  DG  B "C1'" 1 
ATOM   612 N N9    . DG  B 1 13 ? -4.73534  3.53738   -3.55368  1.000 30.14343 ? 13  DG  B N9    1 
ATOM   613 C C8    . DG  B 1 13 ? -3.67657  4.38613   -3.31519  1.000 29.04072 ? 13  DG  B C8    1 
ATOM   614 N N7    . DG  B 1 13 ? -2.84577  3.93339   -2.41245  1.000 30.52706 ? 13  DG  B N7    1 
ATOM   615 C C5    . DG  B 1 13 ? -3.37947  2.71089   -2.03747  1.000 24.73666 ? 13  DG  B C5    1 
ATOM   616 C C6    . DG  B 1 13 ? -2.90736  1.76908   -1.09576  1.000 26.61811 ? 13  DG  B C6    1 
ATOM   617 O O6    . DG  B 1 13 ? -1.88683  1.84745   -0.39894  1.000 21.33680 ? 13  DG  B O6    1 
ATOM   618 N N1    . DG  B 1 13 ? -3.75224  0.65381   -1.00634  1.000 23.48016 ? 13  DG  B N1    1 
ATOM   619 C C2    . DG  B 1 13 ? -4.92015  0.49194   -1.74119  1.000 28.43232 ? 13  DG  B C2    1 
ATOM   620 N N2    . DG  B 1 13 ? -5.62002  -0.64343  -1.53890  1.000 26.19541 ? 13  DG  B N2    1 
ATOM   621 N N3    . DG  B 1 13 ? -5.36263  1.37205   -2.62549  1.000 28.58126 ? 13  DG  B N3    1 
ATOM   622 C C4    . DG  B 1 13 ? -4.54953  2.45571   -2.71808  1.000 28.80981 ? 13  DG  B C4    1 
ATOM   623 P P     . DG  B 1 14 ? -10.06288 4.77848   -4.60871  1.000 40.58703 ? 14  DG  B P     1 
ATOM   624 O OP1   . DG  B 1 14 ? -11.23648 4.48662   -5.45805  1.000 37.72590 ? 14  DG  B OP1   1 
ATOM   625 O OP2   . DG  B 1 14 ? -10.00924 5.99399   -3.77647  1.000 39.00069 ? 14  DG  B OP2   1 
ATOM   626 O "O5'" . DG  B 1 14 ? -9.88164  3.54147   -3.63055  1.000 32.93133 ? 14  DG  B "O5'" 1 
ATOM   627 C "C5'" . DG  B 1 14 ? -10.07447 2.23884   -4.12094  1.000 31.13039 ? 14  DG  B "C5'" 1 
ATOM   628 C "C4'" . DG  B 1 14 ? -10.52988 1.32193   -3.01951  1.000 35.76971 ? 14  DG  B "C4'" 1 
ATOM   629 O "O4'" . DG  B 1 14 ? -9.40137  0.99767   -2.17277  1.000 30.09267 ? 14  DG  B "O4'" 1 
ATOM   630 C "C3'" . DG  B 1 14 ? -11.58855 1.90544   -2.09410  1.000 34.07099 ? 14  DG  B "C3'" 1 
ATOM   631 O "O3'" . DG  B 1 14 ? -12.40613 0.85228   -1.62337  1.000 31.07495 ? 14  DG  B "O3'" 1 
ATOM   632 C "C2'" . DG  B 1 14 ? -10.73910 2.50967   -0.97562  1.000 32.13965 ? 14  DG  B "C2'" 1 
ATOM   633 C "C1'" . DG  B 1 14 ? -9.62281  1.48219   -0.87221  1.000 31.07860 ? 14  DG  B "C1'" 1 
ATOM   634 N N9    . DG  B 1 14 ? -8.35947  2.00652   -0.36163  1.000 29.54714 ? 14  DG  B N9    1 
ATOM   635 C C8    . DG  B 1 14 ? -7.69637  3.14880   -0.74962  1.000 31.70145 ? 14  DG  B C8    1 
ATOM   636 N N7    . DG  B 1 14 ? -6.57221  3.34000   -0.10278  1.000 29.59373 ? 14  DG  B N7    1 
ATOM   637 C C5    . DG  B 1 14 ? -6.49076  2.24701   0.75605   1.000 30.27489 ? 14  DG  B C5    1 
ATOM   638 C C6    . DG  B 1 14 ? -5.49421  1.89537   1.69854   1.000 29.34673 ? 14  DG  B C6    1 
ATOM   639 O O6    . DG  B 1 14 ? -4.45006  2.50527   1.96523   1.000 29.08304 ? 14  DG  B O6    1 
ATOM   640 N N1    . DG  B 1 14 ? -5.80422  0.70183   2.35563   1.000 28.59873 ? 14  DG  B N1    1 
ATOM   641 C C2    . DG  B 1 14 ? -6.94492  -0.05280  2.11946   1.000 29.74584 ? 14  DG  B C2    1 
ATOM   642 N N2    . DG  B 1 14 ? -7.09858  -1.17578  2.83934   1.000 27.56999 ? 14  DG  B N2    1 
ATOM   643 N N3    . DG  B 1 14 ? -7.86976  0.27254   1.24395   1.000 30.05605 ? 14  DG  B N3    1 
ATOM   644 C C4    . DG  B 1 14 ? -7.58040  1.42387   0.60093   1.000 30.79918 ? 14  DG  B C4    1 
ATOM   645 P P     . DG  B 1 15 ? -13.64691 1.13499   -0.64626  1.000 36.63425 ? 15  DG  B P     1 
ATOM   646 O OP1   . DG  B 1 15 ? -14.76284 0.29822   -1.12650  1.000 33.43388 ? 15  DG  B OP1   1 
ATOM   647 O OP2   . DG  B 1 15 ? -13.80972 2.58065   -0.43222  1.000 29.45037 ? 15  DG  B OP2   1 
ATOM   648 O "O5'" . DG  B 1 15 ? -13.16864 0.55505   0.76551   1.000 35.25862 ? 15  DG  B "O5'" 1 
ATOM   649 C "C5'" . DG  B 1 15 ? -12.85048 -0.80328  0.91159   1.000 35.69660 ? 15  DG  B "C5'" 1 
ATOM   650 C "C4'" . DG  B 1 15 ? -12.79282 -1.16067  2.38301   1.000 37.98848 ? 15  DG  B "C4'" 1 
ATOM   651 O "O4'" . DG  B 1 15 ? -11.49427 -0.80279  2.92144   1.000 36.39505 ? 15  DG  B "O4'" 1 
ATOM   652 C "C3'" . DG  B 1 15 ? -13.81002 -0.43144  3.25894   1.000 38.76040 ? 15  DG  B "C3'" 1 
ATOM   653 O "O3'" . DG  B 1 15 ? -14.21033 -1.27401  4.31056   1.000 45.58090 ? 15  DG  B "O3'" 1 
ATOM   654 C "C2'" . DG  B 1 15 ? -13.01230 0.76123   3.78364   1.000 35.92695 ? 15  DG  B "C2'" 1 
ATOM   655 C "C1'" . DG  B 1 15 ? -11.65103 0.11806   3.98122   1.000 33.90645 ? 15  DG  B "C1'" 1 
ATOM   656 N N9    . DG  B 1 15 ? -10.52963 1.04122   3.92293   1.000 34.81690 ? 15  DG  B N9    1 
ATOM   657 C C8    . DG  B 1 15 ? -10.36762 2.11809   3.08297   1.000 35.05475 ? 15  DG  B C8    1 
ATOM   658 N N7    . DG  B 1 15 ? -9.23021  2.74163   3.25911   1.000 35.38989 ? 15  DG  B N7    1 
ATOM   659 C C5    . DG  B 1 15 ? -8.60228  2.02116   4.25604   1.000 31.19323 ? 15  DG  B C5    1 
ATOM   660 C C6    . DG  B 1 15 ? -7.33891  2.21790   4.87383   1.000 32.24616 ? 15  DG  B C6    1 
ATOM   661 O O6    . DG  B 1 15 ? -6.49192  3.09777   4.63552   1.000 28.53416 ? 15  DG  B O6    1 
ATOM   662 N N1    . DG  B 1 15 ? -7.09522  1.25609   5.85991   1.000 28.52147 ? 15  DG  B N1    1 
ATOM   663 C C2    . DG  B 1 15 ? -7.96556  0.23552   6.19746   1.000 32.49285 ? 15  DG  B C2    1 
ATOM   664 N N2    . DG  B 1 15 ? -7.56667  -0.60200  7.16497   1.000 27.80704 ? 15  DG  B N2    1 
ATOM   665 N N3    . DG  B 1 15 ? -9.14460  0.04837   5.62607   1.000 30.35044 ? 15  DG  B N3    1 
ATOM   666 C C4    . DG  B 1 15 ? -9.39400  0.97178   4.67110   1.000 33.66558 ? 15  DG  B C4    1 
ATOM   667 P P     . DT  B 1 16 ? -15.64832 -1.06224  4.98467   1.000 54.33899 ? 16  DT  B P     1 
ATOM   668 O OP1   . DT  B 1 16 ? -16.00957 -2.36909  5.57702   1.000 48.95758 ? 16  DT  B OP1   1 
ATOM   669 O OP2   . DT  B 1 16 ? -16.51831 -0.43233  3.95097   1.000 48.68206 ? 16  DT  B OP2   1 
ATOM   670 O "O5'" . DT  B 1 16 ? -15.39004 0.07127   6.10285   1.000 43.81616 ? 16  DT  B "O5'" 1 
ATOM   671 C "C5'" . DT  B 1 16 ? -15.34003 -0.26846  7.49357   1.000 41.88805 ? 16  DT  B "C5'" 1 
ATOM   672 C "C4'" . DT  B 1 16 ? -13.90389 -0.39322  7.98063   1.000 41.38786 ? 16  DT  B "C4'" 1 
ATOM   673 O "O4'" . DT  B 1 16 ? -13.04473 0.50394   7.23560   1.000 39.51127 ? 16  DT  B "O4'" 1 
ATOM   674 C "C3'" . DT  B 1 16 ? -13.69581 -0.06568  9.46025   1.000 39.31959 ? 16  DT  B "C3'" 1 
ATOM   675 O "O3'" . DT  B 1 16 ? -13.13635 -1.19727  10.12505  1.000 46.34550 ? 16  DT  B "O3'" 1 
ATOM   676 C "C2'" . DT  B 1 16 ? -12.72999 1.13582   9.46022   1.000 35.78931 ? 16  DT  B "C2'" 1 
ATOM   677 C "C1'" . DT  B 1 16 ? -12.05904 1.01550   8.09549   1.000 38.98468 ? 16  DT  B "C1'" 1 
ATOM   678 N N1    . DT  B 1 16 ? -11.55693 2.32866   7.52228   1.000 34.21372 ? 16  DT  B N1    1 
ATOM   679 C C2    . DT  B 1 16 ? -10.39701 2.88084   8.01675   1.000 35.81764 ? 16  DT  B C2    1 
ATOM   680 O O2    . DT  B 1 16 ? -9.74195  2.37745   8.92202   1.000 40.57149 ? 16  DT  B O2    1 
ATOM   681 N N3    . DT  B 1 16 ? -10.02451 4.05019   7.42433   1.000 34.71262 ? 16  DT  B N3    1 
ATOM   682 C C4    . DT  B 1 16 ? -10.67710 4.71326   6.39489   1.000 39.00003 ? 16  DT  B C4    1 
ATOM   683 O O4    . DT  B 1 16 ? -10.25890 5.76098   5.92846   1.000 42.28383 ? 16  DT  B O4    1 
ATOM   684 C C5    . DT  B 1 16 ? -11.88222 4.08202   5.91088   1.000 34.16271 ? 16  DT  B C5    1 
ATOM   685 C C7    . DT  B 1 16 ? -12.66760 4.71598   4.79572   1.000 40.70459 ? 16  DT  B C7    1 
ATOM   686 C C6    . DT  B 1 16 ? -12.26043 2.93056   6.48740   1.000 36.82502 ? 16  DT  B C6    1 
HETATM 687 K K     . K   C 2 .  ? 3.58950   -3.45847  -4.50750  1.000 24.03310 ? 101 K   A K     1 
HETATM 688 K K     . K   D 2 .  ? 1.77756   -1.82189  -2.03628  1.000 23.37160 ? 102 K   A K     1 
HETATM 689 K K     . K   E 2 .  ? -0.04382  -0.15366  0.17747   1.000 22.03074 ? 103 K   A K     1 
HETATM 690 K K     . K   F 2 .  ? 9.42868   8.67604   -11.27904 1.000 36.17157 ? 104 K   A K     1 
HETATM 691 K K     . K   G 2 .  ? -1.78728  1.47221   2.35788   1.000 21.79120 ? 101 K   B K     1 
HETATM 692 K K     . K   H 2 .  ? -3.82937  3.28671   4.54969   1.000 25.36423 ? 102 K   B K     1 
HETATM 693 K K     . K   I 2 .  ? -17.21072 -0.47969  -1.03188  1.000 34.24008 ? 103 K   B K     1 
HETATM 694 O O     . HOH J 3 .  ? 0.52518   2.06272   -11.05599 1.000 31.03497 ? 201 HOH A O     1 
HETATM 695 O O     . HOH J 3 .  ? 13.17176  -3.08083  -1.52301  1.000 41.46299 ? 202 HOH A O     1 
HETATM 696 O O     . HOH J 3 .  ? 18.83639  0.79334   -1.23074  1.000 48.78575 ? 203 HOH A O     1 
HETATM 697 O O     . HOH J 3 .  ? -8.90836  4.38126   -14.83726 1.000 40.49041 ? 204 HOH A O     1 
HETATM 698 O O     . HOH J 3 .  ? 10.65974  -11.36598 0.15402   1.000 38.35302 ? 205 HOH A O     1 
HETATM 699 O O     . HOH J 3 .  ? 17.47238  -13.59357 8.50187   1.000 34.31484 ? 206 HOH A O     1 
HETATM 700 O O     . HOH J 3 .  ? -14.60225 -16.21250 -3.25220  1.000 36.90080 ? 207 HOH A O     1 
HETATM 701 O O     . HOH J 3 .  ? 7.84906   -6.08081  2.46541   1.000 32.24593 ? 208 HOH A O     1 
HETATM 702 O O     . HOH J 3 .  ? -2.40909  -8.83003  -6.15997  1.000 30.36560 ? 209 HOH A O     1 
HETATM 703 O O     . HOH J 3 .  ? 3.27905   8.60928   3.19948   1.000 36.46526 ? 210 HOH A O     1 
HETATM 704 O O     . HOH J 3 .  ? -6.83408  6.57697   -14.57205 1.000 40.67100 ? 211 HOH A O     1 
HETATM 705 O O     . HOH J 3 .  ? -1.46560  0.06294   -10.40217 1.000 32.49420 ? 212 HOH A O     1 
HETATM 706 O O     . HOH J 3 .  ? 14.11695  -12.79388 1.73579   1.000 37.08535 ? 213 HOH A O     1 
HETATM 707 O O     . HOH J 3 .  ? -12.87288 -16.14792 -1.83582  1.000 46.53538 ? 214 HOH A O     1 
HETATM 708 O O     . HOH J 3 .  ? 5.71944   9.04821   -8.57999  1.000 38.41493 ? 215 HOH A O     1 
HETATM 709 O O     . HOH J 3 .  ? 6.11709   5.00867   -4.53451  1.000 33.60791 ? 216 HOH A O     1 
HETATM 710 O O     . HOH J 3 .  ? 11.91387  -6.85642  10.92281  1.000 39.69235 ? 217 HOH A O     1 
HETATM 711 O O     . HOH J 3 .  ? -12.18561 -13.55254 -1.28908  1.000 41.38007 ? 218 HOH A O     1 
HETATM 712 O O     . HOH J 3 .  ? -1.89608  -17.15016 2.01520   1.000 36.52052 ? 219 HOH A O     1 
HETATM 713 O O     . HOH J 3 .  ? -14.49609 -14.05371 -1.46121  1.000 44.20957 ? 220 HOH A O     1 
HETATM 714 O O     . HOH J 3 .  ? 18.05488  -1.26082  -0.21915  1.000 48.48311 ? 221 HOH A O     1 
HETATM 715 O O     . HOH K 3 .  ? -7.34313  -3.56840  11.15821  1.000 38.84918 ? 201 HOH B O     1 
HETATM 716 O O     . HOH K 3 .  ? -4.45777  8.25527   -8.73106  1.000 47.78118 ? 202 HOH B O     1 
HETATM 717 O O     . HOH K 3 .  ? -7.50749  12.42447  -10.91852 1.000 38.43710 ? 203 HOH B O     1 
HETATM 718 O O     . HOH K 3 .  ? 1.14435   -7.58781  22.45865  1.000 36.32686 ? 204 HOH B O     1 
HETATM 719 O O     . HOH K 3 .  ? -0.97736  0.71574   15.54196  1.000 37.73387 ? 205 HOH B O     1 
HETATM 720 O O     . HOH K 3 .  ? 13.39607  17.18931  1.77796   1.000 35.92956 ? 206 HOH B O     1 
HETATM 721 O O     . HOH K 3 .  ? -6.27179  8.24253   -2.04996  1.000 32.40555 ? 207 HOH B O     1 
HETATM 722 O O     . HOH K 3 .  ? -0.31887  -2.30146  9.99195   1.000 29.12703 ? 208 HOH B O     1 
HETATM 723 O O     . HOH K 3 .  ? 3.16740   -10.02955 14.30921  1.000 37.75734 ? 209 HOH B O     1 
HETATM 724 O O     . HOH K 3 .  ? 1.22643   9.91123   4.22084   1.000 33.58888 ? 210 HOH B O     1 
HETATM 725 O O     . HOH K 3 .  ? 11.84391  12.87264  1.71580   1.000 41.27441 ? 211 HOH B O     1 
HETATM 726 O O     . HOH K 3 .  ? 0.34447   3.47320   12.20562  1.000 43.02494 ? 212 HOH B O     1 
HETATM 727 O O     . HOH K 3 .  ? -7.19549  14.68348  -3.79218  1.000 41.72918 ? 213 HOH B O     1 
HETATM 728 O O     . HOH K 3 .  ? 13.51571  14.27277  1.05343   1.000 43.42052 ? 214 HOH B O     1 
HETATM 729 O O     . HOH K 3 .  ? -7.69350  15.53772  -6.45139  1.000 42.20597 ? 215 HOH B O     1 
HETATM 730 O O     . HOH K 3 .  ? -9.51418  -2.94936  8.91369   1.000 45.10140 ? 216 HOH B O     1 
# 
loop_
_pdbx_poly_seq_scheme.asym_id 
_pdbx_poly_seq_scheme.entity_id 
_pdbx_poly_seq_scheme.seq_id 
_pdbx_poly_seq_scheme.mon_id 
_pdbx_poly_seq_scheme.ndb_seq_num 
_pdbx_poly_seq_scheme.pdb_seq_num 
_pdbx_poly_seq_scheme.auth_seq_num 
_pdbx_poly_seq_scheme.pdb_mon_id 
_pdbx_poly_seq_scheme.auth_mon_id 
_pdbx_poly_seq_scheme.pdb_strand_id 
_pdbx_poly_seq_scheme.pdb_ins_code 
_pdbx_poly_seq_scheme.hetero 
A 1 1  DG 1  1  1  DG DG A . n 
A 1 2  DG 2  2  2  DG DG A . n 
A 1 3  DG 3  3  3  DG DG A . n 
A 1 4  DG 4  4  4  DG DG A . n 
A 1 5  DT 5  5  5  DT DT A . n 
A 1 6  DG 6  6  6  DG DG A . n 
A 1 7  DG 7  7  7  DG DG A . n 
A 1 8  DG 8  8  8  DG DG A . n 
A 1 9  DG 9  9  9  DG DG A . n 
A 1 10 DG 10 10 10 DG DG A . n 
A 1 11 DG 11 11 11 DG DG A . n 
A 1 12 DT 12 12 12 DT DT A . n 
A 1 13 DG 13 13 13 DG DG A . n 
A 1 14 DG 14 14 14 DG DG A . n 
A 1 15 DG 15 15 15 DG DG A . n 
A 1 16 DT 16 16 16 DT DT A . n 
B 1 1  DG 1  1  1  DG DG B . n 
B 1 2  DG 2  2  2  DG DG B . n 
B 1 3  DG 3  3  3  DG DG B . n 
B 1 4  DG 4  4  4  DG DG B . n 
B 1 5  DT 5  5  5  DT DT B . n 
B 1 6  DG 6  6  6  DG DG B . n 
B 1 7  DG 7  7  7  DG DG B . n 
B 1 8  DG 8  8  8  DG DG B . n 
B 1 9  DG 9  9  9  DG DG B . n 
B 1 10 DG 10 10 10 DG DG B . n 
B 1 11 DG 11 11 11 DG DG B . n 
B 1 12 DT 12 12 12 DT DT B . n 
B 1 13 DG 13 13 13 DG DG B . n 
B 1 14 DG 14 14 14 DG DG B . n 
B 1 15 DG 15 15 15 DG DG B . n 
B 1 16 DT 16 16 16 DT DT B . n 
# 
_pdbx_contact_author.id                 2 
_pdbx_contact_author.email              Phantuan@ntu.edu.sg 
_pdbx_contact_author.name_first         Tuan 
_pdbx_contact_author.name_last          Phan 
_pdbx_contact_author.name_mi            Anh 
_pdbx_contact_author.role               'principal investigator/group leader' 
_pdbx_contact_author.identifier_ORCID   0000-0002-4970-3861 
# 
loop_
_pdbx_nonpoly_scheme.asym_id 
_pdbx_nonpoly_scheme.entity_id 
_pdbx_nonpoly_scheme.mon_id 
_pdbx_nonpoly_scheme.ndb_seq_num 
_pdbx_nonpoly_scheme.pdb_seq_num 
_pdbx_nonpoly_scheme.auth_seq_num 
_pdbx_nonpoly_scheme.pdb_mon_id 
_pdbx_nonpoly_scheme.auth_mon_id 
_pdbx_nonpoly_scheme.pdb_strand_id 
_pdbx_nonpoly_scheme.pdb_ins_code 
C 2 K   1  101 1  K   K   A . 
D 2 K   1  102 2  K   K   A . 
E 2 K   1  103 3  K   K   A . 
F 2 K   1  104 7  K   K   A . 
G 2 K   1  101 4  K   K   B . 
H 2 K   1  102 5  K   K   B . 
I 2 K   1  103 6  K   K   B . 
J 3 HOH 1  201 18 HOH HOH A . 
J 3 HOH 2  202 9  HOH HOH A . 
J 3 HOH 3  203 38 HOH HOH A . 
J 3 HOH 4  204 31 HOH HOH A . 
J 3 HOH 5  205 5  HOH HOH A . 
J 3 HOH 6  206 35 HOH HOH A . 
J 3 HOH 7  207 42 HOH HOH A . 
J 3 HOH 8  208 15 HOH HOH A . 
J 3 HOH 9  209 13 HOH HOH A . 
J 3 HOH 10 210 25 HOH HOH A . 
J 3 HOH 11 211 16 HOH HOH A . 
J 3 HOH 12 212 17 HOH HOH A . 
J 3 HOH 13 213 19 HOH HOH A . 
J 3 HOH 14 214 37 HOH HOH A . 
J 3 HOH 15 215 47 HOH HOH A . 
J 3 HOH 16 216 22 HOH HOH A . 
J 3 HOH 17 217 11 HOH HOH A . 
J 3 HOH 18 218 3  HOH HOH A . 
J 3 HOH 19 219 28 HOH HOH A . 
J 3 HOH 20 220 21 HOH HOH A . 
J 3 HOH 21 221 40 HOH HOH A . 
K 3 HOH 1  201 7  HOH HOH B . 
K 3 HOH 2  202 46 HOH HOH B . 
K 3 HOH 3  203 4  HOH HOH B . 
K 3 HOH 4  204 10 HOH HOH B . 
K 3 HOH 5  205 6  HOH HOH B . 
K 3 HOH 6  206 41 HOH HOH B . 
K 3 HOH 7  207 45 HOH HOH B . 
K 3 HOH 8  208 26 HOH HOH B . 
K 3 HOH 9  209 12 HOH HOH B . 
K 3 HOH 10 210 14 HOH HOH B . 
K 3 HOH 11 211 32 HOH HOH B . 
K 3 HOH 12 212 44 HOH HOH B . 
K 3 HOH 13 213 24 HOH HOH B . 
K 3 HOH 14 214 33 HOH HOH B . 
K 3 HOH 15 215 39 HOH HOH B . 
K 3 HOH 16 216 27 HOH HOH B . 
# 
_pdbx_struct_assembly.id                   1 
_pdbx_struct_assembly.details              author_defined_assembly 
_pdbx_struct_assembly.method_details       ? 
_pdbx_struct_assembly.oligomeric_details   dimeric 
_pdbx_struct_assembly.oligomeric_count     2 
# 
_pdbx_struct_assembly_gen.assembly_id       1 
_pdbx_struct_assembly_gen.oper_expression   1 
_pdbx_struct_assembly_gen.asym_id_list      A,B,C,D,E,F,G,H,I,J,K 
# 
loop_
_pdbx_struct_assembly_prop.biol_id 
_pdbx_struct_assembly_prop.type 
_pdbx_struct_assembly_prop.value 
_pdbx_struct_assembly_prop.details 
1 'ABSA (A^2)' 2580 ? 
1 MORE         -0   ? 
1 'SSA (A^2)'  5740 ? 
# 
_pdbx_struct_oper_list.id                   1 
_pdbx_struct_oper_list.type                 'identity operation' 
_pdbx_struct_oper_list.name                 1_555 
_pdbx_struct_oper_list.symmetry_operation   x,y,z 
_pdbx_struct_oper_list.matrix[1][1]         1.0000000000 
_pdbx_struct_oper_list.matrix[1][2]         0.0000000000 
_pdbx_struct_oper_list.matrix[1][3]         0.0000000000 
_pdbx_struct_oper_list.vector[1]            0.0000000000 
_pdbx_struct_oper_list.matrix[2][1]         0.0000000000 
_pdbx_struct_oper_list.matrix[2][2]         1.0000000000 
_pdbx_struct_oper_list.matrix[2][3]         0.0000000000 
_pdbx_struct_oper_list.vector[2]            0.0000000000 
_pdbx_struct_oper_list.matrix[3][1]         0.0000000000 
_pdbx_struct_oper_list.matrix[3][2]         0.0000000000 
_pdbx_struct_oper_list.matrix[3][3]         1.0000000000 
_pdbx_struct_oper_list.vector[3]            0.0000000000 
# 
loop_
_pdbx_struct_conn_angle.id 
_pdbx_struct_conn_angle.ptnr1_label_atom_id 
_pdbx_struct_conn_angle.ptnr1_label_alt_id 
_pdbx_struct_conn_angle.ptnr1_label_asym_id 
_pdbx_struct_conn_angle.ptnr1_label_comp_id 
_pdbx_struct_conn_angle.ptnr1_label_seq_id 
_pdbx_struct_conn_angle.ptnr1_auth_atom_id 
_pdbx_struct_conn_angle.ptnr1_auth_asym_id 
_pdbx_struct_conn_angle.ptnr1_auth_comp_id 
_pdbx_struct_conn_angle.ptnr1_auth_seq_id 
_pdbx_struct_conn_angle.ptnr1_PDB_ins_code 
_pdbx_struct_conn_angle.ptnr1_symmetry 
_pdbx_struct_conn_angle.ptnr2_label_atom_id 
_pdbx_struct_conn_angle.ptnr2_label_alt_id 
_pdbx_struct_conn_angle.ptnr2_label_asym_id 
_pdbx_struct_conn_angle.ptnr2_label_comp_id 
_pdbx_struct_conn_angle.ptnr2_label_seq_id 
_pdbx_struct_conn_angle.ptnr2_auth_atom_id 
_pdbx_struct_conn_angle.ptnr2_auth_asym_id 
_pdbx_struct_conn_angle.ptnr2_auth_comp_id 
_pdbx_struct_conn_angle.ptnr2_auth_seq_id 
_pdbx_struct_conn_angle.ptnr2_PDB_ins_code 
_pdbx_struct_conn_angle.ptnr2_symmetry 
_pdbx_struct_conn_angle.ptnr3_label_atom_id 
_pdbx_struct_conn_angle.ptnr3_label_alt_id 
_pdbx_struct_conn_angle.ptnr3_label_asym_id 
_pdbx_struct_conn_angle.ptnr3_label_comp_id 
_pdbx_struct_conn_angle.ptnr3_label_seq_id 
_pdbx_struct_conn_angle.ptnr3_auth_atom_id 
_pdbx_struct_conn_angle.ptnr3_auth_asym_id 
_pdbx_struct_conn_angle.ptnr3_auth_comp_id 
_pdbx_struct_conn_angle.ptnr3_auth_seq_id 
_pdbx_struct_conn_angle.ptnr3_PDB_ins_code 
_pdbx_struct_conn_angle.ptnr3_symmetry 
_pdbx_struct_conn_angle.value 
_pdbx_struct_conn_angle.value_esd 
1   O6 ? A DG 1  ? A DG 1  ? 1_555 K ? E K . ? A K 103 ? 1_555 O6 ? A DG 2  ? A DG 2  ? 1_555 71.3  ? 
2   O6 ? A DG 1  ? A DG 1  ? 1_555 K ? E K . ? A K 103 ? 1_555 O6 ? A DG 6  ? A DG 6  ? 1_555 105.5 ? 
3   O6 ? A DG 2  ? A DG 2  ? 1_555 K ? E K . ? A K 103 ? 1_555 O6 ? A DG 6  ? A DG 6  ? 1_555 69.8  ? 
4   O6 ? A DG 1  ? A DG 1  ? 1_555 K ? E K . ? A K 103 ? 1_555 O6 ? A DG 13 ? A DG 13 ? 1_555 113.8 ? 
5   O6 ? A DG 2  ? A DG 2  ? 1_555 K ? E K . ? A K 103 ? 1_555 O6 ? A DG 13 ? A DG 13 ? 1_555 69.2  ? 
6   O6 ? A DG 6  ? A DG 6  ? 1_555 K ? E K . ? A K 103 ? 1_555 O6 ? A DG 13 ? A DG 13 ? 1_555 107.6 ? 
7   O6 ? A DG 1  ? A DG 1  ? 1_555 K ? E K . ? A K 103 ? 1_555 O6 ? B DG 1  ? B DG 1  ? 1_555 175.0 ? 
8   O6 ? A DG 2  ? A DG 2  ? 1_555 K ? E K . ? A K 103 ? 1_555 O6 ? B DG 1  ? B DG 1  ? 1_555 106.9 ? 
9   O6 ? A DG 6  ? A DG 6  ? 1_555 K ? E K . ? A K 103 ? 1_555 O6 ? B DG 1  ? B DG 1  ? 1_555 69.5  ? 
10  O6 ? A DG 13 ? A DG 13 ? 1_555 K ? E K . ? A K 103 ? 1_555 O6 ? B DG 1  ? B DG 1  ? 1_555 69.2  ? 
11  O6 ? A DG 1  ? A DG 1  ? 1_555 K ? E K . ? A K 103 ? 1_555 O6 ? B DG 2  ? B DG 2  ? 1_555 110.3 ? 
12  O6 ? A DG 2  ? A DG 2  ? 1_555 K ? E K . ? A K 103 ? 1_555 O6 ? B DG 2  ? B DG 2  ? 1_555 174.6 ? 
13  O6 ? A DG 6  ? A DG 6  ? 1_555 K ? E K . ? A K 103 ? 1_555 O6 ? B DG 2  ? B DG 2  ? 1_555 114.1 ? 
14  O6 ? A DG 13 ? A DG 13 ? 1_555 K ? E K . ? A K 103 ? 1_555 O6 ? B DG 2  ? B DG 2  ? 1_555 105.7 ? 
15  O6 ? B DG 1  ? B DG 1  ? 1_555 K ? E K . ? A K 103 ? 1_555 O6 ? B DG 2  ? B DG 2  ? 1_555 72.0  ? 
16  O6 ? A DG 1  ? A DG 1  ? 1_555 K ? E K . ? A K 103 ? 1_555 O6 ? B DG 6  ? B DG 6  ? 1_555 72.7  ? 
17  O6 ? A DG 2  ? A DG 2  ? 1_555 K ? E K . ? A K 103 ? 1_555 O6 ? B DG 6  ? B DG 6  ? 1_555 114.2 ? 
18  O6 ? A DG 6  ? A DG 6  ? 1_555 K ? E K . ? A K 103 ? 1_555 O6 ? B DG 6  ? B DG 6  ? 1_555 69.5  ? 
19  O6 ? A DG 13 ? A DG 13 ? 1_555 K ? E K . ? A K 103 ? 1_555 O6 ? B DG 6  ? B DG 6  ? 1_555 173.4 ? 
20  O6 ? B DG 1  ? B DG 1  ? 1_555 K ? E K . ? A K 103 ? 1_555 O6 ? B DG 6  ? B DG 6  ? 1_555 104.3 ? 
21  O6 ? B DG 2  ? B DG 2  ? 1_555 K ? E K . ? A K 103 ? 1_555 O6 ? B DG 6  ? B DG 6  ? 1_555 71.1  ? 
22  O6 ? A DG 1  ? A DG 1  ? 1_555 K ? E K . ? A K 103 ? 1_555 O6 ? B DG 13 ? B DG 13 ? 1_555 70.9  ? 
23  O6 ? A DG 2  ? A DG 2  ? 1_555 K ? E K . ? A K 103 ? 1_555 O6 ? B DG 13 ? B DG 13 ? 1_555 106.3 ? 
24  O6 ? A DG 6  ? A DG 6  ? 1_555 K ? E K . ? A K 103 ? 1_555 O6 ? B DG 13 ? B DG 13 ? 1_555 175.6 ? 
25  O6 ? A DG 13 ? A DG 13 ? 1_555 K ? E K . ? A K 103 ? 1_555 O6 ? B DG 13 ? B DG 13 ? 1_555 72.2  ? 
26  O6 ? B DG 1  ? B DG 1  ? 1_555 K ? E K . ? A K 103 ? 1_555 O6 ? B DG 13 ? B DG 13 ? 1_555 114.1 ? 
27  O6 ? B DG 2  ? B DG 2  ? 1_555 K ? E K . ? A K 103 ? 1_555 O6 ? B DG 13 ? B DG 13 ? 1_555 69.9  ? 
28  O6 ? B DG 6  ? B DG 6  ? 1_555 K ? E K . ? A K 103 ? 1_555 O6 ? B DG 13 ? B DG 13 ? 1_555 111.2 ? 
29  O6 ? A DG 1  ? A DG 1  ? 1_555 K ? G K . ? B K 101 ? 1_555 O6 ? B DG 2  ? B DG 2  ? 1_555 105.8 ? 
30  O6 ? A DG 1  ? A DG 1  ? 1_555 K ? G K . ? B K 101 ? 1_555 O6 ? B DG 3  ? B DG 3  ? 1_555 156.5 ? 
31  O6 ? B DG 2  ? B DG 2  ? 1_555 K ? G K . ? B K 101 ? 1_555 O6 ? B DG 3  ? B DG 3  ? 1_555 78.6  ? 
32  O6 ? A DG 1  ? A DG 1  ? 1_555 K ? G K . ? B K 101 ? 1_555 O6 ? B DG 6  ? B DG 6  ? 1_555 69.6  ? 
33  O6 ? B DG 2  ? B DG 2  ? 1_555 K ? G K . ? B K 101 ? 1_555 O6 ? B DG 6  ? B DG 6  ? 1_555 66.8  ? 
34  O6 ? B DG 3  ? B DG 3  ? 1_555 K ? G K . ? B K 101 ? 1_555 O6 ? B DG 6  ? B DG 6  ? 1_555 91.9  ? 
35  O6 ? A DG 1  ? A DG 1  ? 1_555 K ? G K . ? B K 101 ? 1_555 O6 ? B DG 7  ? B DG 7  ? 1_555 92.1  ? 
36  O6 ? B DG 2  ? B DG 2  ? 1_555 K ? G K . ? B K 101 ? 1_555 O6 ? B DG 7  ? B DG 7  ? 1_555 137.1 ? 
37  O6 ? B DG 3  ? B DG 3  ? 1_555 K ? G K . ? B K 101 ? 1_555 O6 ? B DG 7  ? B DG 7  ? 1_555 71.0  ? 
38  O6 ? B DG 6  ? B DG 6  ? 1_555 K ? G K . ? B K 101 ? 1_555 O6 ? B DG 7  ? B DG 7  ? 1_555 84.4  ? 
39  O6 ? A DG 1  ? A DG 1  ? 1_555 K ? G K . ? B K 101 ? 1_555 O6 ? B DG 10 ? B DG 10 ? 1_555 83.1  ? 
40  O6 ? B DG 2  ? B DG 2  ? 1_555 K ? G K . ? B K 101 ? 1_555 O6 ? B DG 10 ? B DG 10 ? 1_555 149.9 ? 
41  O6 ? B DG 3  ? B DG 3  ? 1_555 K ? G K . ? B K 101 ? 1_555 O6 ? B DG 10 ? B DG 10 ? 1_555 104.9 ? 
42  O6 ? B DG 6  ? B DG 6  ? 1_555 K ? G K . ? B K 101 ? 1_555 O6 ? B DG 10 ? B DG 10 ? 1_555 141.4 ? 
43  O6 ? B DG 7  ? B DG 7  ? 1_555 K ? G K . ? B K 101 ? 1_555 O6 ? B DG 10 ? B DG 10 ? 1_555 69.3  ? 
44  O6 ? A DG 1  ? A DG 1  ? 1_555 K ? G K . ? B K 101 ? 1_555 O6 ? B DG 13 ? B DG 13 ? 1_555 70.4  ? 
45  O6 ? B DG 2  ? B DG 2  ? 1_555 K ? G K . ? B K 101 ? 1_555 O6 ? B DG 13 ? B DG 13 ? 1_555 68.1  ? 
46  O6 ? B DG 3  ? B DG 3  ? 1_555 K ? G K . ? B K 101 ? 1_555 O6 ? B DG 13 ? B DG 13 ? 1_555 130.8 ? 
47  O6 ? B DG 6  ? B DG 6  ? 1_555 K ? G K . ? B K 101 ? 1_555 O6 ? B DG 13 ? B DG 13 ? 1_555 106.1 ? 
48  O6 ? B DG 7  ? B DG 7  ? 1_555 K ? G K . ? B K 101 ? 1_555 O6 ? B DG 13 ? B DG 13 ? 1_555 153.9 ? 
49  O6 ? B DG 10 ? B DG 10 ? 1_555 K ? G K . ? B K 101 ? 1_555 O6 ? B DG 13 ? B DG 13 ? 1_555 89.0  ? 
50  O6 ? A DG 1  ? A DG 1  ? 1_555 K ? G K . ? B K 101 ? 1_555 O6 ? B DG 14 ? B DG 14 ? 1_555 134.7 ? 
51  O6 ? B DG 2  ? B DG 2  ? 1_555 K ? G K . ? B K 101 ? 1_555 O6 ? B DG 14 ? B DG 14 ? 1_555 90.3  ? 
52  O6 ? B DG 3  ? B DG 3  ? 1_555 K ? G K . ? B K 101 ? 1_555 O6 ? B DG 14 ? B DG 14 ? 1_555 67.3  ? 
53  O6 ? B DG 6  ? B DG 6  ? 1_555 K ? G K . ? B K 101 ? 1_555 O6 ? B DG 14 ? B DG 14 ? 1_555 152.3 ? 
54  O6 ? B DG 7  ? B DG 7  ? 1_555 K ? G K . ? B K 101 ? 1_555 O6 ? B DG 14 ? B DG 14 ? 1_555 104.4 ? 
55  O6 ? B DG 10 ? B DG 10 ? 1_555 K ? G K . ? B K 101 ? 1_555 O6 ? B DG 14 ? B DG 14 ? 1_555 64.9  ? 
56  O6 ? B DG 13 ? B DG 13 ? 1_555 K ? G K . ? B K 101 ? 1_555 O6 ? B DG 14 ? B DG 14 ? 1_555 77.5  ? 
57  O6 ? A DG 2  ? A DG 2  ? 1_555 K ? D K . ? A K 102 ? 1_555 O6 ? A DG 3  ? A DG 3  ? 1_555 79.1  ? 
58  O6 ? A DG 2  ? A DG 2  ? 1_555 K ? D K . ? A K 102 ? 1_555 O6 ? A DG 6  ? A DG 6  ? 1_555 68.2  ? 
59  O6 ? A DG 3  ? A DG 3  ? 1_555 K ? D K . ? A K 102 ? 1_555 O6 ? A DG 6  ? A DG 6  ? 1_555 93.5  ? 
60  O6 ? A DG 2  ? A DG 2  ? 1_555 K ? D K . ? A K 102 ? 1_555 O6 ? A DG 7  ? A DG 7  ? 1_555 138.6 ? 
61  O6 ? A DG 3  ? A DG 3  ? 1_555 K ? D K . ? A K 102 ? 1_555 O6 ? A DG 7  ? A DG 7  ? 1_555 71.1  ? 
62  O6 ? A DG 6  ? A DG 6  ? 1_555 K ? D K . ? A K 102 ? 1_555 O6 ? A DG 7  ? A DG 7  ? 1_555 85.2  ? 
63  O6 ? A DG 2  ? A DG 2  ? 1_555 K ? D K . ? A K 102 ? 1_555 O6 ? A DG 10 ? A DG 10 ? 1_555 152.6 ? 
64  O6 ? A DG 3  ? A DG 3  ? 1_555 K ? D K . ? A K 102 ? 1_555 O6 ? A DG 10 ? A DG 10 ? 1_555 106.6 ? 
65  O6 ? A DG 6  ? A DG 6  ? 1_555 K ? D K . ? A K 102 ? 1_555 O6 ? A DG 10 ? A DG 10 ? 1_555 136.2 ? 
66  O6 ? A DG 7  ? A DG 7  ? 1_555 K ? D K . ? A K 102 ? 1_555 O6 ? A DG 10 ? A DG 10 ? 1_555 66.2  ? 
67  O6 ? A DG 2  ? A DG 2  ? 1_555 K ? D K . ? A K 102 ? 1_555 O6 ? A DG 13 ? A DG 13 ? 1_555 68.3  ? 
68  O6 ? A DG 3  ? A DG 3  ? 1_555 K ? D K . ? A K 102 ? 1_555 O6 ? A DG 13 ? A DG 13 ? 1_555 132.4 ? 
69  O6 ? A DG 6  ? A DG 6  ? 1_555 K ? D K . ? A K 102 ? 1_555 O6 ? A DG 13 ? A DG 13 ? 1_555 104.9 ? 
70  O6 ? A DG 7  ? A DG 7  ? 1_555 K ? D K . ? A K 102 ? 1_555 O6 ? A DG 13 ? A DG 13 ? 1_555 152.2 ? 
71  O6 ? A DG 10 ? A DG 10 ? 1_555 K ? D K . ? A K 102 ? 1_555 O6 ? A DG 13 ? A DG 13 ? 1_555 89.8  ? 
72  O6 ? A DG 2  ? A DG 2  ? 1_555 K ? D K . ? A K 102 ? 1_555 O6 ? A DG 14 ? A DG 14 ? 1_555 89.0  ? 
73  O6 ? A DG 3  ? A DG 3  ? 1_555 K ? D K . ? A K 102 ? 1_555 O6 ? A DG 14 ? A DG 14 ? 1_555 66.3  ? 
74  O6 ? A DG 6  ? A DG 6  ? 1_555 K ? D K . ? A K 102 ? 1_555 O6 ? A DG 14 ? A DG 14 ? 1_555 152.5 ? 
75  O6 ? A DG 7  ? A DG 7  ? 1_555 K ? D K . ? A K 102 ? 1_555 O6 ? A DG 14 ? A DG 14 ? 1_555 104.1 ? 
76  O6 ? A DG 10 ? A DG 10 ? 1_555 K ? D K . ? A K 102 ? 1_555 O6 ? A DG 14 ? A DG 14 ? 1_555 70.1  ? 
77  O6 ? A DG 13 ? A DG 13 ? 1_555 K ? D K . ? A K 102 ? 1_555 O6 ? A DG 14 ? A DG 14 ? 1_555 79.0  ? 
78  O6 ? A DG 2  ? A DG 2  ? 1_555 K ? D K . ? A K 102 ? 1_555 O6 ? B DG 1  ? B DG 1  ? 1_555 107.4 ? 
79  O6 ? A DG 3  ? A DG 3  ? 1_555 K ? D K . ? A K 102 ? 1_555 O6 ? B DG 1  ? B DG 1  ? 1_555 156.5 ? 
80  O6 ? A DG 6  ? A DG 6  ? 1_555 K ? D K . ? A K 102 ? 1_555 O6 ? B DG 1  ? B DG 1  ? 1_555 69.3  ? 
81  O6 ? A DG 7  ? A DG 7  ? 1_555 K ? D K . ? A K 102 ? 1_555 O6 ? B DG 1  ? B DG 1  ? 1_555 90.9  ? 
82  O6 ? A DG 10 ? A DG 10 ? 1_555 K ? D K . ? A K 102 ? 1_555 O6 ? B DG 1  ? B DG 1  ? 1_555 78.3  ? 
83  O6 ? A DG 13 ? A DG 13 ? 1_555 K ? D K . ? A K 102 ? 1_555 O6 ? B DG 1  ? B DG 1  ? 1_555 69.5  ? 
84  O6 ? A DG 14 ? A DG 14 ? 1_555 K ? D K . ? A K 102 ? 1_555 O6 ? B DG 1  ? B DG 1  ? 1_555 135.0 ? 
85  O6 ? A DG 3  ? A DG 3  ? 1_555 K ? C K . ? A K 101 ? 1_555 O6 ? A DG 4  ? A DG 4  ? 1_555 69.5  ? 
86  O6 ? A DG 3  ? A DG 3  ? 1_555 K ? C K . ? A K 101 ? 1_555 O6 ? A DG 7  ? A DG 7  ? 1_555 68.6  ? 
87  O6 ? A DG 4  ? A DG 4  ? 1_555 K ? C K . ? A K 101 ? 1_555 O6 ? A DG 7  ? A DG 7  ? 1_555 90.0  ? 
88  O6 ? A DG 3  ? A DG 3  ? 1_555 K ? C K . ? A K 101 ? 1_555 O6 ? A DG 8  ? A DG 8  ? 1_555 128.0 ? 
89  O6 ? A DG 4  ? A DG 4  ? 1_555 K ? C K . ? A K 101 ? 1_555 O6 ? A DG 8  ? A DG 8  ? 1_555 76.4  ? 
90  O6 ? A DG 7  ? A DG 7  ? 1_555 K ? C K . ? A K 101 ? 1_555 O6 ? A DG 8  ? A DG 8  ? 1_555 73.4  ? 
91  O6 ? A DG 3  ? A DG 3  ? 1_555 K ? C K . ? A K 101 ? 1_555 O6 ? A DG 10 ? A DG 10 ? 1_555 105.5 ? 
92  O6 ? A DG 4  ? A DG 4  ? 1_555 K ? C K . ? A K 101 ? 1_555 O6 ? A DG 10 ? A DG 10 ? 1_555 154.1 ? 
93  O6 ? A DG 7  ? A DG 7  ? 1_555 K ? C K . ? A K 101 ? 1_555 O6 ? A DG 10 ? A DG 10 ? 1_555 65.2  ? 
94  O6 ? A DG 8  ? A DG 8  ? 1_555 K ? C K . ? A K 101 ? 1_555 O6 ? A DG 10 ? A DG 10 ? 1_555 88.7  ? 
95  O6 ? A DG 3  ? A DG 3  ? 1_555 K ? C K . ? A K 101 ? 1_555 O6 ? A DG 11 ? A DG 11 ? 1_555 152.8 ? 
96  O6 ? A DG 4  ? A DG 4  ? 1_555 K ? C K . ? A K 101 ? 1_555 O6 ? A DG 11 ? A DG 11 ? 1_555 121.9 ? 
97  O6 ? A DG 7  ? A DG 7  ? 1_555 K ? C K . ? A K 101 ? 1_555 O6 ? A DG 11 ? A DG 11 ? 1_555 130.9 ? 
98  O6 ? A DG 8  ? A DG 8  ? 1_555 K ? C K . ? A K 101 ? 1_555 O6 ? A DG 11 ? A DG 11 ? 1_555 79.0  ? 
99  O6 ? A DG 10 ? A DG 10 ? 1_555 K ? C K . ? A K 101 ? 1_555 O6 ? A DG 11 ? A DG 11 ? 1_555 74.5  ? 
100 O6 ? A DG 3  ? A DG 3  ? 1_555 K ? C K . ? A K 101 ? 1_555 O6 ? A DG 14 ? A DG 14 ? 1_555 65.5  ? 
101 O6 ? A DG 4  ? A DG 4  ? 1_555 K ? C K . ? A K 101 ? 1_555 O6 ? A DG 14 ? A DG 14 ? 1_555 124.7 ? 
102 O6 ? A DG 7  ? A DG 7  ? 1_555 K ? C K . ? A K 101 ? 1_555 O6 ? A DG 14 ? A DG 14 ? 1_555 101.7 ? 
103 O6 ? A DG 8  ? A DG 8  ? 1_555 K ? C K . ? A K 101 ? 1_555 O6 ? A DG 14 ? A DG 14 ? 1_555 158.7 ? 
104 O6 ? A DG 10 ? A DG 10 ? 1_555 K ? C K . ? A K 101 ? 1_555 O6 ? A DG 14 ? A DG 14 ? 1_555 70.7  ? 
105 O6 ? A DG 11 ? A DG 11 ? 1_555 K ? C K . ? A K 101 ? 1_555 O6 ? A DG 14 ? A DG 14 ? 1_555 89.8  ? 
106 O6 ? A DG 3  ? A DG 3  ? 1_555 K ? C K . ? A K 101 ? 1_555 O6 ? A DG 15 ? A DG 15 ? 1_555 88.8  ? 
107 O6 ? A DG 4  ? A DG 4  ? 1_555 K ? C K . ? A K 101 ? 1_555 O6 ? A DG 15 ? A DG 15 ? 1_555 70.4  ? 
108 O6 ? A DG 7  ? A DG 7  ? 1_555 K ? C K . ? A K 101 ? 1_555 O6 ? A DG 15 ? A DG 15 ? 1_555 154.5 ? 
109 O6 ? A DG 8  ? A DG 8  ? 1_555 K ? C K . ? A K 101 ? 1_555 O6 ? A DG 15 ? A DG 15 ? 1_555 115.4 ? 
110 O6 ? A DG 10 ? A DG 10 ? 1_555 K ? C K . ? A K 101 ? 1_555 O6 ? A DG 15 ? A DG 15 ? 1_555 135.5 ? 
111 O6 ? A DG 11 ? A DG 11 ? 1_555 K ? C K . ? A K 101 ? 1_555 O6 ? A DG 15 ? A DG 15 ? 1_555 74.4  ? 
112 O6 ? A DG 14 ? A DG 14 ? 1_555 K ? C K . ? A K 101 ? 1_555 O6 ? A DG 15 ? A DG 15 ? 1_555 78.1  ? 
113 O6 ? B DG 3  ? B DG 3  ? 1_555 K ? H K . ? B K 102 ? 1_555 O6 ? B DG 4  ? B DG 4  ? 1_555 73.6  ? 
114 O6 ? B DG 3  ? B DG 3  ? 1_555 K ? H K . ? B K 102 ? 1_555 O6 ? B DG 7  ? B DG 7  ? 1_555 66.3  ? 
115 O6 ? B DG 4  ? B DG 4  ? 1_555 K ? H K . ? B K 102 ? 1_555 O6 ? B DG 7  ? B DG 7  ? 1_555 90.1  ? 
116 O6 ? B DG 3  ? B DG 3  ? 1_555 K ? H K . ? B K 102 ? 1_555 O6 ? B DG 8  ? B DG 8  ? 1_555 128.4 ? 
117 O6 ? B DG 4  ? B DG 4  ? 1_555 K ? H K . ? B K 102 ? 1_555 O6 ? B DG 8  ? B DG 8  ? 1_555 74.8  ? 
118 O6 ? B DG 7  ? B DG 7  ? 1_555 K ? H K . ? B K 102 ? 1_555 O6 ? B DG 8  ? B DG 8  ? 1_555 74.2  ? 
119 O6 ? B DG 3  ? B DG 3  ? 1_555 K ? H K . ? B K 102 ? 1_555 O6 ? B DG 10 ? B DG 10 ? 1_555 103.5 ? 
120 O6 ? B DG 4  ? B DG 4  ? 1_555 K ? H K . ? B K 102 ? 1_555 O6 ? B DG 10 ? B DG 10 ? 1_555 156.2 ? 
121 O6 ? B DG 7  ? B DG 7  ? 1_555 K ? H K . ? B K 102 ? 1_555 O6 ? B DG 10 ? B DG 10 ? 1_555 67.7  ? 
122 O6 ? B DG 8  ? B DG 8  ? 1_555 K ? H K . ? B K 102 ? 1_555 O6 ? B DG 10 ? B DG 10 ? 1_555 90.2  ? 
123 O6 ? B DG 3  ? B DG 3  ? 1_555 K ? H K . ? B K 102 ? 1_555 O6 ? B DG 11 ? B DG 11 ? 1_555 154.9 ? 
124 O6 ? B DG 4  ? B DG 4  ? 1_555 K ? H K . ? B K 102 ? 1_555 O6 ? B DG 11 ? B DG 11 ? 1_555 119.5 ? 
125 O6 ? B DG 7  ? B DG 7  ? 1_555 K ? H K . ? B K 102 ? 1_555 O6 ? B DG 11 ? B DG 11 ? 1_555 130.4 ? 
126 O6 ? B DG 8  ? B DG 8  ? 1_555 K ? H K . ? B K 102 ? 1_555 O6 ? B DG 11 ? B DG 11 ? 1_555 76.7  ? 
127 O6 ? B DG 10 ? B DG 10 ? 1_555 K ? H K . ? B K 102 ? 1_555 O6 ? B DG 11 ? B DG 11 ? 1_555 73.2  ? 
128 O6 ? B DG 3  ? B DG 3  ? 1_555 K ? H K . ? B K 102 ? 1_555 O6 ? B DG 14 ? B DG 14 ? 1_555 66.8  ? 
129 O6 ? B DG 4  ? B DG 4  ? 1_555 K ? H K . ? B K 102 ? 1_555 O6 ? B DG 14 ? B DG 14 ? 1_555 128.6 ? 
130 O6 ? B DG 7  ? B DG 7  ? 1_555 K ? H K . ? B K 102 ? 1_555 O6 ? B DG 14 ? B DG 14 ? 1_555 102.1 ? 
131 O6 ? B DG 8  ? B DG 8  ? 1_555 K ? H K . ? B K 102 ? 1_555 O6 ? B DG 14 ? B DG 14 ? 1_555 156.6 ? 
132 O6 ? B DG 10 ? B DG 10 ? 1_555 K ? H K . ? B K 102 ? 1_555 O6 ? B DG 14 ? B DG 14 ? 1_555 67.6  ? 
133 O6 ? B DG 11 ? B DG 11 ? 1_555 K ? H K . ? B K 102 ? 1_555 O6 ? B DG 14 ? B DG 14 ? 1_555 89.6  ? 
134 O6 ? B DG 3  ? B DG 3  ? 1_555 K ? H K . ? B K 102 ? 1_555 O6 ? B DG 15 ? B DG 15 ? 1_555 89.1  ? 
135 O6 ? B DG 4  ? B DG 4  ? 1_555 K ? H K . ? B K 102 ? 1_555 O6 ? B DG 15 ? B DG 15 ? 1_555 70.1  ? 
136 O6 ? B DG 7  ? B DG 7  ? 1_555 K ? H K . ? B K 102 ? 1_555 O6 ? B DG 15 ? B DG 15 ? 1_555 152.4 ? 
137 O6 ? B DG 8  ? B DG 8  ? 1_555 K ? H K . ? B K 102 ? 1_555 O6 ? B DG 15 ? B DG 15 ? 1_555 116.5 ? 
138 O6 ? B DG 10 ? B DG 10 ? 1_555 K ? H K . ? B K 102 ? 1_555 O6 ? B DG 15 ? B DG 15 ? 1_555 133.7 ? 
139 O6 ? B DG 11 ? B DG 11 ? 1_555 K ? H K . ? B K 102 ? 1_555 O6 ? B DG 15 ? B DG 15 ? 1_555 77.0  ? 
140 O6 ? B DG 14 ? B DG 14 ? 1_555 K ? H K . ? B K 102 ? 1_555 O6 ? B DG 15 ? B DG 15 ? 1_555 77.7  ? 
# 
loop_
_pdbx_audit_revision_history.ordinal 
_pdbx_audit_revision_history.data_content_type 
_pdbx_audit_revision_history.major_revision 
_pdbx_audit_revision_history.minor_revision 
_pdbx_audit_revision_history.revision_date 
1 'Structure model' 1 0 2023-02-15 
2 'Structure model' 1 1 2023-11-29 
# 
_pdbx_audit_revision_details.ordinal             1 
_pdbx_audit_revision_details.revision_ordinal    1 
_pdbx_audit_revision_details.data_content_type   'Structure model' 
_pdbx_audit_revision_details.provider            repository 
_pdbx_audit_revision_details.type                'Initial release' 
_pdbx_audit_revision_details.description         ? 
_pdbx_audit_revision_details.details             ? 
# 
loop_
_pdbx_audit_revision_group.ordinal 
_pdbx_audit_revision_group.revision_ordinal 
_pdbx_audit_revision_group.data_content_type 
_pdbx_audit_revision_group.group 
1 2 'Structure model' 'Data collection'        
2 2 'Structure model' 'Refinement description' 
# 
loop_
_pdbx_audit_revision_category.ordinal 
_pdbx_audit_revision_category.revision_ordinal 
_pdbx_audit_revision_category.data_content_type 
_pdbx_audit_revision_category.category 
1 2 'Structure model' chem_comp_atom                
2 2 'Structure model' chem_comp_bond                
3 2 'Structure model' pdbx_initial_refinement_model 
# 
_space_group_symop.id              1 
_space_group_symop.operation_xyz   x,y,z 
# 
loop_
_software.citation_id 
_software.classification 
_software.compiler_name 
_software.compiler_version 
_software.contact_author 
_software.contact_author_email 
_software.date 
_software.description 
_software.dependencies 
_software.hardware 
_software.language 
_software.location 
_software.mods 
_software.name 
_software.os 
_software.os_version 
_software.type 
_software.version 
_software.pdbx_ordinal 
? refinement     ? ? ? ? ? ? ? ? ? ? ? PHENIX ? ? ? 1.19.2_4158 1 
? 'data scaling' ? ? ? ? ? ? ? ? ? ? ? XDS    ? ? ? .           2 
? phasing        ? ? ? ? ? ? ? ? ? ? ? PHENIX ? ? ? 1.19.2_4158 3 
# 
_pdbx_entry_details.entry_id                 7XIE 
_pdbx_entry_details.has_ligand_of_interest   Y 
_pdbx_entry_details.compound_details         ? 
_pdbx_entry_details.source_details           ? 
_pdbx_entry_details.nonpolymer_details       ? 
_pdbx_entry_details.sequence_details         ? 
# 
_pdbx_validate_close_contact.id               1 
_pdbx_validate_close_contact.PDB_model_num    1 
_pdbx_validate_close_contact.auth_atom_id_1   OP2 
_pdbx_validate_close_contact.auth_asym_id_1   A 
_pdbx_validate_close_contact.auth_comp_id_1   DG 
_pdbx_validate_close_contact.auth_seq_id_1    14 
_pdbx_validate_close_contact.PDB_ins_code_1   ? 
_pdbx_validate_close_contact.label_alt_id_1   ? 
_pdbx_validate_close_contact.auth_atom_id_2   O 
_pdbx_validate_close_contact.auth_asym_id_2   A 
_pdbx_validate_close_contact.auth_comp_id_2   HOH 
_pdbx_validate_close_contact.auth_seq_id_2    201 
_pdbx_validate_close_contact.PDB_ins_code_2   ? 
_pdbx_validate_close_contact.label_alt_id_2   ? 
_pdbx_validate_close_contact.dist             2.17 
# 
loop_
_pdbx_validate_rmsd_angle.id 
_pdbx_validate_rmsd_angle.PDB_model_num 
_pdbx_validate_rmsd_angle.auth_atom_id_1 
_pdbx_validate_rmsd_angle.auth_asym_id_1 
_pdbx_validate_rmsd_angle.auth_comp_id_1 
_pdbx_validate_rmsd_angle.auth_seq_id_1 
_pdbx_validate_rmsd_angle.PDB_ins_code_1 
_pdbx_validate_rmsd_angle.label_alt_id_1 
_pdbx_validate_rmsd_angle.auth_atom_id_2 
_pdbx_validate_rmsd_angle.auth_asym_id_2 
_pdbx_validate_rmsd_angle.auth_comp_id_2 
_pdbx_validate_rmsd_angle.auth_seq_id_2 
_pdbx_validate_rmsd_angle.PDB_ins_code_2 
_pdbx_validate_rmsd_angle.label_alt_id_2 
_pdbx_validate_rmsd_angle.auth_atom_id_3 
_pdbx_validate_rmsd_angle.auth_asym_id_3 
_pdbx_validate_rmsd_angle.auth_comp_id_3 
_pdbx_validate_rmsd_angle.auth_seq_id_3 
_pdbx_validate_rmsd_angle.PDB_ins_code_3 
_pdbx_validate_rmsd_angle.label_alt_id_3 
_pdbx_validate_rmsd_angle.angle_value 
_pdbx_validate_rmsd_angle.angle_target_value 
_pdbx_validate_rmsd_angle.angle_deviation 
_pdbx_validate_rmsd_angle.angle_standard_deviation 
_pdbx_validate_rmsd_angle.linker_flag 
1 1 "O4'" A DG 2  ? ? "C1'" A DG 2  ? ? N9 A DG 2  ? ? 110.10 108.30 1.80 0.30 N 
2 1 "O4'" A DT 16 ? ? "C1'" A DT 16 ? ? N1 A DT 16 ? ? 111.28 108.30 2.98 0.30 N 
# 
loop_
_chem_comp_atom.comp_id 
_chem_comp_atom.atom_id 
_chem_comp_atom.type_symbol 
_chem_comp_atom.pdbx_aromatic_flag 
_chem_comp_atom.pdbx_stereo_config 
_chem_comp_atom.pdbx_ordinal 
DG  OP3    O N N 1  
DG  P      P N N 2  
DG  OP1    O N N 3  
DG  OP2    O N N 4  
DG  "O5'"  O N N 5  
DG  "C5'"  C N N 6  
DG  "C4'"  C N R 7  
DG  "O4'"  O N N 8  
DG  "C3'"  C N S 9  
DG  "O3'"  O N N 10 
DG  "C2'"  C N N 11 
DG  "C1'"  C N R 12 
DG  N9     N Y N 13 
DG  C8     C Y N 14 
DG  N7     N Y N 15 
DG  C5     C Y N 16 
DG  C6     C N N 17 
DG  O6     O N N 18 
DG  N1     N N N 19 
DG  C2     C N N 20 
DG  N2     N N N 21 
DG  N3     N N N 22 
DG  C4     C Y N 23 
DG  HOP3   H N N 24 
DG  HOP2   H N N 25 
DG  "H5'"  H N N 26 
DG  "H5''" H N N 27 
DG  "H4'"  H N N 28 
DG  "H3'"  H N N 29 
DG  "HO3'" H N N 30 
DG  "H2'"  H N N 31 
DG  "H2''" H N N 32 
DG  "H1'"  H N N 33 
DG  H8     H N N 34 
DG  H1     H N N 35 
DG  H21    H N N 36 
DG  H22    H N N 37 
DT  OP3    O N N 38 
DT  P      P N N 39 
DT  OP1    O N N 40 
DT  OP2    O N N 41 
DT  "O5'"  O N N 42 
DT  "C5'"  C N N 43 
DT  "C4'"  C N R 44 
DT  "O4'"  O N N 45 
DT  "C3'"  C N S 46 
DT  "O3'"  O N N 47 
DT  "C2'"  C N N 48 
DT  "C1'"  C N R 49 
DT  N1     N N N 50 
DT  C2     C N N 51 
DT  O2     O N N 52 
DT  N3     N N N 53 
DT  C4     C N N 54 
DT  O4     O N N 55 
DT  C5     C N N 56 
DT  C7     C N N 57 
DT  C6     C N N 58 
DT  HOP3   H N N 59 
DT  HOP2   H N N 60 
DT  "H5'"  H N N 61 
DT  "H5''" H N N 62 
DT  "H4'"  H N N 63 
DT  "H3'"  H N N 64 
DT  "HO3'" H N N 65 
DT  "H2'"  H N N 66 
DT  "H2''" H N N 67 
DT  "H1'"  H N N 68 
DT  H3     H N N 69 
DT  H71    H N N 70 
DT  H72    H N N 71 
DT  H73    H N N 72 
DT  H6     H N N 73 
HOH O      O N N 74 
HOH H1     H N N 75 
HOH H2     H N N 76 
K   K      K N N 77 
# 
loop_
_chem_comp_bond.comp_id 
_chem_comp_bond.atom_id_1 
_chem_comp_bond.atom_id_2 
_chem_comp_bond.value_order 
_chem_comp_bond.pdbx_aromatic_flag 
_chem_comp_bond.pdbx_stereo_config 
_chem_comp_bond.pdbx_ordinal 
DG  OP3   P      sing N N 1  
DG  OP3   HOP3   sing N N 2  
DG  P     OP1    doub N N 3  
DG  P     OP2    sing N N 4  
DG  P     "O5'"  sing N N 5  
DG  OP2   HOP2   sing N N 6  
DG  "O5'" "C5'"  sing N N 7  
DG  "C5'" "C4'"  sing N N 8  
DG  "C5'" "H5'"  sing N N 9  
DG  "C5'" "H5''" sing N N 10 
DG  "C4'" "O4'"  sing N N 11 
DG  "C4'" "C3'"  sing N N 12 
DG  "C4'" "H4'"  sing N N 13 
DG  "O4'" "C1'"  sing N N 14 
DG  "C3'" "O3'"  sing N N 15 
DG  "C3'" "C2'"  sing N N 16 
DG  "C3'" "H3'"  sing N N 17 
DG  "O3'" "HO3'" sing N N 18 
DG  "C2'" "C1'"  sing N N 19 
DG  "C2'" "H2'"  sing N N 20 
DG  "C2'" "H2''" sing N N 21 
DG  "C1'" N9     sing N N 22 
DG  "C1'" "H1'"  sing N N 23 
DG  N9    C8     sing Y N 24 
DG  N9    C4     sing Y N 25 
DG  C8    N7     doub Y N 26 
DG  C8    H8     sing N N 27 
DG  N7    C5     sing Y N 28 
DG  C5    C6     sing N N 29 
DG  C5    C4     doub Y N 30 
DG  C6    O6     doub N N 31 
DG  C6    N1     sing N N 32 
DG  N1    C2     sing N N 33 
DG  N1    H1     sing N N 34 
DG  C2    N2     sing N N 35 
DG  C2    N3     doub N N 36 
DG  N2    H21    sing N N 37 
DG  N2    H22    sing N N 38 
DG  N3    C4     sing N N 39 
DT  OP3   P      sing N N 40 
DT  OP3   HOP3   sing N N 41 
DT  P     OP1    doub N N 42 
DT  P     OP2    sing N N 43 
DT  P     "O5'"  sing N N 44 
DT  OP2   HOP2   sing N N 45 
DT  "O5'" "C5'"  sing N N 46 
DT  "C5'" "C4'"  sing N N 47 
DT  "C5'" "H5'"  sing N N 48 
DT  "C5'" "H5''" sing N N 49 
DT  "C4'" "O4'"  sing N N 50 
DT  "C4'" "C3'"  sing N N 51 
DT  "C4'" "H4'"  sing N N 52 
DT  "O4'" "C1'"  sing N N 53 
DT  "C3'" "O3'"  sing N N 54 
DT  "C3'" "C2'"  sing N N 55 
DT  "C3'" "H3'"  sing N N 56 
DT  "O3'" "HO3'" sing N N 57 
DT  "C2'" "C1'"  sing N N 58 
DT  "C2'" "H2'"  sing N N 59 
DT  "C2'" "H2''" sing N N 60 
DT  "C1'" N1     sing N N 61 
DT  "C1'" "H1'"  sing N N 62 
DT  N1    C2     sing N N 63 
DT  N1    C6     sing N N 64 
DT  C2    O2     doub N N 65 
DT  C2    N3     sing N N 66 
DT  N3    C4     sing N N 67 
DT  N3    H3     sing N N 68 
DT  C4    O4     doub N N 69 
DT  C4    C5     sing N N 70 
DT  C5    C7     sing N N 71 
DT  C5    C6     doub N N 72 
DT  C7    H71    sing N N 73 
DT  C7    H72    sing N N 74 
DT  C7    H73    sing N N 75 
DT  C6    H6     sing N N 76 
HOH O     H1     sing N N 77 
HOH O     H2     sing N N 78 
# 
loop_
_ndb_struct_conf_na.entry_id 
_ndb_struct_conf_na.feature 
7XIE 'double helix'    
7XIE 'quadruple helix' 
# 
_ndb_struct_na_base_pair.model_number      1 
_ndb_struct_na_base_pair.i_label_asym_id   A 
_ndb_struct_na_base_pair.i_label_comp_id   DG 
_ndb_struct_na_base_pair.i_label_seq_id    2 
_ndb_struct_na_base_pair.i_symmetry        1_555 
_ndb_struct_na_base_pair.j_label_asym_id   A 
_ndb_struct_na_base_pair.j_label_comp_id   DG 
_ndb_struct_na_base_pair.j_label_seq_id    13 
_ndb_struct_na_base_pair.j_symmetry        1_555 
_ndb_struct_na_base_pair.shear             -1.480 
_ndb_struct_na_base_pair.stretch           -3.487 
_ndb_struct_na_base_pair.stagger           0.060 
_ndb_struct_na_base_pair.buckle            0.055 
_ndb_struct_na_base_pair.propeller         6.868 
_ndb_struct_na_base_pair.opening           89.475 
_ndb_struct_na_base_pair.pair_number       1 
_ndb_struct_na_base_pair.pair_name         A_DG2:DG13_A 
_ndb_struct_na_base_pair.i_auth_asym_id    A 
_ndb_struct_na_base_pair.i_auth_seq_id     2 
_ndb_struct_na_base_pair.i_PDB_ins_code    ? 
_ndb_struct_na_base_pair.j_auth_asym_id    A 
_ndb_struct_na_base_pair.j_auth_seq_id     13 
_ndb_struct_na_base_pair.j_PDB_ins_code    ? 
_ndb_struct_na_base_pair.hbond_type_28     6 
_ndb_struct_na_base_pair.hbond_type_12     3 
# 
loop_
_pdbx_audit_support.funding_organization 
_pdbx_audit_support.country 
_pdbx_audit_support.grant_number 
_pdbx_audit_support.ordinal 
'National Research Foundation (NRF, Singapore)' Singapore NRF-NRFI2017-09  1 
'Ministry of Education (MoE, Singapore)'        Singapore MOE2018-T2-2-029 2 
# 
_pdbx_entity_instance_feature.ordinal        1 
_pdbx_entity_instance_feature.comp_id        K 
_pdbx_entity_instance_feature.asym_id        ? 
_pdbx_entity_instance_feature.seq_num        ? 
_pdbx_entity_instance_feature.auth_comp_id   K 
_pdbx_entity_instance_feature.auth_asym_id   ? 
_pdbx_entity_instance_feature.auth_seq_num   ? 
_pdbx_entity_instance_feature.feature_type   'SUBJECT OF INVESTIGATION' 
_pdbx_entity_instance_feature.details        ? 
# 
loop_
_pdbx_entity_nonpoly.entity_id 
_pdbx_entity_nonpoly.name 
_pdbx_entity_nonpoly.comp_id 
2 'POTASSIUM ION' K   
3 water           HOH 
# 
_pdbx_initial_refinement_model.id               1 
_pdbx_initial_refinement_model.entity_id_list   ? 
_pdbx_initial_refinement_model.type             'experimental model' 
_pdbx_initial_refinement_model.source_name      PDB 
_pdbx_initial_refinement_model.accession_code   7XDH 
_pdbx_initial_refinement_model.details          ? 
# 
_pdbx_struct_assembly_auth_evidence.id                     1 
_pdbx_struct_assembly_auth_evidence.assembly_id            1 
_pdbx_struct_assembly_auth_evidence.experimental_support   none 
_pdbx_struct_assembly_auth_evidence.details                ? 
# 
_space_group.name_H-M_alt     'P 1' 
_space_group.name_Hall        'P 1' 
_space_group.IT_number        1 
_space_group.crystal_system   triclinic 
_space_group.id               1 
# 
